data_1JPM
#
_entry.id   1JPM
#
_cell.length_a   157.630
_cell.length_b   157.630
_cell.length_c   168.320
_cell.angle_alpha   90.00
_cell.angle_beta   90.00
_cell.angle_gamma   90.00
#
_symmetry.space_group_name_H-M   'I 4'
#
loop_
_entity.id
_entity.type
_entity.pdbx_description
1 polymer 'L-Ala-D/L-Glu Epimerase'
2 non-polymer 'MAGNESIUM ION'
3 non-polymer GLYCEROL
4 water water
#
_entity_poly.entity_id   1
_entity_poly.type   'polypeptide(L)'
_entity_poly.pdbx_seq_one_letter_code
;MKIIRIETSRIAVPLTKPFKTALRTVYTAESVIVRITYDSGAVGWGEAPPTLVITGDSMDSIESAIHHVLKPALLGKSLA
GYEAILHDIQHLLTGNMSAKAAVEMALYDGWAQMCGLPLYQMLGGYRDTLETDYTVSVNSPEEMAADAENYLKQGFQTLK
IKVGKDDIATDIARIQEIRKRVGSAVKLRLDANQGWRPKEAVTAIRKMEDAGLGIELVEQPVHKDDLAGLKKVTDATDTP
IMADESVFTPRQAFEVLQTRSADLINIKLMKAGGISGAEKINAMAEACGVECMVGSMIETKLGITAAAHFAASKRNITRF
DFDAPLMLKTDVFNGGITYSGSTISMPGKPGLGIIGAALLKGEKEQ
;
_entity_poly.pdbx_strand_id   A,B,C,D
#
loop_
_chem_comp.id
_chem_comp.type
_chem_comp.name
_chem_comp.formula
GOL non-polymer GLYCEROL 'C3 H8 O3'
MG non-polymer 'MAGNESIUM ION' 'Mg 2'
#
# COMPACT_ATOMS: atom_id res chain seq x y z
N MET A 1 6.85 7.42 5.67
CA MET A 1 7.53 7.36 4.35
C MET A 1 8.50 8.53 4.27
N LYS A 2 9.78 8.23 4.01
CA LYS A 2 10.80 9.27 3.92
C LYS A 2 11.39 9.38 2.54
N ILE A 3 11.77 10.60 2.18
CA ILE A 3 12.39 10.89 0.89
C ILE A 3 13.84 10.44 0.99
N ILE A 4 14.30 9.63 0.03
CA ILE A 4 15.69 9.17 0.08
C ILE A 4 16.49 9.52 -1.17
N ARG A 5 15.80 9.92 -2.23
CA ARG A 5 16.51 10.26 -3.45
C ARG A 5 15.70 11.22 -4.32
N ILE A 6 16.38 12.19 -4.92
CA ILE A 6 15.74 13.17 -5.79
C ILE A 6 16.59 13.35 -7.06
N GLU A 7 16.00 13.01 -8.19
CA GLU A 7 16.70 13.11 -9.47
C GLU A 7 15.94 13.97 -10.47
N THR A 8 16.64 14.49 -11.46
CA THR A 8 16.02 15.31 -12.48
C THR A 8 16.61 14.95 -13.83
N SER A 9 15.82 15.16 -14.87
CA SER A 9 16.25 14.89 -16.23
C SER A 9 15.51 15.86 -17.13
N ARG A 10 15.92 15.91 -18.40
CA ARG A 10 15.27 16.81 -19.34
C ARG A 10 14.67 16.01 -20.48
N ILE A 11 13.57 16.51 -21.03
CA ILE A 11 12.92 15.86 -22.16
C ILE A 11 12.56 16.95 -23.16
N ALA A 12 12.42 16.54 -24.41
CA ALA A 12 12.07 17.46 -25.49
C ALA A 12 11.10 16.72 -26.39
N VAL A 13 9.83 17.09 -26.31
CA VAL A 13 8.80 16.45 -27.12
C VAL A 13 8.44 17.38 -28.28
N PRO A 14 8.65 16.91 -29.51
CA PRO A 14 8.34 17.73 -30.69
C PRO A 14 6.88 18.15 -30.73
N LEU A 15 6.65 19.43 -30.99
CA LEU A 15 5.30 19.97 -31.05
C LEU A 15 4.70 19.62 -32.41
N THR A 16 3.37 19.56 -32.46
CA THR A 16 2.68 19.27 -33.71
C THR A 16 2.56 20.56 -34.50
N LYS A 17 2.81 21.68 -33.81
CA LYS A 17 2.74 23.00 -34.43
C LYS A 17 3.79 23.94 -33.85
N PRO A 18 4.99 23.97 -34.45
CA PRO A 18 6.04 24.86 -33.95
C PRO A 18 5.60 26.34 -33.98
N PHE A 19 6.08 27.11 -33.00
CA PHE A 19 5.76 28.52 -32.91
C PHE A 19 7.02 29.36 -32.77
N LYS A 20 6.87 30.67 -32.90
CA LYS A 20 8.01 31.58 -32.83
C LYS A 20 8.04 32.50 -31.61
N THR A 21 9.24 32.63 -31.05
CA THR A 21 9.46 33.53 -29.91
C THR A 21 10.19 34.72 -30.49
N ALA A 22 10.43 35.74 -29.66
CA ALA A 22 11.11 36.93 -30.12
C ALA A 22 12.57 36.67 -30.54
N LEU A 23 13.14 35.57 -30.10
CA LEU A 23 14.52 35.24 -30.42
C LEU A 23 14.74 34.00 -31.27
N ARG A 24 13.73 33.16 -31.41
CA ARG A 24 13.89 31.95 -32.20
C ARG A 24 12.58 31.25 -32.58
N THR A 25 12.71 30.10 -33.21
CA THR A 25 11.56 29.30 -33.61
C THR A 25 11.58 28.05 -32.73
N VAL A 26 10.47 27.79 -32.05
CA VAL A 26 10.38 26.62 -31.16
C VAL A 26 9.73 25.42 -31.83
N TYR A 27 10.43 24.29 -31.82
CA TYR A 27 9.94 23.06 -32.42
C TYR A 27 9.59 21.98 -31.39
N THR A 28 10.20 22.06 -30.21
CA THR A 28 9.94 21.06 -29.18
C THR A 28 9.48 21.68 -27.87
N ALA A 29 8.78 20.88 -27.07
CA ALA A 29 8.31 21.30 -25.77
C ALA A 29 9.33 20.76 -24.78
N GLU A 30 10.13 21.65 -24.22
CA GLU A 30 11.14 21.26 -23.24
C GLU A 30 10.57 21.23 -21.84
N SER A 31 11.14 20.38 -21.00
CA SER A 31 10.67 20.27 -19.63
C SER A 31 11.66 19.53 -18.74
N VAL A 32 11.67 19.88 -17.46
CA VAL A 32 12.54 19.23 -16.48
C VAL A 32 11.66 18.25 -15.73
N ILE A 33 12.05 16.98 -15.75
CA ILE A 33 11.28 15.95 -15.07
C ILE A 33 11.93 15.61 -13.73
N VAL A 34 11.13 15.59 -12.67
CA VAL A 34 11.63 15.29 -11.33
C VAL A 34 11.11 13.93 -10.85
N ARG A 35 12.00 13.17 -10.20
CA ARG A 35 11.64 11.87 -9.66
C ARG A 35 12.11 11.79 -8.22
N ILE A 36 11.17 11.64 -7.30
CA ILE A 36 11.51 11.51 -5.89
C ILE A 36 11.26 10.07 -5.48
N THR A 37 12.27 9.43 -4.91
CA THR A 37 12.16 8.05 -4.46
C THR A 37 11.99 8.01 -2.95
N TYR A 38 11.01 7.26 -2.47
CA TYR A 38 10.78 7.16 -1.04
C TYR A 38 11.27 5.80 -0.51
N ASP A 39 11.61 5.74 0.77
CA ASP A 39 12.12 4.51 1.38
C ASP A 39 11.15 3.34 1.32
N SER A 40 9.94 3.60 0.84
CA SER A 40 8.91 2.57 0.73
C SER A 40 8.97 1.92 -0.64
N GLY A 41 9.72 2.53 -1.55
CA GLY A 41 9.80 2.01 -2.90
C GLY A 41 8.99 2.90 -3.82
N ALA A 42 8.12 3.72 -3.25
CA ALA A 42 7.29 4.61 -4.05
C ALA A 42 8.14 5.64 -4.80
N VAL A 43 7.65 6.05 -5.95
CA VAL A 43 8.33 7.06 -6.75
C VAL A 43 7.34 8.18 -7.06
N GLY A 44 7.72 9.42 -6.77
CA GLY A 44 6.85 10.55 -7.04
C GLY A 44 7.33 11.29 -8.29
N TRP A 45 6.40 11.75 -9.11
CA TRP A 45 6.76 12.43 -10.35
C TRP A 45 6.33 13.89 -10.42
N GLY A 46 7.14 14.69 -11.09
CA GLY A 46 6.86 16.11 -11.25
C GLY A 46 7.42 16.63 -12.56
N GLU A 47 6.81 17.70 -13.07
CA GLU A 47 7.26 18.31 -14.31
C GLU A 47 7.29 19.84 -14.23
N ALA A 48 8.21 20.45 -14.96
CA ALA A 48 8.32 21.90 -15.00
C ALA A 48 8.94 22.37 -16.31
N PRO A 49 8.16 23.07 -17.15
CA PRO A 49 8.70 23.58 -18.42
C PRO A 49 9.19 25.00 -18.18
N PRO A 50 10.04 25.52 -19.07
CA PRO A 50 10.52 26.89 -18.84
C PRO A 50 9.45 27.88 -19.37
N THR A 51 9.35 29.03 -18.73
CA THR A 51 8.40 30.07 -19.17
C THR A 51 9.07 31.42 -18.91
N LEU A 52 10.11 31.69 -19.70
CA LEU A 52 10.90 32.91 -19.58
C LEU A 52 10.06 34.18 -19.58
N VAL A 53 8.96 34.18 -20.34
CA VAL A 53 8.10 35.35 -20.39
C VAL A 53 7.03 35.38 -19.31
N ILE A 54 6.54 34.22 -18.89
CA ILE A 54 5.49 34.20 -17.87
C ILE A 54 6.00 34.16 -16.42
N THR A 55 6.93 33.26 -16.12
CA THR A 55 7.47 33.14 -14.77
C THR A 55 8.92 33.60 -14.65
N GLY A 56 9.66 33.50 -15.75
CA GLY A 56 11.06 33.86 -15.74
C GLY A 56 11.92 32.64 -15.48
N ASP A 57 11.27 31.48 -15.32
CA ASP A 57 11.99 30.24 -15.06
C ASP A 57 12.51 29.58 -16.33
N SER A 58 13.76 29.14 -16.28
CA SER A 58 14.37 28.46 -17.42
C SER A 58 14.72 27.04 -16.99
N MET A 59 15.13 26.23 -17.95
CA MET A 59 15.54 24.85 -17.67
C MET A 59 16.67 24.86 -16.65
N ASP A 60 17.67 25.71 -16.86
CA ASP A 60 18.80 25.79 -15.94
C ASP A 60 18.45 26.33 -14.57
N SER A 61 17.62 27.37 -14.51
CA SER A 61 17.26 27.93 -13.21
C SER A 61 16.46 26.90 -12.45
N ILE A 62 15.57 26.21 -13.16
CA ILE A 62 14.75 25.18 -12.55
C ILE A 62 15.58 24.03 -12.00
N GLU A 63 16.48 23.48 -12.82
CA GLU A 63 17.32 22.37 -12.38
C GLU A 63 18.25 22.77 -11.25
N SER A 64 18.85 23.96 -11.35
CA SER A 64 19.75 24.42 -10.31
C SER A 64 19.01 24.59 -8.99
N ALA A 65 17.81 25.14 -9.04
CA ALA A 65 17.03 25.36 -7.83
C ALA A 65 16.70 24.04 -7.13
N ILE A 66 16.41 23.01 -7.91
CA ILE A 66 16.08 21.71 -7.33
C ILE A 66 17.28 21.02 -6.68
N HIS A 67 18.44 21.08 -7.33
CA HIS A 67 19.64 20.43 -6.81
C HIS A 67 20.37 21.18 -5.70
N HIS A 68 20.42 22.50 -5.79
CA HIS A 68 21.13 23.27 -4.78
C HIS A 68 20.31 23.75 -3.59
N VAL A 69 18.99 23.85 -3.73
CA VAL A 69 18.18 24.31 -2.61
C VAL A 69 17.12 23.33 -2.12
N LEU A 70 16.19 22.94 -3.00
CA LEU A 70 15.12 22.04 -2.61
C LEU A 70 15.57 20.64 -2.19
N LYS A 71 16.40 20.01 -3.02
CA LYS A 71 16.89 18.66 -2.73
C LYS A 71 17.58 18.50 -1.37
N PRO A 72 18.63 19.30 -1.10
CA PRO A 72 19.30 19.15 0.20
C PRO A 72 18.40 19.36 1.42
N ALA A 73 17.31 20.09 1.24
CA ALA A 73 16.40 20.33 2.35
C ALA A 73 15.34 19.24 2.49
N LEU A 74 15.11 18.49 1.42
CA LEU A 74 14.10 17.44 1.45
C LEU A 74 14.56 16.02 1.75
N LEU A 75 15.79 15.69 1.37
CA LEU A 75 16.32 14.35 1.61
C LEU A 75 16.30 14.02 3.09
N GLY A 76 15.70 12.88 3.43
CA GLY A 76 15.61 12.46 4.82
C GLY A 76 14.33 12.88 5.52
N LYS A 77 13.59 13.81 4.93
CA LYS A 77 12.34 14.26 5.54
C LYS A 77 11.20 13.24 5.42
N SER A 78 10.35 13.22 6.44
CA SER A 78 9.21 12.31 6.49
C SER A 78 7.93 13.05 6.07
N LEU A 79 7.11 12.42 5.23
CA LEU A 79 5.88 13.05 4.77
C LEU A 79 4.82 13.14 5.87
N ALA A 80 5.11 12.55 7.02
CA ALA A 80 4.20 12.63 8.15
C ALA A 80 4.30 14.06 8.68
N GLY A 81 5.29 14.79 8.16
CA GLY A 81 5.52 16.18 8.54
C GLY A 81 5.47 17.04 7.27
N TYR A 82 4.33 17.00 6.60
CA TYR A 82 4.11 17.70 5.34
C TYR A 82 4.17 19.23 5.43
N GLU A 83 3.55 19.79 6.46
CA GLU A 83 3.51 21.23 6.68
C GLU A 83 4.91 21.83 6.63
N ALA A 84 5.84 21.27 7.39
CA ALA A 84 7.21 21.79 7.41
C ALA A 84 7.87 21.68 6.04
N ILE A 85 7.61 20.59 5.33
CA ILE A 85 8.18 20.40 4.00
C ILE A 85 7.63 21.46 3.03
N LEU A 86 6.32 21.66 3.02
CA LEU A 86 5.72 22.66 2.12
C LEU A 86 6.29 24.04 2.43
N HIS A 87 6.39 24.38 3.71
CA HIS A 87 6.93 25.68 4.11
C HIS A 87 8.34 25.87 3.57
N ASP A 88 9.16 24.84 3.65
CA ASP A 88 10.54 24.93 3.15
C ASP A 88 10.60 25.10 1.65
N ILE A 89 9.78 24.36 0.92
CA ILE A 89 9.78 24.46 -0.54
C ILE A 89 9.43 25.87 -1.01
N GLN A 90 8.43 26.48 -0.36
CA GLN A 90 7.98 27.81 -0.73
C GLN A 90 8.80 28.98 -0.18
N HIS A 91 9.53 28.76 0.90
CA HIS A 91 10.27 29.86 1.52
C HIS A 91 11.80 29.80 1.54
N LEU A 92 12.38 28.67 1.15
CA LEU A 92 13.84 28.58 1.14
C LEU A 92 14.44 29.48 0.07
N LEU A 93 13.63 29.90 -0.89
CA LEU A 93 14.09 30.79 -1.95
C LEU A 93 12.89 31.52 -2.53
N THR A 94 13.12 32.70 -3.08
CA THR A 94 12.05 33.50 -3.68
C THR A 94 11.86 33.12 -5.13
N GLY A 95 10.68 33.39 -5.68
CA GLY A 95 10.41 33.07 -7.07
C GLY A 95 10.65 31.59 -7.34
N ASN A 96 11.15 31.27 -8.53
CA ASN A 96 11.42 29.88 -8.88
C ASN A 96 10.17 29.04 -8.68
N MET A 97 9.01 29.61 -9.01
CA MET A 97 7.74 28.91 -8.82
C MET A 97 7.61 27.58 -9.58
N SER A 98 8.18 27.49 -10.78
CA SER A 98 8.10 26.27 -11.57
C SER A 98 8.88 25.13 -10.89
N ALA A 99 10.06 25.44 -10.37
CA ALA A 99 10.86 24.42 -9.68
C ALA A 99 10.09 23.94 -8.44
N LYS A 100 9.51 24.89 -7.71
CA LYS A 100 8.75 24.56 -6.53
C LYS A 100 7.55 23.70 -6.92
N ALA A 101 6.93 24.03 -8.06
CA ALA A 101 5.78 23.28 -8.55
C ALA A 101 6.13 21.83 -8.90
N ALA A 102 7.23 21.64 -9.62
CA ALA A 102 7.67 20.31 -10.03
C ALA A 102 7.91 19.41 -8.82
N VAL A 103 8.57 19.96 -7.80
CA VAL A 103 8.84 19.20 -6.59
C VAL A 103 7.55 18.96 -5.82
N GLU A 104 6.64 19.92 -5.83
CA GLU A 104 5.37 19.73 -5.13
C GLU A 104 4.58 18.59 -5.79
N MET A 105 4.65 18.49 -7.11
CA MET A 105 3.92 17.43 -7.81
C MET A 105 4.36 16.04 -7.31
N ALA A 106 5.67 15.80 -7.32
CA ALA A 106 6.23 14.53 -6.88
C ALA A 106 6.00 14.30 -5.40
N LEU A 107 5.89 15.39 -4.64
CA LEU A 107 5.67 15.33 -3.20
C LEU A 107 4.23 14.90 -2.92
N TYR A 108 3.27 15.54 -3.58
CA TYR A 108 1.87 15.19 -3.40
C TYR A 108 1.63 13.80 -4.00
N ASP A 109 2.43 13.44 -4.99
CA ASP A 109 2.31 12.13 -5.61
C ASP A 109 2.57 11.09 -4.52
N GLY A 110 3.69 11.28 -3.83
CA GLY A 110 4.07 10.37 -2.76
C GLY A 110 3.14 10.40 -1.58
N TRP A 111 2.66 11.58 -1.23
CA TRP A 111 1.75 11.76 -0.10
C TRP A 111 0.47 10.96 -0.33
N ALA A 112 -0.06 11.01 -1.54
CA ALA A 112 -1.28 10.28 -1.88
C ALA A 112 -0.99 8.77 -1.85
N GLN A 113 0.19 8.38 -2.32
CA GLN A 113 0.57 6.97 -2.31
C GLN A 113 0.76 6.48 -0.88
N MET A 114 1.23 7.37 0.00
CA MET A 114 1.42 7.02 1.40
C MET A 114 0.09 6.79 2.12
N CYS A 115 -0.95 7.48 1.65
CA CYS A 115 -2.27 7.36 2.24
C CYS A 115 -3.10 6.39 1.39
N GLY A 116 -2.50 5.90 0.33
CA GLY A 116 -3.15 4.94 -0.54
C GLY A 116 -4.42 5.36 -1.28
N LEU A 117 -4.38 6.51 -1.95
CA LEU A 117 -5.55 7.00 -2.70
C LEU A 117 -5.13 7.78 -3.94
N PRO A 118 -6.01 7.86 -4.95
CA PRO A 118 -5.68 8.63 -6.15
C PRO A 118 -5.56 10.06 -5.63
N LEU A 119 -4.59 10.83 -6.10
CA LEU A 119 -4.41 12.20 -5.60
C LEU A 119 -5.69 13.04 -5.56
N TYR A 120 -6.47 13.01 -6.63
CA TYR A 120 -7.70 13.81 -6.67
C TYR A 120 -8.69 13.43 -5.56
N GLN A 121 -8.63 12.19 -5.09
CA GLN A 121 -9.52 11.75 -4.02
C GLN A 121 -8.94 12.21 -2.69
N MET A 122 -7.61 12.22 -2.62
CA MET A 122 -6.93 12.64 -1.41
C MET A 122 -7.23 14.14 -1.17
N LEU A 123 -7.39 14.88 -2.25
CA LEU A 123 -7.67 16.32 -2.16
C LEU A 123 -9.15 16.69 -2.13
N GLY A 124 -10.05 15.71 -2.17
CA GLY A 124 -11.46 16.00 -2.12
C GLY A 124 -12.33 15.12 -3.01
N GLY A 125 -11.74 14.61 -4.08
CA GLY A 125 -12.45 13.75 -5.00
C GLY A 125 -13.82 14.16 -5.49
N TYR A 126 -14.02 15.45 -5.80
CA TYR A 126 -15.34 15.89 -6.25
C TYR A 126 -15.86 15.26 -7.55
N ARG A 127 -15.01 15.11 -8.55
CA ARG A 127 -15.42 14.53 -9.83
C ARG A 127 -14.31 13.62 -10.36
N ASP A 128 -14.65 12.64 -11.18
CA ASP A 128 -13.63 11.75 -11.73
C ASP A 128 -13.43 11.91 -13.24
N THR A 129 -14.21 12.81 -13.82
CA THR A 129 -14.10 13.13 -15.24
C THR A 129 -14.37 14.62 -15.34
N LEU A 130 -13.75 15.27 -16.32
CA LEU A 130 -13.94 16.70 -16.53
C LEU A 130 -13.80 17.00 -18.03
N GLU A 131 -14.36 18.11 -18.47
CA GLU A 131 -14.30 18.50 -19.88
C GLU A 131 -13.25 19.56 -20.11
N THR A 132 -12.34 19.29 -21.03
CA THR A 132 -11.31 20.26 -21.35
C THR A 132 -11.70 20.99 -22.62
N ASP A 133 -11.18 22.21 -22.77
CA ASP A 133 -11.43 23.00 -23.96
C ASP A 133 -10.31 22.67 -24.93
N TYR A 134 -10.39 23.18 -26.15
CA TYR A 134 -9.34 22.92 -27.13
C TYR A 134 -8.99 24.24 -27.80
N THR A 135 -7.71 24.45 -28.03
CA THR A 135 -7.24 25.69 -28.63
C THR A 135 -7.32 25.76 -30.15
N VAL A 136 -8.00 26.78 -30.67
CA VAL A 136 -8.07 26.97 -32.11
C VAL A 136 -6.88 27.88 -32.42
N SER A 137 -5.90 27.36 -33.15
CA SER A 137 -4.72 28.14 -33.49
C SER A 137 -5.04 29.36 -34.34
N VAL A 138 -4.33 30.46 -34.10
CA VAL A 138 -4.52 31.70 -34.83
C VAL A 138 -4.09 31.55 -36.29
N ASN A 139 -4.95 32.00 -37.20
CA ASN A 139 -4.72 31.96 -38.64
C ASN A 139 -5.80 32.83 -39.27
N SER A 140 -5.98 32.71 -40.57
CA SER A 140 -7.02 33.47 -41.26
C SER A 140 -8.36 33.03 -40.68
N PRO A 141 -9.35 33.94 -40.62
CA PRO A 141 -10.65 33.54 -40.06
C PRO A 141 -11.22 32.30 -40.74
N GLU A 142 -10.86 32.10 -42.01
CA GLU A 142 -11.32 30.96 -42.79
C GLU A 142 -10.80 29.62 -42.23
N GLU A 143 -9.49 29.54 -42.03
CA GLU A 143 -8.86 28.33 -41.51
C GLU A 143 -9.31 28.05 -40.07
N MET A 144 -9.47 29.11 -39.29
CA MET A 144 -9.90 28.95 -37.90
C MET A 144 -11.31 28.36 -37.85
N ALA A 145 -12.17 28.81 -38.75
CA ALA A 145 -13.54 28.32 -38.80
C ALA A 145 -13.53 26.85 -39.18
N ALA A 146 -12.57 26.45 -40.01
CA ALA A 146 -12.45 25.07 -40.43
C ALA A 146 -12.02 24.21 -39.25
N ASP A 147 -10.91 24.58 -38.60
CA ASP A 147 -10.42 23.83 -37.47
C ASP A 147 -11.50 23.69 -36.39
N ALA A 148 -12.18 24.79 -36.09
CA ALA A 148 -13.22 24.79 -35.09
C ALA A 148 -14.25 23.69 -35.40
N GLU A 149 -14.55 23.53 -36.68
CA GLU A 149 -15.51 22.52 -37.12
C GLU A 149 -14.98 21.12 -36.85
N ASN A 150 -13.71 20.88 -37.19
CA ASN A 150 -13.11 19.57 -36.96
C ASN A 150 -13.07 19.25 -35.47
N TYR A 151 -12.59 20.20 -34.67
CA TYR A 151 -12.50 20.00 -33.21
C TYR A 151 -13.86 19.66 -32.65
N LEU A 152 -14.89 20.38 -33.10
CA LEU A 152 -16.25 20.14 -32.64
C LEU A 152 -16.66 18.72 -33.01
N LYS A 153 -16.32 18.32 -34.24
CA LYS A 153 -16.66 16.99 -34.72
C LYS A 153 -15.89 15.94 -33.91
N GLN A 154 -14.85 16.37 -33.21
CA GLN A 154 -14.06 15.45 -32.41
C GLN A 154 -14.52 15.37 -30.95
N GLY A 155 -15.55 16.12 -30.61
CA GLY A 155 -16.06 16.09 -29.26
C GLY A 155 -15.76 17.32 -28.41
N PHE A 156 -15.02 18.27 -28.95
CA PHE A 156 -14.69 19.49 -28.20
C PHE A 156 -15.74 20.57 -28.41
N GLN A 157 -16.59 20.79 -27.41
CA GLN A 157 -17.64 21.78 -27.50
C GLN A 157 -17.23 23.13 -26.91
N THR A 158 -16.04 23.18 -26.33
CA THR A 158 -15.53 24.42 -25.77
C THR A 158 -14.18 24.70 -26.39
N LEU A 159 -14.08 25.81 -27.11
CA LEU A 159 -12.84 26.17 -27.78
C LEU A 159 -12.22 27.43 -27.18
N LYS A 160 -10.89 27.44 -27.07
CA LYS A 160 -10.19 28.58 -26.52
C LYS A 160 -9.55 29.34 -27.69
N ILE A 161 -9.70 30.66 -27.68
CA ILE A 161 -9.15 31.49 -28.74
C ILE A 161 -8.28 32.61 -28.21
N LYS A 162 -7.05 32.66 -28.68
CA LYS A 162 -6.13 33.70 -28.27
C LYS A 162 -6.39 34.97 -29.08
N VAL A 163 -6.61 36.08 -28.39
CA VAL A 163 -6.86 37.36 -29.03
C VAL A 163 -5.98 38.45 -28.43
N GLY A 164 -6.17 39.69 -28.88
CA GLY A 164 -5.41 40.81 -28.35
C GLY A 164 -4.04 41.06 -28.98
N LYS A 165 -3.70 40.29 -30.01
CA LYS A 165 -2.41 40.48 -30.67
C LYS A 165 -2.61 41.46 -31.81
N ASP A 166 -3.51 41.10 -32.73
CA ASP A 166 -3.80 41.95 -33.87
C ASP A 166 -4.83 42.99 -33.45
N ASP A 167 -5.32 43.78 -34.41
CA ASP A 167 -6.30 44.81 -34.08
C ASP A 167 -7.66 44.17 -33.81
N ILE A 168 -8.46 44.83 -32.99
CA ILE A 168 -9.78 44.34 -32.63
C ILE A 168 -10.61 43.87 -33.83
N ALA A 169 -10.55 44.62 -34.92
CA ALA A 169 -11.30 44.26 -36.12
C ALA A 169 -10.96 42.85 -36.58
N THR A 170 -9.67 42.51 -36.49
CA THR A 170 -9.21 41.19 -36.91
C THR A 170 -9.68 40.07 -35.96
N ASP A 171 -9.71 40.35 -34.66
CA ASP A 171 -10.16 39.33 -33.71
C ASP A 171 -11.64 39.04 -33.95
N ILE A 172 -12.44 40.10 -34.03
CA ILE A 172 -13.87 39.95 -34.26
C ILE A 172 -14.19 39.18 -35.55
N ALA A 173 -13.44 39.47 -36.61
CA ALA A 173 -13.67 38.80 -37.89
C ALA A 173 -13.35 37.31 -37.75
N ARG A 174 -12.32 36.99 -36.98
CA ARG A 174 -11.94 35.59 -36.76
C ARG A 174 -13.06 34.87 -36.01
N ILE A 175 -13.49 35.46 -34.90
CA ILE A 175 -14.55 34.90 -34.08
C ILE A 175 -15.87 34.78 -34.83
N GLN A 176 -16.15 35.76 -35.69
CA GLN A 176 -17.37 35.76 -36.49
C GLN A 176 -17.40 34.54 -37.42
N GLU A 177 -16.31 34.34 -38.15
CA GLU A 177 -16.19 33.24 -39.09
C GLU A 177 -16.41 31.90 -38.39
N ILE A 178 -15.84 31.76 -37.20
CA ILE A 178 -15.99 30.52 -36.42
C ILE A 178 -17.46 30.29 -36.10
N ARG A 179 -18.15 31.33 -35.67
CA ARG A 179 -19.57 31.22 -35.35
C ARG A 179 -20.37 30.84 -36.59
N LYS A 180 -19.99 31.42 -37.72
CA LYS A 180 -20.68 31.14 -38.99
C LYS A 180 -20.59 29.69 -39.42
N ARG A 181 -19.71 28.93 -38.78
CA ARG A 181 -19.52 27.52 -39.10
C ARG A 181 -20.15 26.56 -38.11
N VAL A 182 -19.91 26.81 -36.82
CA VAL A 182 -20.44 25.94 -35.77
C VAL A 182 -21.65 26.51 -35.04
N GLY A 183 -21.95 27.78 -35.28
CA GLY A 183 -23.08 28.40 -34.62
C GLY A 183 -22.97 28.35 -33.12
N SER A 184 -24.11 28.35 -32.43
CA SER A 184 -24.12 28.30 -30.97
C SER A 184 -23.86 26.88 -30.45
N ALA A 185 -23.24 26.05 -31.30
CA ALA A 185 -22.95 24.66 -30.92
C ALA A 185 -21.70 24.52 -30.06
N VAL A 186 -21.06 25.64 -29.74
CA VAL A 186 -19.87 25.60 -28.91
C VAL A 186 -19.75 26.82 -28.03
N LYS A 187 -18.96 26.69 -26.97
CA LYS A 187 -18.71 27.80 -26.08
C LYS A 187 -17.36 28.35 -26.50
N LEU A 188 -17.20 29.66 -26.40
CA LEU A 188 -15.94 30.29 -26.78
C LEU A 188 -15.29 31.03 -25.63
N ARG A 189 -14.06 30.61 -25.29
CA ARG A 189 -13.29 31.25 -24.23
C ARG A 189 -12.17 32.02 -24.90
N LEU A 190 -12.00 33.28 -24.52
CA LEU A 190 -10.94 34.09 -25.11
C LEU A 190 -9.87 34.39 -24.07
N ASP A 191 -8.64 34.54 -24.55
CA ASP A 191 -7.51 34.87 -23.70
C ASP A 191 -6.80 36.02 -24.43
N ALA A 192 -6.88 37.23 -23.88
CA ALA A 192 -6.26 38.39 -24.49
C ALA A 192 -4.79 38.54 -24.10
N ASN A 193 -4.31 37.65 -23.23
CA ASN A 193 -2.92 37.69 -22.79
C ASN A 193 -2.38 39.11 -22.59
N GLN A 194 -3.06 39.89 -21.76
CA GLN A 194 -2.68 41.27 -21.45
C GLN A 194 -2.48 42.18 -22.67
N GLY A 195 -3.06 41.81 -23.81
CA GLY A 195 -2.86 42.61 -25.01
C GLY A 195 -3.59 43.94 -25.15
N TRP A 196 -4.58 44.18 -24.29
CA TRP A 196 -5.34 45.42 -24.37
C TRP A 196 -5.17 46.36 -23.20
N ARG A 197 -5.51 47.62 -23.43
CA ARG A 197 -5.49 48.63 -22.39
C ARG A 197 -6.93 48.56 -21.87
N PRO A 198 -7.16 48.93 -20.61
CA PRO A 198 -8.53 48.86 -20.08
C PRO A 198 -9.66 49.43 -20.94
N LYS A 199 -9.55 50.70 -21.33
CA LYS A 199 -10.57 51.35 -22.15
C LYS A 199 -10.72 50.62 -23.48
N GLU A 200 -9.59 50.17 -24.03
CA GLU A 200 -9.57 49.46 -25.28
C GLU A 200 -10.25 48.10 -25.15
N ALA A 201 -10.01 47.42 -24.02
CA ALA A 201 -10.60 46.10 -23.79
C ALA A 201 -12.12 46.21 -23.68
N VAL A 202 -12.59 47.20 -22.93
CA VAL A 202 -14.03 47.42 -22.77
C VAL A 202 -14.70 47.56 -24.14
N THR A 203 -14.09 48.37 -24.99
CA THR A 203 -14.61 48.62 -26.34
C THR A 203 -14.64 47.31 -27.14
N ALA A 204 -13.55 46.57 -27.12
CA ALA A 204 -13.46 45.31 -27.85
C ALA A 204 -14.48 44.29 -27.36
N ILE A 205 -14.59 44.14 -26.04
CA ILE A 205 -15.54 43.18 -25.49
C ILE A 205 -16.98 43.57 -25.75
N ARG A 206 -17.29 44.86 -25.69
CA ARG A 206 -18.66 45.31 -25.95
C ARG A 206 -19.00 45.11 -27.43
N LYS A 207 -18.04 45.35 -28.31
CA LYS A 207 -18.28 45.18 -29.72
C LYS A 207 -18.55 43.72 -30.03
N MET A 208 -17.94 42.83 -29.26
CA MET A 208 -18.15 41.41 -29.46
C MET A 208 -19.57 41.00 -29.06
N GLU A 209 -20.04 41.47 -27.91
CA GLU A 209 -21.38 41.12 -27.49
C GLU A 209 -22.44 41.81 -28.34
N ASP A 210 -22.09 42.98 -28.91
CA ASP A 210 -23.04 43.69 -29.75
C ASP A 210 -23.19 42.96 -31.07
N ALA A 211 -22.21 42.11 -31.38
CA ALA A 211 -22.24 41.33 -32.61
C ALA A 211 -22.80 39.95 -32.31
N GLY A 212 -23.32 39.78 -31.08
CA GLY A 212 -23.89 38.51 -30.67
C GLY A 212 -22.92 37.34 -30.74
N LEU A 213 -21.64 37.61 -30.53
CA LEU A 213 -20.65 36.54 -30.58
C LEU A 213 -20.78 35.56 -29.41
N GLY A 214 -21.45 35.99 -28.35
CA GLY A 214 -21.65 35.13 -27.20
C GLY A 214 -20.39 34.57 -26.56
N ILE A 215 -19.44 35.43 -26.22
CA ILE A 215 -18.19 34.99 -25.59
C ILE A 215 -18.47 34.48 -24.18
N GLU A 216 -17.92 33.32 -23.84
CA GLU A 216 -18.11 32.74 -22.51
C GLU A 216 -17.39 33.57 -21.45
N LEU A 217 -16.15 33.92 -21.75
CA LEU A 217 -15.34 34.68 -20.83
C LEU A 217 -14.08 35.19 -21.50
N VAL A 218 -13.50 36.22 -20.92
CA VAL A 218 -12.27 36.77 -21.45
C VAL A 218 -11.22 36.71 -20.35
N GLU A 219 -10.11 36.06 -20.66
CA GLU A 219 -9.01 35.91 -19.74
C GLU A 219 -8.03 37.08 -19.87
N GLN A 220 -7.58 37.58 -18.72
CA GLN A 220 -6.59 38.67 -18.60
C GLN A 220 -6.54 39.66 -19.77
N PRO A 221 -7.56 40.53 -19.89
CA PRO A 221 -7.56 41.50 -20.99
C PRO A 221 -6.48 42.58 -20.89
N VAL A 222 -6.10 42.95 -19.66
CA VAL A 222 -5.10 43.98 -19.48
C VAL A 222 -3.81 43.50 -18.82
N HIS A 223 -2.84 44.41 -18.71
CA HIS A 223 -1.55 44.10 -18.12
C HIS A 223 -1.73 43.46 -16.75
N LYS A 224 -0.88 42.47 -16.46
CA LYS A 224 -0.97 41.74 -15.19
C LYS A 224 -0.91 42.54 -13.89
N ASP A 225 -0.17 43.63 -13.84
CA ASP A 225 -0.16 44.37 -12.57
C ASP A 225 -1.10 45.56 -12.55
N ASP A 226 -1.98 45.66 -13.53
CA ASP A 226 -2.95 46.75 -13.60
C ASP A 226 -4.30 46.24 -13.07
N LEU A 227 -4.36 46.04 -11.76
CA LEU A 227 -5.57 45.55 -11.13
C LEU A 227 -6.74 46.51 -11.32
N ALA A 228 -6.47 47.81 -11.14
CA ALA A 228 -7.50 48.80 -11.30
C ALA A 228 -8.05 48.72 -12.72
N GLY A 229 -7.17 48.48 -13.68
CA GLY A 229 -7.60 48.37 -15.06
C GLY A 229 -8.41 47.11 -15.29
N LEU A 230 -7.98 46.01 -14.69
CA LEU A 230 -8.69 44.74 -14.82
C LEU A 230 -10.09 44.92 -14.26
N LYS A 231 -10.18 45.56 -13.10
CA LYS A 231 -11.46 45.82 -12.45
C LYS A 231 -12.39 46.67 -13.32
N LYS A 232 -11.82 47.67 -13.98
CA LYS A 232 -12.60 48.55 -14.84
C LYS A 232 -13.29 47.73 -15.92
N VAL A 233 -12.54 46.84 -16.56
CA VAL A 233 -13.09 45.99 -17.61
C VAL A 233 -14.16 45.07 -17.04
N THR A 234 -13.91 44.55 -15.83
CA THR A 234 -14.85 43.66 -15.16
C THR A 234 -16.19 44.35 -14.90
N ASP A 235 -16.15 45.59 -14.39
CA ASP A 235 -17.37 46.33 -14.09
C ASP A 235 -18.06 47.00 -15.29
N ALA A 236 -17.43 46.95 -16.46
CA ALA A 236 -18.00 47.61 -17.64
C ALA A 236 -18.57 46.67 -18.68
N THR A 237 -18.32 45.37 -18.52
CA THR A 237 -18.83 44.39 -19.48
C THR A 237 -19.74 43.39 -18.78
N ASP A 238 -20.56 42.70 -19.56
CA ASP A 238 -21.46 41.69 -19.02
C ASP A 238 -20.79 40.35 -19.18
N THR A 239 -19.67 40.36 -19.89
CA THR A 239 -18.91 39.14 -20.12
C THR A 239 -18.02 38.86 -18.91
N PRO A 240 -17.97 37.62 -18.44
CA PRO A 240 -17.10 37.40 -17.28
C PRO A 240 -15.63 37.60 -17.62
N ILE A 241 -14.91 38.21 -16.69
CA ILE A 241 -13.49 38.47 -16.86
C ILE A 241 -12.69 37.60 -15.90
N MET A 242 -11.76 36.82 -16.45
CA MET A 242 -10.95 35.90 -15.67
C MET A 242 -9.50 36.36 -15.50
N ALA A 243 -9.05 36.40 -14.26
CA ALA A 243 -7.68 36.79 -13.98
C ALA A 243 -6.79 35.58 -14.19
N ASP A 244 -5.66 35.79 -14.86
CA ASP A 244 -4.71 34.73 -15.06
C ASP A 244 -3.36 35.24 -14.54
N GLU A 245 -2.58 35.91 -15.39
CA GLU A 245 -1.29 36.41 -14.97
C GLU A 245 -1.32 37.40 -13.80
N SER A 246 -2.50 37.94 -13.49
CA SER A 246 -2.63 38.86 -12.36
C SER A 246 -2.64 38.08 -11.04
N VAL A 247 -2.84 36.77 -11.13
CA VAL A 247 -2.86 35.95 -9.93
C VAL A 247 -1.96 34.73 -10.03
N PHE A 248 -0.85 34.75 -9.29
CA PHE A 248 0.08 33.64 -9.26
C PHE A 248 -0.08 32.96 -7.91
N THR A 249 0.00 33.77 -6.86
CA THR A 249 -0.07 33.31 -5.47
C THR A 249 -1.38 33.57 -4.74
N PRO A 250 -1.58 32.94 -3.57
CA PRO A 250 -2.82 33.17 -2.83
C PRO A 250 -2.94 34.60 -2.31
N ARG A 251 -1.80 35.24 -2.07
CA ARG A 251 -1.80 36.62 -1.61
C ARG A 251 -2.33 37.52 -2.73
N GLN A 252 -1.91 37.24 -3.96
CA GLN A 252 -2.38 38.03 -5.07
C GLN A 252 -3.85 37.72 -5.34
N ALA A 253 -4.26 36.49 -5.04
CA ALA A 253 -5.66 36.09 -5.22
C ALA A 253 -6.48 36.92 -4.26
N PHE A 254 -6.00 36.97 -3.02
CA PHE A 254 -6.67 37.71 -1.97
C PHE A 254 -6.92 39.18 -2.37
N GLU A 255 -5.91 39.79 -2.97
CA GLU A 255 -5.99 41.19 -3.40
C GLU A 255 -7.02 41.35 -4.51
N VAL A 256 -7.00 40.44 -5.48
CA VAL A 256 -7.96 40.46 -6.59
C VAL A 256 -9.39 40.26 -6.09
N LEU A 257 -9.56 39.31 -5.18
CA LEU A 257 -10.90 39.02 -4.62
C LEU A 257 -11.37 40.18 -3.74
N GLN A 258 -10.44 40.69 -2.93
CA GLN A 258 -10.68 41.80 -2.02
C GLN A 258 -11.21 43.03 -2.78
N THR A 259 -10.58 43.32 -3.91
CA THR A 259 -10.98 44.49 -4.72
C THR A 259 -12.04 44.14 -5.74
N ARG A 260 -12.43 42.87 -5.82
CA ARG A 260 -13.44 42.45 -6.79
C ARG A 260 -13.03 42.88 -8.19
N SER A 261 -11.77 42.64 -8.53
CA SER A 261 -11.25 43.03 -9.83
C SER A 261 -11.51 42.05 -10.96
N ALA A 262 -11.99 40.85 -10.62
CA ALA A 262 -12.26 39.85 -11.65
C ALA A 262 -13.41 38.93 -11.25
N ASP A 263 -14.06 38.34 -12.26
CA ASP A 263 -15.20 37.46 -12.01
C ASP A 263 -14.73 36.04 -11.75
N LEU A 264 -13.61 35.67 -12.35
CA LEU A 264 -13.07 34.33 -12.20
C LEU A 264 -11.55 34.38 -12.06
N ILE A 265 -10.96 33.25 -11.69
CA ILE A 265 -9.51 33.15 -11.54
C ILE A 265 -9.01 31.87 -12.22
N ASN A 266 -7.95 31.99 -13.01
CA ASN A 266 -7.36 30.84 -13.67
C ASN A 266 -6.13 30.43 -12.88
N ILE A 267 -6.15 29.22 -12.32
CA ILE A 267 -5.05 28.71 -11.51
C ILE A 267 -4.14 27.82 -12.33
N LYS A 268 -2.83 27.97 -12.14
CA LYS A 268 -1.85 27.13 -12.84
C LYS A 268 -0.78 26.75 -11.81
N LEU A 269 -0.46 25.47 -11.73
CA LEU A 269 0.53 24.99 -10.76
C LEU A 269 1.89 25.69 -10.86
N MET A 270 2.35 25.95 -12.09
CA MET A 270 3.64 26.61 -12.27
C MET A 270 3.65 28.00 -11.65
N LYS A 271 2.51 28.70 -11.72
CA LYS A 271 2.43 30.04 -11.16
C LYS A 271 2.35 30.01 -9.64
N ALA A 272 1.56 29.06 -9.12
CA ALA A 272 1.37 28.96 -7.67
C ALA A 272 2.49 28.23 -6.94
N GLY A 273 3.44 27.71 -7.69
CA GLY A 273 4.54 26.99 -7.07
C GLY A 273 4.05 25.64 -6.58
N GLY A 274 3.01 25.12 -7.21
CA GLY A 274 2.51 23.82 -6.81
C GLY A 274 1.05 23.75 -6.41
N ILE A 275 0.70 22.64 -5.79
CA ILE A 275 -0.66 22.38 -5.37
C ILE A 275 -1.10 23.02 -4.06
N SER A 276 -0.19 23.15 -3.09
CA SER A 276 -0.59 23.76 -1.82
C SER A 276 -1.08 25.20 -2.04
N GLY A 277 -0.37 25.96 -2.87
CA GLY A 277 -0.79 27.32 -3.14
C GLY A 277 -2.05 27.37 -3.97
N ALA A 278 -2.19 26.45 -4.93
CA ALA A 278 -3.37 26.38 -5.77
C ALA A 278 -4.61 26.13 -4.92
N GLU A 279 -4.47 25.27 -3.92
CA GLU A 279 -5.59 24.97 -3.02
C GLU A 279 -6.01 26.22 -2.26
N LYS A 280 -5.03 26.97 -1.79
CA LYS A 280 -5.30 28.20 -1.06
C LYS A 280 -6.08 29.19 -1.92
N ILE A 281 -5.64 29.37 -3.16
CA ILE A 281 -6.31 30.29 -4.08
C ILE A 281 -7.77 29.89 -4.26
N ASN A 282 -8.00 28.62 -4.59
CA ASN A 282 -9.36 28.12 -4.80
C ASN A 282 -10.22 28.29 -3.56
N ALA A 283 -9.65 28.03 -2.39
CA ALA A 283 -10.39 28.16 -1.13
C ALA A 283 -10.81 29.61 -0.86
N MET A 284 -9.91 30.56 -1.12
CA MET A 284 -10.24 31.98 -0.92
C MET A 284 -11.33 32.38 -1.92
N ALA A 285 -11.13 31.98 -3.17
CA ALA A 285 -12.07 32.31 -4.23
C ALA A 285 -13.45 31.78 -3.88
N GLU A 286 -13.51 30.52 -3.43
CA GLU A 286 -14.78 29.90 -3.05
C GLU A 286 -15.47 30.65 -1.92
N ALA A 287 -14.69 31.11 -0.95
CA ALA A 287 -15.25 31.85 0.16
C ALA A 287 -15.86 33.16 -0.32
N CYS A 288 -15.43 33.62 -1.49
CA CYS A 288 -15.92 34.87 -2.06
C CYS A 288 -16.91 34.65 -3.21
N GLY A 289 -17.33 33.41 -3.44
CA GLY A 289 -18.27 33.14 -4.52
C GLY A 289 -17.66 33.27 -5.90
N VAL A 290 -16.35 33.10 -5.98
CA VAL A 290 -15.65 33.20 -7.25
C VAL A 290 -15.17 31.81 -7.67
N GLU A 291 -15.66 31.32 -8.80
CA GLU A 291 -15.26 30.02 -9.31
C GLU A 291 -13.91 30.14 -10.00
N CYS A 292 -13.20 29.02 -10.12
CA CYS A 292 -11.89 29.00 -10.76
C CYS A 292 -11.79 28.04 -11.93
N MET A 293 -10.72 28.19 -12.70
CA MET A 293 -10.46 27.31 -13.83
C MET A 293 -9.03 26.88 -13.59
N VAL A 294 -8.65 25.73 -14.11
CA VAL A 294 -7.27 25.31 -13.96
C VAL A 294 -6.72 25.09 -15.36
N GLY A 295 -5.59 25.72 -15.62
CA GLY A 295 -4.95 25.58 -16.92
C GLY A 295 -3.55 25.06 -16.71
N SER A 296 -2.64 25.41 -17.62
CA SER A 296 -1.26 24.96 -17.52
C SER A 296 -0.39 25.65 -18.57
N MET A 297 0.89 25.35 -18.53
CA MET A 297 1.84 25.87 -19.51
C MET A 297 1.97 24.75 -20.55
N ILE A 298 2.96 24.84 -21.42
CA ILE A 298 3.19 23.80 -22.42
C ILE A 298 3.83 22.66 -21.66
N GLU A 299 3.05 21.63 -21.35
CA GLU A 299 3.50 20.48 -20.57
C GLU A 299 2.98 19.16 -21.13
N THR A 300 3.65 18.07 -20.74
CA THR A 300 3.24 16.73 -21.17
C THR A 300 2.11 16.29 -20.26
N LYS A 301 1.71 15.03 -20.44
CA LYS A 301 0.63 14.44 -19.63
C LYS A 301 0.96 14.42 -18.14
N LEU A 302 2.23 14.34 -17.77
CA LEU A 302 2.59 14.34 -16.36
C LEU A 302 2.09 15.62 -15.66
N GLY A 303 2.58 16.77 -16.11
CA GLY A 303 2.16 18.03 -15.51
C GLY A 303 0.66 18.22 -15.54
N ILE A 304 0.06 17.89 -16.66
CA ILE A 304 -1.38 18.00 -16.82
C ILE A 304 -2.09 17.05 -15.87
N THR A 305 -1.54 15.85 -15.71
CA THR A 305 -2.14 14.88 -14.79
C THR A 305 -2.14 15.45 -13.38
N ALA A 306 -1.05 16.10 -12.98
CA ALA A 306 -0.99 16.68 -11.64
C ALA A 306 -2.04 17.78 -11.48
N ALA A 307 -2.15 18.64 -12.48
CA ALA A 307 -3.13 19.74 -12.45
C ALA A 307 -4.57 19.22 -12.47
N ALA A 308 -4.81 18.17 -13.26
CA ALA A 308 -6.15 17.57 -13.37
C ALA A 308 -6.59 16.96 -12.05
N HIS A 309 -5.64 16.37 -11.33
CA HIS A 309 -5.95 15.76 -10.04
C HIS A 309 -6.41 16.85 -9.08
N PHE A 310 -5.71 17.99 -9.10
CA PHE A 310 -6.09 19.10 -8.23
C PHE A 310 -7.45 19.65 -8.66
N ALA A 311 -7.59 19.89 -9.96
CA ALA A 311 -8.85 20.43 -10.50
C ALA A 311 -10.06 19.53 -10.26
N ALA A 312 -9.89 18.22 -10.46
CA ALA A 312 -10.99 17.28 -10.27
C ALA A 312 -11.48 17.18 -8.83
N SER A 313 -10.59 17.47 -7.88
CA SER A 313 -10.93 17.35 -6.46
C SER A 313 -11.80 18.45 -5.88
N LYS A 314 -11.81 19.62 -6.52
CA LYS A 314 -12.56 20.74 -5.96
C LYS A 314 -13.88 21.10 -6.65
N ARG A 315 -14.89 21.35 -5.83
CA ARG A 315 -16.22 21.73 -6.29
C ARG A 315 -16.20 23.12 -6.95
N ASN A 316 -15.45 24.04 -6.35
CA ASN A 316 -15.35 25.42 -6.86
C ASN A 316 -14.60 25.56 -8.19
N ILE A 317 -13.92 24.51 -8.63
CA ILE A 317 -13.19 24.53 -9.91
C ILE A 317 -14.13 23.93 -10.95
N THR A 318 -14.67 24.78 -11.83
CA THR A 318 -15.66 24.35 -12.81
C THR A 318 -15.30 24.43 -14.30
N ARG A 319 -14.07 24.84 -14.61
CA ARG A 319 -13.64 24.93 -15.99
C ARG A 319 -12.23 24.35 -16.04
N PHE A 320 -11.89 23.74 -17.17
CA PHE A 320 -10.59 23.11 -17.32
C PHE A 320 -9.97 23.36 -18.68
N ASP A 321 -8.68 23.69 -18.68
CA ASP A 321 -7.98 23.99 -19.91
C ASP A 321 -6.75 23.11 -19.99
N PHE A 322 -6.97 21.85 -20.36
CA PHE A 322 -5.90 20.87 -20.42
C PHE A 322 -5.65 20.25 -21.80
N ASP A 323 -5.41 21.07 -22.81
CA ASP A 323 -5.18 20.53 -24.14
C ASP A 323 -3.70 20.43 -24.51
N ALA A 324 -2.83 20.90 -23.64
CA ALA A 324 -1.39 20.87 -23.93
C ALA A 324 -0.89 19.53 -24.44
N PRO A 325 -1.17 18.43 -23.73
CA PRO A 325 -0.70 17.11 -24.17
C PRO A 325 -1.15 16.75 -25.58
N LEU A 326 -2.31 17.26 -25.98
CA LEU A 326 -2.86 16.99 -27.30
C LEU A 326 -2.11 17.72 -28.39
N MET A 327 -1.15 18.55 -27.99
CA MET A 327 -0.35 19.34 -28.92
C MET A 327 1.03 18.74 -29.16
N LEU A 328 1.26 17.55 -28.60
CA LEU A 328 2.55 16.90 -28.76
C LEU A 328 2.45 15.74 -29.75
N LYS A 329 3.54 15.49 -30.47
CA LYS A 329 3.58 14.42 -31.45
C LYS A 329 3.54 13.04 -30.82
N THR A 330 4.19 12.92 -29.67
CA THR A 330 4.26 11.64 -28.95
C THR A 330 4.00 11.83 -27.46
N ASP A 331 3.36 10.83 -26.85
CA ASP A 331 3.09 10.87 -25.42
C ASP A 331 4.23 10.08 -24.80
N VAL A 332 5.12 10.75 -24.10
CA VAL A 332 6.27 10.10 -23.51
C VAL A 332 6.05 9.46 -22.14
N PHE A 333 4.83 9.57 -21.61
CA PHE A 333 4.55 8.98 -20.31
C PHE A 333 3.50 7.88 -20.36
N ASN A 334 3.63 6.93 -19.44
CA ASN A 334 2.71 5.82 -19.31
C ASN A 334 1.89 6.04 -18.04
N GLY A 335 0.57 6.02 -18.18
CA GLY A 335 -0.30 6.22 -17.03
C GLY A 335 -0.94 7.59 -17.01
N GLY A 336 -1.31 8.07 -15.83
CA GLY A 336 -1.94 9.38 -15.72
C GLY A 336 -3.33 9.41 -16.33
N ILE A 337 -3.87 10.60 -16.54
CA ILE A 337 -5.20 10.77 -17.11
C ILE A 337 -5.30 10.20 -18.53
N THR A 338 -6.54 9.97 -18.96
CA THR A 338 -6.81 9.45 -20.29
C THR A 338 -7.82 10.38 -20.97
N TYR A 339 -7.71 10.50 -22.30
CA TYR A 339 -8.62 11.36 -23.06
C TYR A 339 -9.55 10.55 -23.96
N SER A 340 -10.82 10.94 -23.98
CA SER A 340 -11.81 10.33 -24.84
C SER A 340 -12.51 11.56 -25.39
N GLY A 341 -12.05 12.03 -26.54
CA GLY A 341 -12.64 13.23 -27.10
C GLY A 341 -12.20 14.37 -26.18
N SER A 342 -13.18 15.08 -25.63
CA SER A 342 -12.90 16.22 -24.75
C SER A 342 -12.96 15.81 -23.28
N THR A 343 -13.35 14.56 -23.04
CA THR A 343 -13.48 14.03 -21.69
C THR A 343 -12.19 13.45 -21.13
N ILE A 344 -11.76 14.01 -20.00
CA ILE A 344 -10.56 13.56 -19.32
C ILE A 344 -10.99 12.69 -18.15
N SER A 345 -10.44 11.48 -18.05
CA SER A 345 -10.77 10.57 -16.96
C SER A 345 -9.60 10.40 -16.01
N MET A 346 -9.90 10.49 -14.71
CA MET A 346 -8.88 10.37 -13.68
C MET A 346 -8.47 8.92 -13.45
N PRO A 347 -7.15 8.67 -13.35
CA PRO A 347 -6.68 7.30 -13.13
C PRO A 347 -7.13 6.87 -11.72
N GLY A 348 -7.08 5.56 -11.44
CA GLY A 348 -7.52 5.10 -10.14
C GLY A 348 -6.49 4.68 -9.10
N LYS A 349 -5.27 4.36 -9.52
CA LYS A 349 -4.25 3.93 -8.57
C LYS A 349 -3.79 5.09 -7.67
N PRO A 350 -3.18 4.78 -6.52
CA PRO A 350 -2.70 5.82 -5.60
C PRO A 350 -1.72 6.81 -6.20
N GLY A 351 -1.87 8.08 -5.84
CA GLY A 351 -0.98 9.11 -6.36
C GLY A 351 -1.47 9.69 -7.66
N LEU A 352 -0.53 10.08 -8.52
CA LEU A 352 -0.82 10.68 -9.81
C LEU A 352 -1.25 9.68 -10.87
N GLY A 353 -0.79 8.44 -10.72
CA GLY A 353 -1.16 7.41 -11.67
C GLY A 353 -0.13 7.27 -12.79
N ILE A 354 0.91 8.09 -12.75
CA ILE A 354 1.96 8.00 -13.75
C ILE A 354 2.83 6.80 -13.39
N ILE A 355 3.03 5.90 -14.35
CA ILE A 355 3.81 4.70 -14.12
C ILE A 355 5.27 4.90 -14.49
N GLY A 356 5.52 5.78 -15.46
CA GLY A 356 6.87 6.04 -15.89
C GLY A 356 6.88 6.33 -17.37
N ALA A 357 8.05 6.26 -17.99
CA ALA A 357 8.19 6.52 -19.42
C ALA A 357 7.34 5.54 -20.23
N ALA A 358 6.95 5.96 -21.44
CA ALA A 358 6.13 5.11 -22.31
C ALA A 358 6.88 3.82 -22.66
N LEU A 359 6.15 2.71 -22.62
CA LEU A 359 6.74 1.40 -22.92
C LEU A 359 6.52 1.02 -24.39
N MET B 1 -14.30 2.84 2.51
CA MET B 1 -14.71 3.48 3.79
C MET B 1 -16.09 4.13 3.63
N LYS B 2 -17.13 3.41 4.00
CA LYS B 2 -18.50 3.92 3.89
C LYS B 2 -19.18 4.04 5.25
N ILE B 3 -19.93 5.12 5.43
CA ILE B 3 -20.66 5.40 6.67
C ILE B 3 -21.90 4.50 6.71
N ILE B 4 -22.05 3.71 7.77
CA ILE B 4 -23.20 2.82 7.87
C ILE B 4 -24.08 3.06 9.09
N ARG B 5 -23.60 3.87 10.03
CA ARG B 5 -24.38 4.13 11.22
C ARG B 5 -23.97 5.41 11.93
N ILE B 6 -24.96 6.17 12.39
CA ILE B 6 -24.71 7.41 13.09
C ILE B 6 -25.57 7.48 14.35
N GLU B 7 -24.92 7.54 15.50
CA GLU B 7 -25.63 7.57 16.77
C GLU B 7 -25.19 8.73 17.66
N THR B 8 -26.12 9.21 18.49
CA THR B 8 -25.83 10.28 19.43
C THR B 8 -26.23 9.85 20.83
N SER B 9 -25.51 10.35 21.82
CA SER B 9 -25.81 10.06 23.21
C SER B 9 -25.49 11.34 23.96
N ARG B 10 -26.01 11.49 25.16
CA ARG B 10 -25.75 12.69 25.93
C ARG B 10 -24.92 12.37 27.16
N ILE B 11 -24.11 13.32 27.59
CA ILE B 11 -23.30 13.14 28.77
C ILE B 11 -23.38 14.42 29.59
N ALA B 12 -23.14 14.28 30.89
CA ALA B 12 -23.17 15.41 31.79
C ALA B 12 -22.05 15.14 32.78
N VAL B 13 -20.96 15.88 32.66
CA VAL B 13 -19.81 15.70 33.52
C VAL B 13 -19.74 16.81 34.55
N PRO B 14 -19.74 16.46 35.84
CA PRO B 14 -19.68 17.48 36.89
C PRO B 14 -18.49 18.43 36.75
N LEU B 15 -18.75 19.71 36.96
CA LEU B 15 -17.72 20.74 36.89
C LEU B 15 -17.01 20.87 38.23
N THR B 16 -15.71 21.12 38.19
CA THR B 16 -14.94 21.28 39.42
C THR B 16 -15.33 22.60 40.04
N LYS B 17 -15.73 23.55 39.20
CA LYS B 17 -16.13 24.88 39.66
C LYS B 17 -17.40 25.36 38.96
N PRO B 18 -18.58 25.11 39.58
CA PRO B 18 -19.85 25.54 38.97
C PRO B 18 -19.90 27.05 38.80
N PHE B 19 -20.69 27.50 37.83
CA PHE B 19 -20.83 28.93 37.56
C PHE B 19 -22.29 29.25 37.28
N LYS B 20 -22.65 30.53 37.39
CA LYS B 20 -24.03 30.91 37.17
C LYS B 20 -24.27 31.64 35.86
N THR B 21 -25.47 31.45 35.30
CA THR B 21 -25.86 32.12 34.07
C THR B 21 -26.99 33.06 34.48
N ALA B 22 -27.56 33.76 33.51
CA ALA B 22 -28.64 34.69 33.81
C ALA B 22 -29.87 33.97 34.37
N LEU B 23 -30.02 32.70 34.02
CA LEU B 23 -31.19 31.93 34.46
C LEU B 23 -30.93 30.86 35.50
N ARG B 24 -29.68 30.44 35.68
CA ARG B 24 -29.39 29.39 36.66
C ARG B 24 -27.91 29.23 37.02
N THR B 25 -27.62 28.13 37.71
CA THR B 25 -26.28 27.77 38.12
C THR B 25 -25.95 26.43 37.48
N VAL B 26 -24.86 26.38 36.73
CA VAL B 26 -24.45 25.15 36.04
C VAL B 26 -23.46 24.36 36.88
N TYR B 27 -23.77 23.09 37.13
CA TYR B 27 -22.89 22.22 37.91
C TYR B 27 -22.24 21.15 37.03
N THR B 28 -22.80 20.92 35.85
CA THR B 28 -22.26 19.91 34.96
C THR B 28 -21.98 20.45 33.56
N ALA B 29 -21.08 19.77 32.85
CA ALA B 29 -20.75 20.14 31.47
C ALA B 29 -21.50 19.15 30.61
N GLU B 30 -22.47 19.64 29.84
CA GLU B 30 -23.25 18.79 28.97
C GLU B 30 -22.75 18.87 27.55
N SER B 31 -22.93 17.79 26.81
CA SER B 31 -22.53 17.75 25.42
C SER B 31 -23.11 16.53 24.74
N VAL B 32 -23.28 16.64 23.43
CA VAL B 32 -23.80 15.56 22.62
C VAL B 32 -22.58 14.84 22.06
N ILE B 33 -22.53 13.52 22.24
CA ILE B 33 -21.42 12.74 21.73
C ILE B 33 -21.87 12.01 20.47
N VAL B 34 -21.07 12.08 19.43
CA VAL B 34 -21.44 11.44 18.17
C VAL B 34 -20.54 10.26 17.84
N ARG B 35 -21.16 9.17 17.42
CA ARG B 35 -20.44 7.98 17.01
C ARG B 35 -20.81 7.60 15.59
N ILE B 36 -19.83 7.65 14.70
CA ILE B 36 -20.07 7.27 13.32
C ILE B 36 -19.35 5.95 13.09
N THR B 37 -20.12 4.92 12.76
CA THR B 37 -19.55 3.60 12.51
C THR B 37 -19.42 3.39 11.02
N TYR B 38 -18.21 3.01 10.59
CA TYR B 38 -17.96 2.78 9.18
C TYR B 38 -18.02 1.28 8.85
N ASP B 39 -18.15 0.97 7.56
CA ASP B 39 -18.23 -0.41 7.10
C ASP B 39 -17.01 -1.23 7.48
N SER B 40 -15.91 -0.55 7.78
CA SER B 40 -14.68 -1.24 8.16
C SER B 40 -14.76 -1.64 9.62
N GLY B 41 -15.81 -1.17 10.30
CA GLY B 41 -15.96 -1.47 11.70
C GLY B 41 -15.41 -0.33 12.54
N ALA B 42 -14.65 0.55 11.89
CA ALA B 42 -14.06 1.70 12.58
C ALA B 42 -15.12 2.62 13.16
N VAL B 43 -14.76 3.31 14.24
CA VAL B 43 -15.67 4.25 14.88
C VAL B 43 -15.04 5.64 14.96
N GLY B 44 -15.76 6.63 14.41
CA GLY B 44 -15.30 8.00 14.46
C GLY B 44 -16.05 8.73 15.56
N TRP B 45 -15.33 9.53 16.35
CA TRP B 45 -15.93 10.23 17.46
C TRP B 45 -16.04 11.75 17.26
N GLY B 46 -17.13 12.31 17.79
CA GLY B 46 -17.36 13.74 17.69
C GLY B 46 -18.02 14.23 18.96
N GLU B 47 -17.89 15.52 19.25
CA GLU B 47 -18.52 16.09 20.45
C GLU B 47 -19.06 17.49 20.17
N ALA B 48 -20.19 17.82 20.78
CA ALA B 48 -20.79 19.13 20.61
C ALA B 48 -21.59 19.53 21.83
N PRO B 49 -21.10 20.52 22.59
CA PRO B 49 -21.79 21.00 23.79
C PRO B 49 -22.69 22.16 23.39
N PRO B 50 -23.64 22.54 24.25
CA PRO B 50 -24.50 23.67 23.88
C PRO B 50 -23.83 25.00 24.24
N THR B 51 -24.08 26.03 23.44
CA THR B 51 -23.54 27.36 23.70
C THR B 51 -24.61 28.36 23.26
N LEU B 52 -25.69 28.41 24.05
CA LEU B 52 -26.83 29.28 23.81
C LEU B 52 -26.49 30.74 23.58
N VAL B 53 -25.45 31.22 24.26
CA VAL B 53 -25.07 32.61 24.12
C VAL B 53 -24.06 32.86 23.00
N ILE B 54 -23.24 31.87 22.69
CA ILE B 54 -22.26 32.06 21.63
C ILE B 54 -22.74 31.61 20.25
N THR B 55 -23.17 30.36 20.13
CA THR B 55 -23.62 29.85 18.84
C THR B 55 -25.13 29.83 18.74
N GLY B 56 -25.80 29.65 19.87
CA GLY B 56 -27.25 29.58 19.86
C GLY B 56 -27.71 28.13 19.86
N ASP B 57 -26.76 27.21 19.73
CA ASP B 57 -27.06 25.78 19.72
C ASP B 57 -27.32 25.23 21.12
N SER B 58 -28.30 24.34 21.24
CA SER B 58 -28.65 23.71 22.50
C SER B 58 -28.56 22.20 22.29
N MET B 59 -28.58 21.44 23.37
CA MET B 59 -28.52 19.99 23.28
C MET B 59 -29.59 19.48 22.29
N ASP B 60 -30.82 19.97 22.44
CA ASP B 60 -31.92 19.55 21.56
C ASP B 60 -31.75 19.91 20.09
N SER B 61 -31.28 21.12 19.81
CA SER B 61 -31.13 21.53 18.42
C SER B 61 -30.00 20.76 17.76
N ILE B 62 -28.94 20.54 18.52
CA ILE B 62 -27.80 19.78 18.01
C ILE B 62 -28.19 18.37 17.63
N GLU B 63 -28.84 17.66 18.56
CA GLU B 63 -29.26 16.28 18.29
C GLU B 63 -30.28 16.19 17.15
N SER B 64 -31.24 17.11 17.13
CA SER B 64 -32.25 17.08 16.08
C SER B 64 -31.62 17.29 14.70
N ALA B 65 -30.69 18.23 14.62
CA ALA B 65 -30.00 18.52 13.36
C ALA B 65 -29.24 17.29 12.85
N ILE B 66 -28.61 16.57 13.76
CA ILE B 66 -27.86 15.38 13.40
C ILE B 66 -28.78 14.24 12.95
N HIS B 67 -29.86 14.04 13.69
CA HIS B 67 -30.82 12.97 13.37
C HIS B 67 -31.75 13.24 12.18
N HIS B 68 -32.13 14.50 11.98
CA HIS B 68 -33.05 14.85 10.90
C HIS B 68 -32.45 15.42 9.62
N VAL B 69 -31.21 15.89 9.66
CA VAL B 69 -30.62 16.47 8.47
C VAL B 69 -29.31 15.84 8.02
N LEU B 70 -28.31 15.86 8.91
CA LEU B 70 -27.00 15.32 8.58
C LEU B 70 -26.95 13.80 8.41
N LYS B 71 -27.48 13.07 9.39
CA LYS B 71 -27.48 11.61 9.35
C LYS B 71 -28.05 11.02 8.06
N PRO B 72 -29.32 11.35 7.71
CA PRO B 72 -29.88 10.79 6.48
C PRO B 72 -29.14 11.20 5.22
N ALA B 73 -28.28 12.21 5.32
CA ALA B 73 -27.54 12.66 4.16
C ALA B 73 -26.17 11.98 4.07
N LEU B 74 -25.65 11.55 5.22
CA LEU B 74 -24.35 10.91 5.25
C LEU B 74 -24.35 9.39 5.14
N LEU B 75 -25.44 8.75 5.53
CA LEU B 75 -25.52 7.30 5.46
C LEU B 75 -25.26 6.76 4.06
N GLY B 76 -24.38 5.78 3.97
CA GLY B 76 -24.06 5.16 2.69
C GLY B 76 -22.97 5.84 1.90
N LYS B 77 -22.65 7.08 2.24
CA LYS B 77 -21.60 7.83 1.53
C LYS B 77 -20.22 7.30 1.88
N SER B 78 -19.27 7.47 0.96
CA SER B 78 -17.90 7.03 1.19
C SER B 78 -16.95 8.21 1.33
N LEU B 79 -15.94 8.06 2.18
CA LEU B 79 -14.97 9.11 2.41
C LEU B 79 -14.09 9.38 1.18
N ALA B 80 -14.38 8.68 0.09
CA ALA B 80 -13.61 8.88 -1.14
C ALA B 80 -14.06 10.20 -1.77
N GLY B 81 -15.31 10.58 -1.50
CA GLY B 81 -15.86 11.82 -2.03
C GLY B 81 -16.06 12.80 -0.89
N TYR B 82 -14.96 13.15 -0.23
CA TYR B 82 -14.98 14.06 0.92
C TYR B 82 -15.48 15.48 0.64
N GLU B 83 -15.02 16.05 -0.47
CA GLU B 83 -15.41 17.42 -0.83
C GLU B 83 -16.93 17.54 -0.82
N ALA B 84 -17.61 16.58 -1.43
CA ALA B 84 -19.07 16.59 -1.51
C ALA B 84 -19.74 16.36 -0.16
N ILE B 85 -19.14 15.52 0.68
CA ILE B 85 -19.72 15.27 1.99
C ILE B 85 -19.63 16.54 2.84
N LEU B 86 -18.47 17.19 2.85
CA LEU B 86 -18.29 18.40 3.63
C LEU B 86 -19.22 19.50 3.15
N HIS B 87 -19.38 19.63 1.83
CA HIS B 87 -20.27 20.66 1.31
C HIS B 87 -21.70 20.42 1.77
N ASP B 88 -22.13 19.16 1.74
CA ASP B 88 -23.49 18.82 2.18
C ASP B 88 -23.69 19.10 3.67
N ILE B 89 -22.67 18.80 4.48
CA ILE B 89 -22.77 19.03 5.91
C ILE B 89 -22.93 20.53 6.20
N GLN B 90 -22.15 21.34 5.51
CA GLN B 90 -22.18 22.77 5.72
C GLN B 90 -23.36 23.48 5.08
N HIS B 91 -23.94 22.92 4.02
CA HIS B 91 -25.03 23.60 3.34
C HIS B 91 -26.45 23.02 3.39
N LEU B 92 -26.62 21.86 3.99
CA LEU B 92 -27.96 21.29 4.09
C LEU B 92 -28.83 22.13 5.01
N LEU B 93 -28.19 22.81 5.96
CA LEU B 93 -28.91 23.68 6.88
C LEU B 93 -28.04 24.87 7.25
N THR B 94 -28.68 25.98 7.60
CA THR B 94 -27.96 27.18 8.00
C THR B 94 -27.69 27.13 9.49
N GLY B 95 -26.63 27.81 9.93
CA GLY B 95 -26.29 27.80 11.34
C GLY B 95 -25.98 26.39 11.83
N ASN B 96 -26.41 26.08 13.05
CA ASN B 96 -26.18 24.76 13.65
C ASN B 96 -24.72 24.35 13.46
N MET B 97 -23.82 25.31 13.62
CA MET B 97 -22.40 25.05 13.46
C MET B 97 -21.91 23.94 14.41
N SER B 98 -22.44 23.92 15.63
CA SER B 98 -22.04 22.91 16.61
C SER B 98 -22.36 21.48 16.13
N ALA B 99 -23.56 21.30 15.60
CA ALA B 99 -23.97 19.98 15.11
C ALA B 99 -23.05 19.57 13.96
N LYS B 100 -22.76 20.51 13.06
CA LYS B 100 -21.88 20.25 11.93
C LYS B 100 -20.47 19.88 12.39
N ALA B 101 -19.98 20.57 13.41
CA ALA B 101 -18.64 20.33 13.95
C ALA B 101 -18.52 18.93 14.55
N ALA B 102 -19.51 18.54 15.35
CA ALA B 102 -19.50 17.22 15.96
C ALA B 102 -19.43 16.15 14.88
N VAL B 103 -20.17 16.33 13.79
CA VAL B 103 -20.15 15.37 12.70
C VAL B 103 -18.79 15.39 11.99
N GLU B 104 -18.23 16.58 11.74
CA GLU B 104 -16.93 16.68 11.09
C GLU B 104 -15.83 16.00 11.90
N MET B 105 -15.88 16.12 13.23
CA MET B 105 -14.88 15.48 14.07
C MET B 105 -14.85 13.98 13.76
N ALA B 106 -16.01 13.34 13.87
CA ALA B 106 -16.12 11.91 13.63
C ALA B 106 -15.72 11.53 12.21
N LEU B 107 -15.97 12.43 11.26
CA LEU B 107 -15.63 12.17 9.86
C LEU B 107 -14.13 12.25 9.64
N TYR B 108 -13.49 13.28 10.22
CA TYR B 108 -12.05 13.41 10.07
C TYR B 108 -11.36 12.30 10.85
N ASP B 109 -12.00 11.85 11.93
CA ASP B 109 -11.45 10.76 12.73
C ASP B 109 -11.45 9.54 11.80
N GLY B 110 -12.57 9.32 11.13
CA GLY B 110 -12.66 8.18 10.23
C GLY B 110 -11.68 8.34 9.08
N TRP B 111 -11.58 9.56 8.57
CA TRP B 111 -10.69 9.87 7.45
C TRP B 111 -9.22 9.59 7.78
N ALA B 112 -8.79 10.03 8.95
CA ALA B 112 -7.41 9.79 9.37
C ALA B 112 -7.20 8.29 9.56
N GLN B 113 -8.15 7.62 10.22
CA GLN B 113 -8.05 6.18 10.45
C GLN B 113 -7.90 5.44 9.12
N MET B 114 -8.65 5.88 8.12
CA MET B 114 -8.60 5.28 6.79
C MET B 114 -7.19 5.33 6.20
N CYS B 115 -6.51 6.46 6.37
CA CYS B 115 -5.17 6.67 5.85
C CYS B 115 -4.07 6.13 6.77
N GLY B 116 -4.46 5.56 7.90
CA GLY B 116 -3.49 5.01 8.84
C GLY B 116 -2.57 6.03 9.52
N LEU B 117 -3.09 7.22 9.80
CA LEU B 117 -2.28 8.25 10.45
C LEU B 117 -3.02 8.99 11.55
N PRO B 118 -2.27 9.55 12.52
CA PRO B 118 -2.90 10.30 13.61
C PRO B 118 -3.48 11.51 12.86
N LEU B 119 -4.64 12.00 13.25
CA LEU B 119 -5.25 13.12 12.54
C LEU B 119 -4.32 14.32 12.33
N TYR B 120 -3.56 14.68 13.36
CA TYR B 120 -2.66 15.82 13.26
C TYR B 120 -1.59 15.65 12.17
N GLN B 121 -1.20 14.40 11.90
CA GLN B 121 -0.19 14.17 10.87
C GLN B 121 -0.86 14.23 9.50
N MET B 122 -2.09 13.77 9.45
CA MET B 122 -2.86 13.80 8.22
C MET B 122 -3.10 15.25 7.80
N LEU B 123 -3.20 16.15 8.76
CA LEU B 123 -3.43 17.55 8.46
C LEU B 123 -2.17 18.40 8.28
N GLY B 124 -1.00 17.80 8.48
CA GLY B 124 0.23 18.56 8.32
C GLY B 124 1.36 18.20 9.27
N GLY B 125 0.98 17.61 10.41
CA GLY B 125 1.93 17.19 11.41
C GLY B 125 3.03 18.15 11.82
N TYR B 126 2.72 19.45 11.92
CA TYR B 126 3.75 20.41 12.29
C TYR B 126 4.39 20.18 13.66
N ARG B 127 3.59 19.85 14.66
CA ARG B 127 4.13 19.60 16.00
C ARG B 127 3.40 18.44 16.68
N ASP B 128 4.07 17.77 17.62
CA ASP B 128 3.42 16.65 18.32
C ASP B 128 3.19 16.97 19.79
N THR B 129 3.61 18.15 20.21
CA THR B 129 3.39 18.62 21.58
C THR B 129 3.05 20.10 21.47
N LEU B 130 2.27 20.59 22.41
CA LEU B 130 1.90 22.01 22.43
C LEU B 130 1.56 22.44 23.85
N GLU B 131 1.75 23.72 24.13
CA GLU B 131 1.48 24.29 25.46
C GLU B 131 0.12 24.96 25.55
N THR B 132 -0.69 24.53 26.51
CA THR B 132 -2.00 25.13 26.71
C THR B 132 -1.93 26.14 27.85
N ASP B 133 -2.73 27.19 27.75
CA ASP B 133 -2.78 28.19 28.81
C ASP B 133 -3.71 27.62 29.86
N TYR B 134 -3.90 28.36 30.93
CA TYR B 134 -4.79 27.93 31.99
C TYR B 134 -5.55 29.17 32.45
N THR B 135 -6.84 29.01 32.72
CA THR B 135 -7.67 30.13 33.14
C THR B 135 -7.65 30.40 34.64
N VAL B 136 -7.44 31.65 34.99
CA VAL B 136 -7.45 32.04 36.39
C VAL B 136 -8.86 32.56 36.68
N SER B 137 -9.63 31.78 37.44
CA SER B 137 -11.00 32.14 37.79
C SER B 137 -11.09 33.55 38.38
N VAL B 138 -12.11 34.29 37.97
CA VAL B 138 -12.29 35.64 38.47
C VAL B 138 -12.55 35.58 39.98
N ASN B 139 -11.95 36.52 40.71
CA ASN B 139 -12.09 36.60 42.16
C ASN B 139 -11.43 37.87 42.66
N SER B 140 -11.18 37.94 43.96
CA SER B 140 -10.51 39.09 44.54
C SER B 140 -9.09 39.05 43.99
N PRO B 141 -8.52 40.21 43.64
CA PRO B 141 -7.16 40.24 43.10
C PRO B 141 -6.17 39.38 43.88
N GLU B 142 -6.34 39.32 45.19
CA GLU B 142 -5.47 38.54 46.05
C GLU B 142 -5.63 37.04 45.83
N GLU B 143 -6.87 36.59 45.68
CA GLU B 143 -7.13 35.17 45.46
C GLU B 143 -6.65 34.70 44.08
N MET B 144 -6.82 35.56 43.07
CA MET B 144 -6.41 35.24 41.72
C MET B 144 -4.88 35.12 41.65
N ALA B 145 -4.20 36.06 42.29
CA ALA B 145 -2.74 36.07 42.31
C ALA B 145 -2.23 34.80 42.97
N ALA B 146 -2.95 34.32 43.97
CA ALA B 146 -2.57 33.10 44.67
C ALA B 146 -2.68 31.91 43.71
N ASP B 147 -3.83 31.77 43.06
CA ASP B 147 -4.04 30.68 42.10
C ASP B 147 -3.00 30.78 40.99
N ALA B 148 -2.80 31.99 40.50
CA ALA B 148 -1.85 32.24 39.43
C ALA B 148 -0.45 31.73 39.75
N GLU B 149 0.07 32.06 40.94
CA GLU B 149 1.40 31.61 41.31
C GLU B 149 1.45 30.10 41.38
N ASN B 150 0.38 29.50 41.90
CA ASN B 150 0.33 28.05 42.01
C ASN B 150 0.21 27.40 40.64
N TYR B 151 -0.43 28.07 39.69
CA TYR B 151 -0.52 27.51 38.34
C TYR B 151 0.88 27.61 37.71
N LEU B 152 1.59 28.67 38.04
CA LEU B 152 2.94 28.90 37.54
C LEU B 152 3.85 27.78 38.02
N LYS B 153 3.69 27.39 39.28
CA LYS B 153 4.49 26.33 39.86
C LYS B 153 4.17 24.98 39.25
N GLN B 154 2.94 24.83 38.75
CA GLN B 154 2.56 23.57 38.14
C GLN B 154 3.04 23.45 36.70
N GLY B 155 3.71 24.48 36.20
CA GLY B 155 4.22 24.44 34.84
C GLY B 155 3.53 25.29 33.80
N PHE B 156 2.48 26.02 34.20
CA PHE B 156 1.77 26.87 33.26
C PHE B 156 2.43 28.23 33.15
N GLN B 157 2.95 28.53 31.96
CA GLN B 157 3.61 29.80 31.72
C GLN B 157 2.69 30.83 31.07
N THR B 158 1.51 30.38 30.63
CA THR B 158 0.54 31.26 30.01
C THR B 158 -0.79 31.12 30.74
N LEU B 159 -1.32 32.26 31.20
CA LEU B 159 -2.58 32.25 31.93
C LEU B 159 -3.61 33.11 31.21
N LYS B 160 -4.87 32.74 31.32
CA LYS B 160 -5.94 33.48 30.68
C LYS B 160 -6.84 34.10 31.74
N ILE B 161 -7.22 35.35 31.53
CA ILE B 161 -8.06 36.08 32.46
C ILE B 161 -9.26 36.73 31.74
N LYS B 162 -10.47 36.44 32.20
CA LYS B 162 -11.65 37.03 31.60
C LYS B 162 -11.82 38.45 32.14
N VAL B 163 -12.07 39.41 31.26
CA VAL B 163 -12.26 40.80 31.67
C VAL B 163 -13.43 41.41 30.91
N GLY B 164 -13.76 42.66 31.22
CA GLY B 164 -14.86 43.32 30.52
C GLY B 164 -16.23 43.15 31.14
N LYS B 165 -16.28 42.56 32.33
CA LYS B 165 -17.56 42.37 33.02
C LYS B 165 -17.71 43.42 34.09
N ASP B 166 -16.72 43.53 34.97
CA ASP B 166 -16.75 44.51 36.04
C ASP B 166 -16.12 45.83 35.60
N ASP B 167 -15.88 46.71 36.56
CA ASP B 167 -15.27 48.01 36.27
C ASP B 167 -13.88 47.79 35.68
N ILE B 168 -13.41 48.74 34.88
CA ILE B 168 -12.08 48.62 34.30
C ILE B 168 -11.06 48.62 35.44
N ALA B 169 -11.36 49.40 36.48
CA ALA B 169 -10.49 49.49 37.64
C ALA B 169 -10.33 48.13 38.33
N THR B 170 -11.44 47.38 38.42
CA THR B 170 -11.42 46.07 39.05
C THR B 170 -10.55 45.10 38.25
N ASP B 171 -10.71 45.11 36.92
CA ASP B 171 -9.92 44.24 36.06
C ASP B 171 -8.44 44.51 36.28
N ILE B 172 -8.06 45.78 36.17
CA ILE B 172 -6.68 46.20 36.34
C ILE B 172 -6.07 45.85 37.68
N ALA B 173 -6.83 46.01 38.76
CA ALA B 173 -6.31 45.69 40.08
C ALA B 173 -6.00 44.20 40.16
N ARG B 174 -6.87 43.39 39.57
CA ARG B 174 -6.68 41.94 39.59
C ARG B 174 -5.39 41.54 38.88
N ILE B 175 -5.21 42.04 37.66
CA ILE B 175 -4.02 41.72 36.89
C ILE B 175 -2.75 42.16 37.60
N GLN B 176 -2.80 43.34 38.22
CA GLN B 176 -1.65 43.87 38.95
C GLN B 176 -1.27 42.92 40.07
N GLU B 177 -2.25 42.52 40.86
CA GLU B 177 -2.02 41.61 41.97
C GLU B 177 -1.41 40.30 41.45
N ILE B 178 -1.86 39.88 40.27
CA ILE B 178 -1.36 38.65 39.65
C ILE B 178 0.13 38.75 39.33
N ARG B 179 0.53 39.80 38.63
CA ARG B 179 1.93 40.02 38.29
C ARG B 179 2.79 40.12 39.56
N LYS B 180 2.18 40.61 40.63
CA LYS B 180 2.88 40.76 41.89
C LYS B 180 3.41 39.43 42.42
N ARG B 181 2.74 38.35 42.01
CA ARG B 181 3.13 37.02 42.46
C ARG B 181 3.84 36.18 41.39
N VAL B 182 3.84 36.64 40.14
CA VAL B 182 4.48 35.85 39.08
C VAL B 182 5.40 36.60 38.14
N GLY B 183 5.36 37.93 38.18
CA GLY B 183 6.21 38.72 37.31
C GLY B 183 5.96 38.33 35.87
N SER B 184 6.99 38.40 35.03
CA SER B 184 6.84 38.04 33.63
C SER B 184 7.00 36.53 33.39
N ALA B 185 7.29 35.78 34.44
CA ALA B 185 7.47 34.33 34.31
C ALA B 185 6.32 33.69 33.54
N VAL B 186 5.17 34.37 33.52
CA VAL B 186 4.00 33.88 32.82
C VAL B 186 3.44 34.95 31.88
N LYS B 187 2.91 34.54 30.73
CA LYS B 187 2.31 35.49 29.78
C LYS B 187 0.83 35.61 30.14
N LEU B 188 0.27 36.81 29.97
CA LEU B 188 -1.14 37.04 30.31
C LEU B 188 -2.06 37.30 29.13
N ARG B 189 -3.03 36.41 28.93
CA ARG B 189 -4.00 36.55 27.85
C ARG B 189 -5.34 36.97 28.42
N LEU B 190 -5.91 38.03 27.87
CA LEU B 190 -7.20 38.52 28.32
C LEU B 190 -8.28 38.27 27.26
N ASP B 191 -9.50 38.02 27.72
CA ASP B 191 -10.64 37.83 26.84
C ASP B 191 -11.74 38.72 27.40
N ALA B 192 -12.03 39.80 26.70
CA ALA B 192 -13.06 40.74 27.14
C ALA B 192 -14.47 40.25 26.82
N ASN B 193 -14.56 39.21 26.00
CA ASN B 193 -15.86 38.66 25.62
C ASN B 193 -16.88 39.74 25.21
N GLN B 194 -16.46 40.59 24.28
CA GLN B 194 -17.30 41.66 23.74
C GLN B 194 -17.86 42.59 24.82
N GLY B 195 -17.22 42.66 25.97
CA GLY B 195 -17.73 43.50 27.05
C GLY B 195 -17.55 45.00 26.96
N TRP B 196 -16.69 45.50 26.08
CA TRP B 196 -16.45 46.94 25.98
C TRP B 196 -16.88 47.61 24.69
N ARG B 197 -17.06 48.93 24.77
CA ARG B 197 -17.40 49.73 23.60
C ARG B 197 -16.02 50.09 23.05
N PRO B 198 -15.91 50.36 21.75
CA PRO B 198 -14.61 50.70 21.18
C PRO B 198 -13.75 51.69 21.98
N LYS B 199 -14.23 52.92 22.17
CA LYS B 199 -13.45 53.90 22.91
C LYS B 199 -13.14 53.42 24.31
N GLU B 200 -14.09 52.69 24.90
CA GLU B 200 -13.90 52.17 26.24
C GLU B 200 -12.81 51.09 26.27
N ALA B 201 -12.66 50.38 25.15
CA ALA B 201 -11.65 49.33 25.05
C ALA B 201 -10.26 49.94 24.91
N VAL B 202 -10.14 50.95 24.07
CA VAL B 202 -8.87 51.63 23.86
C VAL B 202 -8.35 52.18 25.19
N THR B 203 -9.26 52.81 25.93
CA THR B 203 -8.93 53.40 27.21
C THR B 203 -8.38 52.37 28.19
N ALA B 204 -9.10 51.26 28.34
CA ALA B 204 -8.70 50.21 29.27
C ALA B 204 -7.39 49.52 28.88
N ILE B 205 -7.19 49.31 27.59
CA ILE B 205 -5.98 48.65 27.11
C ILE B 205 -4.76 49.57 27.23
N ARG B 206 -4.96 50.87 27.02
CA ARG B 206 -3.87 51.82 27.16
C ARG B 206 -3.50 51.92 28.64
N LYS B 207 -4.51 51.95 29.50
CA LYS B 207 -4.29 52.04 30.94
C LYS B 207 -3.40 50.88 31.40
N MET B 208 -3.67 49.69 30.89
CA MET B 208 -2.89 48.53 31.26
C MET B 208 -1.45 48.69 30.76
N GLU B 209 -1.30 49.30 29.59
CA GLU B 209 0.02 49.54 29.02
C GLU B 209 0.77 50.53 29.91
N ASP B 210 0.10 51.62 30.28
CA ASP B 210 0.70 52.64 31.15
C ASP B 210 1.11 52.00 32.46
N ALA B 211 0.37 50.99 32.88
CA ALA B 211 0.64 50.29 34.12
C ALA B 211 1.66 49.18 33.91
N GLY B 212 2.22 49.14 32.70
CA GLY B 212 3.21 48.14 32.36
C GLY B 212 2.84 46.72 32.70
N LEU B 213 1.61 46.32 32.42
CA LEU B 213 1.19 44.96 32.74
C LEU B 213 1.63 43.93 31.70
N GLY B 214 2.13 44.39 30.56
CA GLY B 214 2.59 43.48 29.52
C GLY B 214 1.59 42.42 29.09
N ILE B 215 0.40 42.86 28.66
CA ILE B 215 -0.64 41.93 28.21
C ILE B 215 -0.23 41.29 26.88
N GLU B 216 -0.29 39.96 26.82
CA GLU B 216 0.09 39.27 25.59
C GLU B 216 -0.88 39.64 24.47
N LEU B 217 -2.17 39.54 24.77
CA LEU B 217 -3.20 39.85 23.79
C LEU B 217 -4.57 40.01 24.44
N VAL B 218 -5.48 40.65 23.73
CA VAL B 218 -6.84 40.82 24.24
C VAL B 218 -7.84 40.30 23.21
N GLU B 219 -8.62 39.31 23.58
CA GLU B 219 -9.62 38.75 22.66
C GLU B 219 -10.90 39.58 22.63
N GLN B 220 -11.48 39.67 21.43
CA GLN B 220 -12.76 40.32 21.18
C GLN B 220 -13.16 41.38 22.19
N PRO B 221 -12.50 42.55 22.16
CA PRO B 221 -12.85 43.60 23.11
C PRO B 221 -14.25 44.18 22.90
N VAL B 222 -14.70 44.22 21.65
CA VAL B 222 -16.01 44.76 21.30
C VAL B 222 -17.02 43.75 20.77
N HIS B 223 -18.23 44.23 20.50
CA HIS B 223 -19.32 43.39 19.98
C HIS B 223 -18.90 42.72 18.67
N LYS B 224 -19.20 41.43 18.57
CA LYS B 224 -18.84 40.63 17.41
C LYS B 224 -19.16 41.24 16.04
N ASP B 225 -20.27 41.96 15.95
CA ASP B 225 -20.70 42.56 14.69
C ASP B 225 -20.07 43.93 14.41
N ASP B 226 -19.39 44.48 15.40
CA ASP B 226 -18.77 45.80 15.27
C ASP B 226 -17.33 45.73 14.73
N LEU B 227 -17.18 45.38 13.46
CA LEU B 227 -15.86 45.26 12.86
C LEU B 227 -15.09 46.58 12.86
N ALA B 228 -15.77 47.66 12.50
CA ALA B 228 -15.13 48.97 12.48
C ALA B 228 -14.62 49.28 13.89
N GLY B 229 -15.40 48.90 14.89
CA GLY B 229 -15.00 49.15 16.27
C GLY B 229 -13.81 48.28 16.68
N LEU B 230 -13.82 47.03 16.22
CA LEU B 230 -12.73 46.13 16.55
C LEU B 230 -11.45 46.68 15.92
N LYS B 231 -11.58 47.23 14.72
CA LYS B 231 -10.45 47.81 14.02
C LYS B 231 -9.91 49.05 14.73
N LYS B 232 -10.81 49.80 15.38
CA LYS B 232 -10.41 51.00 16.09
C LYS B 232 -9.50 50.61 17.25
N VAL B 233 -9.86 49.55 17.95
CA VAL B 233 -9.04 49.10 19.08
C VAL B 233 -7.70 48.59 18.58
N THR B 234 -7.72 47.85 17.46
CA THR B 234 -6.50 47.30 16.89
C THR B 234 -5.53 48.42 16.49
N ASP B 235 -6.02 49.45 15.80
CA ASP B 235 -5.18 50.55 15.35
C ASP B 235 -4.82 51.60 16.40
N ALA B 236 -5.47 51.58 17.56
CA ALA B 236 -5.19 52.58 18.59
C ALA B 236 -4.33 52.07 19.74
N THR B 237 -4.04 50.78 19.78
CA THR B 237 -3.22 50.23 20.86
C THR B 237 -2.01 49.47 20.33
N ASP B 238 -1.08 49.14 21.23
CA ASP B 238 0.13 48.42 20.89
C ASP B 238 -0.01 46.94 21.25
N THR B 239 -1.08 46.62 21.96
CA THR B 239 -1.36 45.26 22.37
C THR B 239 -2.08 44.54 21.23
N PRO B 240 -1.64 43.33 20.88
CA PRO B 240 -2.36 42.67 19.78
C PRO B 240 -3.81 42.39 20.13
N ILE B 241 -4.69 42.55 19.15
CA ILE B 241 -6.11 42.33 19.32
C ILE B 241 -6.51 41.05 18.59
N MET B 242 -7.13 40.13 19.30
CA MET B 242 -7.55 38.87 18.70
C MET B 242 -9.05 38.76 18.47
N ALA B 243 -9.44 38.51 17.23
CA ALA B 243 -10.84 38.36 16.89
C ALA B 243 -11.29 36.96 17.28
N ASP B 244 -12.40 36.85 18.00
CA ASP B 244 -12.94 35.55 18.37
C ASP B 244 -14.35 35.46 17.78
N GLU B 245 -15.35 35.86 18.57
CA GLU B 245 -16.73 35.81 18.11
C GLU B 245 -16.96 36.51 16.76
N SER B 246 -16.10 37.48 16.41
CA SER B 246 -16.24 38.17 15.12
C SER B 246 -15.94 37.22 13.95
N VAL B 247 -15.26 36.11 14.24
CA VAL B 247 -14.93 35.17 13.18
C VAL B 247 -15.34 33.73 13.45
N PHE B 248 -16.39 33.29 12.77
CA PHE B 248 -16.86 31.90 12.90
C PHE B 248 -16.44 31.16 11.64
N THR B 249 -16.75 31.78 10.50
CA THR B 249 -16.51 31.21 9.18
C THR B 249 -15.35 31.80 8.39
N PRO B 250 -14.94 31.10 7.32
CA PRO B 250 -13.83 31.63 6.51
C PRO B 250 -14.20 32.94 5.81
N ARG B 251 -15.48 33.11 5.48
CA ARG B 251 -15.92 34.34 4.84
C ARG B 251 -15.78 35.49 5.83
N GLN B 252 -16.08 35.23 7.09
CA GLN B 252 -15.95 36.26 8.11
C GLN B 252 -14.47 36.52 8.36
N ALA B 253 -13.65 35.49 8.17
CA ALA B 253 -12.21 35.63 8.35
C ALA B 253 -11.69 36.53 7.25
N PHE B 254 -12.18 36.29 6.04
CA PHE B 254 -11.77 37.08 4.90
C PHE B 254 -12.09 38.55 5.12
N GLU B 255 -13.26 38.83 5.70
CA GLU B 255 -13.67 40.22 5.94
C GLU B 255 -12.76 40.88 6.96
N VAL B 256 -12.52 40.20 8.07
CA VAL B 256 -11.64 40.71 9.13
C VAL B 256 -10.23 40.96 8.59
N LEU B 257 -9.71 40.01 7.82
CA LEU B 257 -8.36 40.14 7.25
C LEU B 257 -8.25 41.27 6.24
N GLN B 258 -9.25 41.36 5.37
CA GLN B 258 -9.31 42.38 4.33
C GLN B 258 -9.33 43.80 4.91
N THR B 259 -10.10 44.00 5.98
CA THR B 259 -10.20 45.30 6.60
C THR B 259 -9.09 45.52 7.64
N ARG B 260 -8.31 44.48 7.92
CA ARG B 260 -7.22 44.53 8.90
C ARG B 260 -7.75 44.94 10.27
N SER B 261 -8.92 44.40 10.61
CA SER B 261 -9.59 44.73 11.86
C SER B 261 -9.06 44.02 13.10
N ALA B 262 -8.10 43.11 12.93
CA ALA B 262 -7.54 42.39 14.06
C ALA B 262 -6.14 41.87 13.76
N ASP B 263 -5.33 41.73 14.81
CA ASP B 263 -3.97 41.26 14.64
C ASP B 263 -3.91 39.74 14.61
N LEU B 264 -4.86 39.10 15.28
CA LEU B 264 -4.91 37.64 15.38
C LEU B 264 -6.33 37.12 15.29
N ILE B 265 -6.46 35.80 15.07
CA ILE B 265 -7.77 35.17 14.99
C ILE B 265 -7.83 33.94 15.87
N ASN B 266 -8.89 33.83 16.67
CA ASN B 266 -9.08 32.68 17.54
C ASN B 266 -10.06 31.75 16.83
N ILE B 267 -9.63 30.52 16.57
CA ILE B 267 -10.44 29.53 15.88
C ILE B 267 -10.99 28.48 16.84
N LYS B 268 -12.24 28.07 16.61
CA LYS B 268 -12.88 27.04 17.43
C LYS B 268 -13.71 26.18 16.47
N LEU B 269 -13.62 24.86 16.62
CA LEU B 269 -14.36 23.96 15.75
C LEU B 269 -15.86 24.19 15.79
N MET B 270 -16.40 24.42 16.99
CA MET B 270 -17.83 24.65 17.13
C MET B 270 -18.28 25.83 16.27
N LYS B 271 -17.49 26.91 16.26
CA LYS B 271 -17.83 28.11 15.47
C LYS B 271 -17.70 27.85 13.97
N ALA B 272 -16.59 27.22 13.57
CA ALA B 272 -16.35 26.95 12.16
C ALA B 272 -17.17 25.80 11.61
N GLY B 273 -17.89 25.11 12.49
CA GLY B 273 -18.68 23.99 12.05
C GLY B 273 -17.78 22.81 11.69
N GLY B 274 -16.60 22.76 12.31
CA GLY B 274 -15.69 21.67 12.04
C GLY B 274 -14.28 22.06 11.62
N ILE B 275 -13.53 21.05 11.18
CA ILE B 275 -12.15 21.24 10.75
C ILE B 275 -11.99 21.85 9.37
N SER B 276 -12.81 21.44 8.40
CA SER B 276 -12.69 21.97 7.05
C SER B 276 -12.70 23.50 7.11
N GLY B 277 -13.68 24.04 7.83
CA GLY B 277 -13.77 25.48 7.95
C GLY B 277 -12.57 26.04 8.71
N ALA B 278 -12.19 25.38 9.80
CA ALA B 278 -11.04 25.84 10.61
C ALA B 278 -9.78 25.92 9.74
N GLU B 279 -9.58 24.90 8.91
CA GLU B 279 -8.42 24.88 8.03
C GLU B 279 -8.38 26.07 7.06
N LYS B 280 -9.54 26.37 6.48
CA LYS B 280 -9.68 27.47 5.53
C LYS B 280 -9.35 28.81 6.21
N ILE B 281 -9.84 28.98 7.42
CA ILE B 281 -9.59 30.22 8.16
C ILE B 281 -8.10 30.42 8.38
N ASN B 282 -7.43 29.40 8.90
CA ASN B 282 -6.01 29.49 9.16
C ASN B 282 -5.16 29.71 7.91
N ALA B 283 -5.51 29.00 6.84
CA ALA B 283 -4.76 29.13 5.58
C ALA B 283 -4.88 30.55 5.06
N MET B 284 -6.09 31.09 5.17
CA MET B 284 -6.42 32.44 4.73
C MET B 284 -5.59 33.43 5.55
N ALA B 285 -5.64 33.29 6.86
CA ALA B 285 -4.90 34.16 7.77
C ALA B 285 -3.41 34.11 7.47
N GLU B 286 -2.88 32.89 7.34
CA GLU B 286 -1.46 32.68 7.07
C GLU B 286 -0.98 33.49 5.86
N ALA B 287 -1.75 33.46 4.79
CA ALA B 287 -1.40 34.20 3.58
C ALA B 287 -1.38 35.72 3.81
N CYS B 288 -2.03 36.17 4.89
CA CYS B 288 -2.06 37.59 5.22
C CYS B 288 -1.10 37.89 6.38
N GLY B 289 -0.32 36.89 6.77
CA GLY B 289 0.63 37.06 7.86
C GLY B 289 0.03 37.20 9.24
N VAL B 290 -1.17 36.65 9.41
CA VAL B 290 -1.88 36.71 10.68
C VAL B 290 -1.89 35.33 11.34
N GLU B 291 -1.28 35.22 12.52
CA GLU B 291 -1.25 33.95 13.23
C GLU B 291 -2.59 33.71 13.92
N CYS B 292 -2.88 32.44 14.20
CA CYS B 292 -4.13 32.08 14.84
C CYS B 292 -3.91 31.28 16.10
N MET B 293 -4.96 31.20 16.90
CA MET B 293 -4.98 30.43 18.11
C MET B 293 -6.19 29.50 17.99
N VAL B 294 -6.15 28.37 18.67
CA VAL B 294 -7.31 27.47 18.64
C VAL B 294 -7.76 27.29 20.09
N GLY B 295 -9.05 27.53 20.33
CA GLY B 295 -9.61 27.38 21.65
C GLY B 295 -10.74 26.38 21.58
N SER B 296 -11.75 26.54 22.43
CA SER B 296 -12.89 25.63 22.41
C SER B 296 -13.99 26.16 23.31
N MET B 297 -15.05 25.37 23.44
CA MET B 297 -16.15 25.71 24.32
C MET B 297 -15.92 24.77 25.50
N ILE B 298 -16.86 24.69 26.43
CA ILE B 298 -16.71 23.79 27.57
C ILE B 298 -16.88 22.37 27.02
N GLU B 299 -15.77 21.69 26.80
CA GLU B 299 -15.80 20.34 26.25
C GLU B 299 -14.91 19.36 26.99
N THR B 300 -15.22 18.07 26.84
CA THR B 300 -14.44 17.01 27.47
C THR B 300 -13.17 16.87 26.63
N LYS B 301 -12.38 15.86 26.94
CA LYS B 301 -11.15 15.60 26.22
C LYS B 301 -11.41 15.16 24.78
N LEU B 302 -12.62 14.70 24.48
CA LEU B 302 -12.93 14.29 23.11
C LEU B 302 -12.84 15.50 22.18
N GLY B 303 -13.69 16.50 22.43
CA GLY B 303 -13.70 17.69 21.61
C GLY B 303 -12.34 18.39 21.58
N ILE B 304 -11.66 18.37 22.73
CA ILE B 304 -10.34 18.99 22.82
C ILE B 304 -9.28 18.23 22.05
N THR B 305 -9.48 16.92 21.90
CA THR B 305 -8.54 16.12 21.14
C THR B 305 -8.66 16.48 19.65
N ALA B 306 -9.89 16.59 19.16
CA ALA B 306 -10.08 16.96 17.76
C ALA B 306 -9.46 18.35 17.56
N ALA B 307 -9.78 19.27 18.47
CA ALA B 307 -9.24 20.64 18.39
C ALA B 307 -7.71 20.63 18.40
N ALA B 308 -7.13 19.83 19.27
CA ALA B 308 -5.67 19.75 19.40
C ALA B 308 -4.98 19.13 18.18
N HIS B 309 -5.62 18.15 17.56
CA HIS B 309 -5.04 17.52 16.37
C HIS B 309 -4.99 18.56 15.24
N PHE B 310 -6.04 19.36 15.14
CA PHE B 310 -6.06 20.40 14.10
C PHE B 310 -4.97 21.42 14.40
N ALA B 311 -4.94 21.93 15.63
CA ALA B 311 -3.97 22.93 16.05
C ALA B 311 -2.51 22.48 15.88
N ALA B 312 -2.23 21.25 16.31
CA ALA B 312 -0.89 20.70 16.23
C ALA B 312 -0.38 20.56 14.79
N SER B 313 -1.32 20.39 13.86
CA SER B 313 -0.96 20.20 12.45
C SER B 313 -0.51 21.42 11.67
N LYS B 314 -0.83 22.62 12.14
CA LYS B 314 -0.49 23.82 11.39
C LYS B 314 0.61 24.72 11.95
N ARG B 315 1.50 25.15 11.06
CA ARG B 315 2.59 26.02 11.45
C ARG B 315 2.09 27.38 11.91
N ASN B 316 1.06 27.89 11.25
CA ASN B 316 0.49 29.20 11.55
C ASN B 316 -0.33 29.30 12.83
N ILE B 317 -0.61 28.18 13.47
CA ILE B 317 -1.36 28.17 14.72
C ILE B 317 -0.29 28.08 15.82
N THR B 318 -0.06 29.21 16.49
CA THR B 318 0.98 29.31 17.50
C THR B 318 0.55 29.45 18.95
N ARG B 319 -0.74 29.45 19.21
CA ARG B 319 -1.24 29.58 20.57
C ARG B 319 -2.37 28.58 20.77
N PHE B 320 -2.46 28.04 21.98
CA PHE B 320 -3.45 27.04 22.28
C PHE B 320 -4.16 27.32 23.60
N ASP B 321 -5.47 27.08 23.61
CA ASP B 321 -6.30 27.33 24.79
C ASP B 321 -7.18 26.10 24.98
N PHE B 322 -6.62 25.09 25.63
CA PHE B 322 -7.31 23.83 25.85
C PHE B 322 -7.34 23.37 27.30
N ASP B 323 -7.84 24.20 28.21
CA ASP B 323 -7.90 23.80 29.62
C ASP B 323 -9.27 23.31 30.07
N ALA B 324 -10.25 23.32 29.17
CA ALA B 324 -11.60 22.87 29.53
C ALA B 324 -11.65 21.50 30.22
N PRO B 325 -10.96 20.49 29.65
CA PRO B 325 -10.97 19.16 30.26
C PRO B 325 -10.46 19.15 31.71
N LEU B 326 -9.55 20.06 32.01
CA LEU B 326 -8.98 20.14 33.35
C LEU B 326 -9.95 20.75 34.35
N MET B 327 -11.10 21.21 33.84
CA MET B 327 -12.12 21.83 34.68
C MET B 327 -13.22 20.82 35.03
N LEU B 328 -13.03 19.58 34.59
CA LEU B 328 -14.01 18.54 34.88
C LEU B 328 -13.49 17.67 36.01
N LYS B 329 -14.40 17.20 36.86
CA LYS B 329 -14.00 16.37 37.98
C LYS B 329 -13.56 14.99 37.51
N THR B 330 -13.99 14.62 36.31
CA THR B 330 -13.65 13.31 35.76
C THR B 330 -13.39 13.33 34.25
N ASP B 331 -12.64 12.34 33.78
CA ASP B 331 -12.31 12.20 32.37
C ASP B 331 -13.07 10.96 31.89
N VAL B 332 -14.16 11.17 31.17
CA VAL B 332 -14.98 10.06 30.69
C VAL B 332 -14.55 9.41 29.39
N PHE B 333 -13.39 9.78 28.85
CA PHE B 333 -12.92 9.18 27.61
C PHE B 333 -11.55 8.51 27.73
N ASN B 334 -11.43 7.37 27.05
CA ASN B 334 -10.19 6.62 27.04
C ASN B 334 -9.42 6.93 25.76
N GLY B 335 -8.17 7.36 25.92
CA GLY B 335 -7.36 7.69 24.77
C GLY B 335 -7.29 9.19 24.55
N GLY B 336 -7.01 9.60 23.31
CA GLY B 336 -6.92 11.01 22.99
C GLY B 336 -5.60 11.60 23.43
N ILE B 337 -5.57 12.92 23.57
CA ILE B 337 -4.34 13.58 23.98
C ILE B 337 -4.07 13.33 25.47
N THR B 338 -2.84 13.55 25.89
CA THR B 338 -2.47 13.38 27.28
C THR B 338 -1.89 14.67 27.82
N TYR B 339 -2.14 14.94 29.10
CA TYR B 339 -1.63 16.14 29.73
C TYR B 339 -0.50 15.84 30.71
N SER B 340 0.50 16.69 30.69
CA SER B 340 1.63 16.60 31.59
C SER B 340 1.92 18.06 31.86
N GLY B 341 1.41 18.56 32.97
CA GLY B 341 1.62 19.98 33.27
C GLY B 341 0.82 20.71 32.21
N SER B 342 1.43 21.72 31.60
CA SER B 342 0.76 22.50 30.57
C SER B 342 1.06 21.93 29.18
N THR B 343 1.84 20.86 29.14
CA THR B 343 2.21 20.24 27.87
C THR B 343 1.22 19.18 27.42
N ILE B 344 0.65 19.38 26.23
CA ILE B 344 -0.29 18.43 25.66
C ILE B 344 0.48 17.59 24.63
N SER B 345 0.36 16.27 24.72
CA SER B 345 1.02 15.38 23.78
C SER B 345 0.01 14.69 22.87
N MET B 346 0.33 14.64 21.58
CA MET B 346 -0.55 14.00 20.60
C MET B 346 -0.37 12.48 20.66
N PRO B 347 -1.46 11.71 20.47
CA PRO B 347 -1.36 10.25 20.50
C PRO B 347 -0.77 9.73 19.19
N GLY B 348 -0.34 8.47 19.16
CA GLY B 348 0.25 7.93 17.95
C GLY B 348 -0.63 7.07 17.06
N LYS B 349 -1.75 6.60 17.60
CA LYS B 349 -2.66 5.76 16.86
C LYS B 349 -3.36 6.55 15.76
N PRO B 350 -3.88 5.86 14.74
CA PRO B 350 -4.58 6.52 13.63
C PRO B 350 -5.84 7.23 14.10
N GLY B 351 -6.19 8.33 13.44
CA GLY B 351 -7.38 9.06 13.82
C GLY B 351 -7.19 9.94 15.05
N LEU B 352 -8.26 10.13 15.80
CA LEU B 352 -8.22 10.95 17.00
C LEU B 352 -7.47 10.26 18.14
N GLY B 353 -7.45 8.93 18.12
CA GLY B 353 -6.79 8.20 19.18
C GLY B 353 -7.74 7.94 20.34
N ILE B 354 -9.03 8.21 20.14
CA ILE B 354 -10.04 7.99 21.16
C ILE B 354 -10.47 6.53 21.11
N ILE B 355 -10.17 5.80 22.18
CA ILE B 355 -10.51 4.38 22.27
C ILE B 355 -12.00 4.14 22.53
N GLY B 356 -12.56 4.88 23.48
CA GLY B 356 -13.97 4.73 23.82
C GLY B 356 -14.28 5.34 25.17
N ALA B 357 -15.43 4.98 25.74
CA ALA B 357 -15.82 5.49 27.05
C ALA B 357 -14.91 4.88 28.10
N ALA B 358 -14.27 5.73 28.90
CA ALA B 358 -13.35 5.26 29.94
C ALA B 358 -14.05 4.38 30.99
N LEU B 359 -13.24 3.77 31.84
CA LEU B 359 -13.75 2.90 32.90
C LEU B 359 -12.71 2.81 34.02
N MET C 1 8.46 -1.11 2.06
CA MET C 1 7.04 -1.28 1.64
C MET C 1 6.23 -1.73 2.86
N LYS C 2 5.25 -0.91 3.24
CA LYS C 2 4.42 -1.22 4.40
C LYS C 2 2.92 -1.21 4.10
N ILE C 3 2.22 -2.12 4.75
CA ILE C 3 0.77 -2.25 4.60
C ILE C 3 0.15 -1.09 5.38
N ILE C 4 -0.51 -0.18 4.68
CA ILE C 4 -1.12 0.96 5.37
C ILE C 4 -2.63 0.84 5.52
N ARG C 5 -3.24 -0.03 4.73
CA ARG C 5 -4.68 -0.21 4.81
C ARG C 5 -5.17 -1.55 4.29
N ILE C 6 -6.14 -2.12 4.99
CA ILE C 6 -6.75 -3.37 4.58
C ILE C 6 -8.26 -3.16 4.66
N GLU C 7 -8.92 -3.23 3.52
CA GLU C 7 -10.38 -3.02 3.47
C GLU C 7 -11.13 -4.14 2.76
N THR C 8 -12.40 -4.29 3.10
CA THR C 8 -13.24 -5.31 2.49
C THR C 8 -14.55 -4.69 2.06
N SER C 9 -15.13 -5.22 1.00
CA SER C 9 -16.41 -4.73 0.52
C SER C 9 -17.21 -5.92 0.03
N ARG C 10 -18.52 -5.86 0.20
CA ARG C 10 -19.37 -6.95 -0.25
C ARG C 10 -19.94 -6.63 -1.61
N ILE C 11 -20.06 -7.66 -2.45
CA ILE C 11 -20.64 -7.49 -3.76
C ILE C 11 -21.60 -8.65 -3.99
N ALA C 12 -22.59 -8.41 -4.85
CA ALA C 12 -23.58 -9.42 -5.20
C ALA C 12 -23.86 -9.29 -6.69
N VAL C 13 -23.29 -10.20 -7.48
CA VAL C 13 -23.44 -10.19 -8.92
C VAL C 13 -24.50 -11.18 -9.36
N PRO C 14 -25.56 -10.69 -10.02
CA PRO C 14 -26.63 -11.57 -10.49
C PRO C 14 -26.13 -12.69 -11.40
N LEU C 15 -26.56 -13.91 -11.10
CA LEU C 15 -26.17 -15.08 -11.88
C LEU C 15 -27.00 -15.14 -13.16
N THR C 16 -26.47 -15.77 -14.21
CA THR C 16 -27.19 -15.90 -15.46
C THR C 16 -28.30 -16.94 -15.27
N LYS C 17 -28.01 -17.95 -14.45
CA LYS C 17 -29.00 -18.98 -14.17
C LYS C 17 -28.91 -19.45 -12.71
N PRO C 18 -29.79 -18.91 -11.86
CA PRO C 18 -29.89 -19.22 -10.42
C PRO C 18 -30.07 -20.70 -10.09
N PHE C 19 -29.84 -21.04 -8.82
CA PHE C 19 -29.96 -22.42 -8.35
C PHE C 19 -30.55 -22.42 -6.93
N LYS C 20 -31.06 -23.56 -6.50
CA LYS C 20 -31.67 -23.66 -5.18
C LYS C 20 -30.81 -24.48 -4.21
N THR C 21 -30.77 -24.03 -2.95
CA THR C 21 -30.03 -24.72 -1.91
C THR C 21 -31.07 -25.45 -1.06
N ALA C 22 -30.68 -25.79 0.17
CA ALA C 22 -31.60 -26.48 1.07
C ALA C 22 -32.50 -25.50 1.80
N LEU C 23 -32.12 -24.23 1.80
CA LEU C 23 -32.90 -23.20 2.49
C LEU C 23 -33.52 -22.15 1.59
N ARG C 24 -32.84 -21.79 0.51
CA ARG C 24 -33.36 -20.76 -0.38
C ARG C 24 -33.00 -20.93 -1.85
N THR C 25 -33.26 -19.88 -2.61
CA THR C 25 -32.95 -19.84 -4.04
C THR C 25 -31.94 -18.71 -4.23
N VAL C 26 -30.77 -19.07 -4.74
CA VAL C 26 -29.70 -18.10 -4.96
C VAL C 26 -29.86 -17.41 -6.32
N TYR C 27 -30.03 -16.09 -6.30
CA TYR C 27 -30.17 -15.31 -7.53
C TYR C 27 -28.91 -14.49 -7.83
N THR C 28 -28.06 -14.31 -6.84
CA THR C 28 -26.83 -13.54 -7.02
C THR C 28 -25.65 -14.28 -6.41
N ALA C 29 -24.45 -13.95 -6.88
CA ALA C 29 -23.24 -14.55 -6.35
C ALA C 29 -22.58 -13.49 -5.47
N GLU C 30 -22.52 -13.76 -4.17
CA GLU C 30 -21.92 -12.82 -3.24
C GLU C 30 -20.46 -13.16 -3.01
N SER C 31 -19.70 -12.15 -2.62
CA SER C 31 -18.26 -12.28 -2.34
C SER C 31 -17.75 -11.12 -1.53
N VAL C 32 -16.65 -11.36 -0.84
CA VAL C 32 -16.01 -10.34 -0.05
C VAL C 32 -14.76 -9.98 -0.83
N ILE C 33 -14.66 -8.71 -1.19
CA ILE C 33 -13.52 -8.24 -1.95
C ILE C 33 -12.55 -7.59 -0.97
N VAL C 34 -11.29 -7.98 -1.05
CA VAL C 34 -10.29 -7.41 -0.17
C VAL C 34 -9.31 -6.56 -0.95
N ARG C 35 -8.95 -5.43 -0.37
CA ARG C 35 -7.98 -4.54 -0.97
C ARG C 35 -6.94 -4.20 0.10
N ILE C 36 -5.67 -4.42 -0.23
CA ILE C 36 -4.57 -4.12 0.67
C ILE C 36 -3.74 -3.06 -0.04
N THR C 37 -3.59 -1.90 0.61
CA THR C 37 -2.83 -0.81 0.01
C THR C 37 -1.50 -0.64 0.73
N TYR C 38 -0.43 -0.50 -0.04
CA TYR C 38 0.91 -0.34 0.51
C TYR C 38 1.43 1.07 0.24
N ASP C 39 2.32 1.56 1.11
CA ASP C 39 2.87 2.90 0.95
C ASP C 39 3.82 3.03 -0.23
N SER C 40 4.00 1.95 -0.98
CA SER C 40 4.85 1.96 -2.17
C SER C 40 3.99 2.39 -3.35
N GLY C 41 2.68 2.53 -3.11
CA GLY C 41 1.78 2.92 -4.17
C GLY C 41 1.02 1.73 -4.76
N ALA C 42 1.41 0.53 -4.36
CA ALA C 42 0.78 -0.68 -4.86
C ALA C 42 -0.52 -0.98 -4.13
N VAL C 43 -1.44 -1.64 -4.84
CA VAL C 43 -2.73 -2.03 -4.28
C VAL C 43 -2.98 -3.49 -4.63
N GLY C 44 -3.07 -4.34 -3.60
CA GLY C 44 -3.31 -5.75 -3.83
C GLY C 44 -4.79 -6.09 -3.70
N TRP C 45 -5.25 -7.01 -4.55
CA TRP C 45 -6.64 -7.44 -4.55
C TRP C 45 -6.82 -8.91 -4.19
N GLY C 46 -7.96 -9.22 -3.57
CA GLY C 46 -8.26 -10.59 -3.19
C GLY C 46 -9.77 -10.77 -3.14
N GLU C 47 -10.23 -12.00 -3.28
CA GLU C 47 -11.66 -12.30 -3.25
C GLU C 47 -11.93 -13.57 -2.45
N ALA C 48 -13.00 -13.54 -1.67
CA ALA C 48 -13.40 -14.70 -0.86
C ALA C 48 -14.92 -14.82 -0.83
N PRO C 49 -15.46 -15.82 -1.54
CA PRO C 49 -16.91 -16.02 -1.56
C PRO C 49 -17.29 -16.96 -0.42
N PRO C 50 -18.56 -16.96 -0.01
CA PRO C 50 -18.96 -17.86 1.08
C PRO C 50 -19.24 -19.27 0.55
N THR C 51 -18.93 -20.28 1.35
CA THR C 51 -19.20 -21.67 0.96
C THR C 51 -19.56 -22.44 2.22
N LEU C 52 -20.78 -22.24 2.68
CA LEU C 52 -21.28 -22.87 3.90
C LEU C 52 -21.24 -24.38 3.87
N VAL C 53 -21.41 -24.97 2.69
CA VAL C 53 -21.39 -26.43 2.58
C VAL C 53 -20.00 -27.01 2.41
N ILE C 54 -19.14 -26.31 1.68
CA ILE C 54 -17.77 -26.80 1.46
C ILE C 54 -16.77 -26.46 2.57
N THR C 55 -16.54 -25.17 2.80
CA THR C 55 -15.58 -24.71 3.81
C THR C 55 -16.21 -24.41 5.16
N GLY C 56 -17.43 -23.88 5.13
CA GLY C 56 -18.12 -23.53 6.35
C GLY C 56 -18.09 -22.03 6.54
N ASP C 57 -17.35 -21.33 5.68
CA ASP C 57 -17.25 -19.87 5.77
C ASP C 57 -18.46 -19.14 5.17
N SER C 58 -18.87 -18.08 5.85
CA SER C 58 -19.99 -17.26 5.41
C SER C 58 -19.43 -15.86 5.17
N MET C 59 -20.28 -14.99 4.65
CA MET C 59 -19.89 -13.61 4.40
C MET C 59 -19.49 -12.97 5.72
N ASP C 60 -20.27 -13.23 6.77
CA ASP C 60 -19.99 -12.66 8.09
C ASP C 60 -18.73 -13.20 8.74
N SER C 61 -18.54 -14.52 8.72
CA SER C 61 -17.35 -15.09 9.34
C SER C 61 -16.10 -14.62 8.62
N ILE C 62 -16.18 -14.56 7.28
CA ILE C 62 -15.04 -14.12 6.48
C ILE C 62 -14.66 -12.68 6.82
N GLU C 63 -15.66 -11.81 6.78
CA GLU C 63 -15.46 -10.39 7.06
C GLU C 63 -14.93 -10.19 8.47
N SER C 64 -15.55 -10.87 9.43
CA SER C 64 -15.12 -10.75 10.83
C SER C 64 -13.68 -11.21 11.03
N ALA C 65 -13.31 -12.32 10.40
CA ALA C 65 -11.96 -12.85 10.52
C ALA C 65 -10.92 -11.85 10.00
N ILE C 66 -11.21 -11.24 8.85
CA ILE C 66 -10.28 -10.27 8.28
C ILE C 66 -10.22 -9.01 9.14
N HIS C 67 -11.38 -8.54 9.59
CA HIS C 67 -11.43 -7.32 10.39
C HIS C 67 -10.84 -7.41 11.79
N HIS C 68 -11.10 -8.52 12.48
CA HIS C 68 -10.65 -8.67 13.86
C HIS C 68 -9.39 -9.49 14.11
N VAL C 69 -8.94 -10.24 13.11
CA VAL C 69 -7.77 -11.07 13.31
C VAL C 69 -6.63 -10.84 12.33
N LEU C 70 -6.91 -10.97 11.03
CA LEU C 70 -5.86 -10.80 10.05
C LEU C 70 -5.43 -9.34 9.92
N LYS C 71 -6.38 -8.43 9.81
CA LYS C 71 -6.09 -7.01 9.69
C LYS C 71 -5.17 -6.46 10.80
N PRO C 72 -5.58 -6.56 12.08
CA PRO C 72 -4.71 -6.03 13.13
C PRO C 72 -3.32 -6.69 13.22
N ALA C 73 -3.16 -7.86 12.61
CA ALA C 73 -1.88 -8.53 12.64
C ALA C 73 -0.98 -8.09 11.49
N LEU C 74 -1.58 -7.50 10.46
CA LEU C 74 -0.83 -7.05 9.29
C LEU C 74 -0.59 -5.54 9.13
N LEU C 75 -1.51 -4.70 9.62
CA LEU C 75 -1.33 -3.24 9.51
C LEU C 75 -0.03 -2.77 10.15
N GLY C 76 0.83 -2.14 9.35
CA GLY C 76 2.10 -1.65 9.86
C GLY C 76 3.28 -2.55 9.51
N LYS C 77 2.97 -3.77 9.07
CA LYS C 77 3.98 -4.75 8.69
C LYS C 77 4.56 -4.43 7.31
N SER C 78 5.73 -5.01 7.03
CA SER C 78 6.39 -4.83 5.74
C SER C 78 6.59 -6.21 5.11
N LEU C 79 6.67 -6.27 3.79
CA LEU C 79 6.86 -7.55 3.11
C LEU C 79 8.31 -7.97 2.92
N ALA C 80 9.16 -7.59 3.87
CA ALA C 80 10.58 -7.97 3.80
C ALA C 80 10.68 -9.45 4.17
N GLY C 81 9.84 -9.87 5.10
CA GLY C 81 9.82 -11.26 5.54
C GLY C 81 8.49 -11.93 5.23
N TYR C 82 8.37 -12.44 4.00
CA TYR C 82 7.15 -13.09 3.56
C TYR C 82 6.86 -14.40 4.31
N GLU C 83 7.92 -15.16 4.57
CA GLU C 83 7.82 -16.42 5.29
C GLU C 83 7.05 -16.25 6.61
N ALA C 84 7.41 -15.23 7.39
CA ALA C 84 6.77 -14.98 8.68
C ALA C 84 5.33 -14.49 8.55
N ILE C 85 5.08 -13.63 7.57
CA ILE C 85 3.73 -13.11 7.37
C ILE C 85 2.76 -14.22 6.97
N LEU C 86 3.15 -15.04 6.00
CA LEU C 86 2.31 -16.13 5.55
C LEU C 86 2.07 -17.10 6.70
N HIS C 87 3.12 -17.41 7.45
CA HIS C 87 2.96 -18.32 8.56
C HIS C 87 1.95 -17.76 9.56
N ASP C 88 2.11 -16.50 9.94
CA ASP C 88 1.20 -15.88 10.90
C ASP C 88 -0.25 -15.89 10.42
N ILE C 89 -0.45 -15.63 9.13
CA ILE C 89 -1.80 -15.62 8.57
C ILE C 89 -2.47 -16.99 8.68
N GLN C 90 -1.70 -18.05 8.43
CA GLN C 90 -2.26 -19.39 8.49
C GLN C 90 -2.45 -19.93 9.91
N HIS C 91 -1.70 -19.39 10.86
CA HIS C 91 -1.80 -19.87 12.24
C HIS C 91 -2.44 -18.95 13.28
N LEU C 92 -2.88 -17.76 12.87
CA LEU C 92 -3.52 -16.85 13.81
C LEU C 92 -4.87 -17.39 14.21
N LEU C 93 -5.47 -18.18 13.34
CA LEU C 93 -6.76 -18.78 13.63
C LEU C 93 -6.92 -20.07 12.85
N THR C 94 -7.76 -20.96 13.35
CA THR C 94 -8.01 -22.23 12.70
C THR C 94 -9.11 -22.05 11.68
N GLY C 95 -9.10 -22.87 10.64
CA GLY C 95 -10.13 -22.78 9.61
C GLY C 95 -10.11 -21.43 8.92
N ASN C 96 -11.30 -20.91 8.63
CA ASN C 96 -11.43 -19.61 7.96
C ASN C 96 -10.46 -19.53 6.77
N MET C 97 -10.38 -20.62 6.02
CA MET C 97 -9.48 -20.69 4.87
C MET C 97 -9.80 -19.64 3.80
N SER C 98 -11.08 -19.33 3.63
CA SER C 98 -11.48 -18.34 2.62
C SER C 98 -10.95 -16.95 2.97
N ALA C 99 -11.05 -16.57 4.25
CA ALA C 99 -10.56 -15.28 4.68
C ALA C 99 -9.04 -15.20 4.45
N LYS C 100 -8.34 -16.26 4.86
CA LYS C 100 -6.89 -16.32 4.69
C LYS C 100 -6.49 -16.23 3.22
N ALA C 101 -7.24 -16.90 2.35
CA ALA C 101 -6.95 -16.91 0.92
C ALA C 101 -7.10 -15.54 0.24
N ALA C 102 -8.17 -14.81 0.58
CA ALA C 102 -8.38 -13.49 -0.01
C ALA C 102 -7.25 -12.55 0.39
N VAL C 103 -6.78 -12.66 1.63
CA VAL C 103 -5.69 -11.82 2.10
C VAL C 103 -4.39 -12.23 1.38
N GLU C 104 -4.13 -13.53 1.29
CA GLU C 104 -2.94 -14.02 0.59
C GLU C 104 -2.93 -13.52 -0.85
N MET C 105 -4.09 -13.52 -1.50
CA MET C 105 -4.20 -13.06 -2.88
C MET C 105 -3.68 -11.63 -2.99
N ALA C 106 -4.21 -10.75 -2.14
CA ALA C 106 -3.81 -9.34 -2.14
C ALA C 106 -2.34 -9.16 -1.76
N LEU C 107 -1.82 -10.04 -0.92
CA LEU C 107 -0.43 -9.96 -0.51
C LEU C 107 0.50 -10.39 -1.65
N TYR C 108 0.12 -11.45 -2.35
CA TYR C 108 0.92 -11.93 -3.48
C TYR C 108 0.84 -10.92 -4.62
N ASP C 109 -0.32 -10.28 -4.78
CA ASP C 109 -0.53 -9.27 -5.80
C ASP C 109 0.47 -8.12 -5.52
N GLY C 110 0.47 -7.63 -4.29
CA GLY C 110 1.39 -6.57 -3.92
C GLY C 110 2.83 -6.98 -4.11
N TRP C 111 3.18 -8.19 -3.66
CA TRP C 111 4.55 -8.68 -3.78
C TRP C 111 5.03 -8.72 -5.24
N ALA C 112 4.18 -9.19 -6.14
CA ALA C 112 4.54 -9.24 -7.55
C ALA C 112 4.67 -7.83 -8.13
N GLN C 113 3.89 -6.90 -7.63
CA GLN C 113 3.96 -5.51 -8.09
C GLN C 113 5.31 -4.93 -7.68
N MET C 114 5.70 -5.17 -6.43
CA MET C 114 6.98 -4.70 -5.92
C MET C 114 8.13 -5.21 -6.80
N CYS C 115 8.03 -6.47 -7.23
CA CYS C 115 9.06 -7.07 -8.08
C CYS C 115 8.90 -6.63 -9.55
N GLY C 116 7.80 -5.95 -9.86
CA GLY C 116 7.58 -5.49 -11.23
C GLY C 116 7.28 -6.59 -12.25
N LEU C 117 6.63 -7.66 -11.81
CA LEU C 117 6.30 -8.76 -12.71
C LEU C 117 4.87 -9.24 -12.53
N PRO C 118 4.29 -9.79 -13.61
CA PRO C 118 2.92 -10.30 -13.51
C PRO C 118 3.04 -11.41 -12.46
N LEU C 119 2.02 -11.62 -11.63
CA LEU C 119 2.13 -12.65 -10.60
C LEU C 119 2.48 -14.03 -11.13
N TYR C 120 1.91 -14.42 -12.27
CA TYR C 120 2.20 -15.75 -12.80
C TYR C 120 3.67 -15.96 -13.15
N GLN C 121 4.36 -14.89 -13.56
CA GLN C 121 5.77 -15.04 -13.88
C GLN C 121 6.60 -15.09 -12.61
N MET C 122 6.19 -14.32 -11.60
CA MET C 122 6.92 -14.33 -10.33
C MET C 122 6.86 -15.72 -9.71
N LEU C 123 5.81 -16.47 -10.04
CA LEU C 123 5.60 -17.82 -9.53
C LEU C 123 6.18 -18.92 -10.42
N GLY C 124 6.65 -18.55 -11.62
CA GLY C 124 7.20 -19.54 -12.52
C GLY C 124 6.96 -19.25 -13.99
N GLY C 125 5.85 -18.60 -14.30
CA GLY C 125 5.53 -18.23 -15.68
C GLY C 125 5.63 -19.35 -16.71
N TYR C 126 5.17 -20.54 -16.36
CA TYR C 126 5.26 -21.65 -17.29
C TYR C 126 4.48 -21.46 -18.59
N ARG C 127 3.29 -20.87 -18.50
CA ARG C 127 2.47 -20.65 -19.69
C ARG C 127 1.76 -19.29 -19.65
N ASP C 128 1.49 -18.74 -20.83
CA ASP C 128 0.81 -17.44 -20.96
C ASP C 128 -0.69 -17.59 -21.19
N THR C 129 -1.08 -18.76 -21.68
CA THR C 129 -2.48 -19.03 -21.95
C THR C 129 -2.83 -20.41 -21.41
N LEU C 130 -4.12 -20.63 -21.18
CA LEU C 130 -4.58 -21.92 -20.66
C LEU C 130 -6.01 -22.20 -21.09
N GLU C 131 -6.34 -23.49 -21.23
CA GLU C 131 -7.68 -23.88 -21.64
C GLU C 131 -8.58 -24.16 -20.45
N THR C 132 -9.72 -23.48 -20.38
CA THR C 132 -10.66 -23.73 -19.30
C THR C 132 -11.81 -24.58 -19.85
N ASP C 133 -12.41 -25.38 -18.96
CA ASP C 133 -13.53 -26.21 -19.34
C ASP C 133 -14.78 -25.37 -19.17
N TYR C 134 -15.93 -25.92 -19.51
CA TYR C 134 -17.18 -25.19 -19.32
C TYR C 134 -18.19 -26.18 -18.78
N THR C 135 -19.03 -25.70 -17.86
CA THR C 135 -20.03 -26.55 -17.23
C THR C 135 -21.35 -26.64 -17.99
N VAL C 136 -21.81 -27.87 -18.16
CA VAL C 136 -23.07 -28.11 -18.84
C VAL C 136 -24.12 -28.25 -17.73
N SER C 137 -25.03 -27.29 -17.65
CA SER C 137 -26.07 -27.31 -16.62
C SER C 137 -26.91 -28.59 -16.64
N VAL C 138 -27.25 -29.07 -15.46
CA VAL C 138 -28.03 -30.29 -15.33
C VAL C 138 -29.47 -30.05 -15.82
N ASN C 139 -29.89 -30.90 -16.76
CA ASN C 139 -31.23 -30.83 -17.36
C ASN C 139 -31.53 -32.18 -17.98
N SER C 140 -32.46 -32.21 -18.93
CA SER C 140 -32.79 -33.44 -19.61
C SER C 140 -31.63 -33.82 -20.51
N PRO C 141 -31.37 -35.13 -20.68
CA PRO C 141 -30.26 -35.53 -21.54
C PRO C 141 -30.30 -34.88 -22.92
N GLU C 142 -31.52 -34.61 -23.39
CA GLU C 142 -31.72 -34.00 -24.69
C GLU C 142 -31.25 -32.54 -24.64
N GLU C 143 -31.57 -31.85 -23.54
CA GLU C 143 -31.18 -30.45 -23.40
C GLU C 143 -29.70 -30.24 -23.09
N MET C 144 -29.11 -31.15 -22.33
CA MET C 144 -27.70 -31.03 -21.98
C MET C 144 -26.86 -31.25 -23.24
N ALA C 145 -27.24 -32.23 -24.05
CA ALA C 145 -26.52 -32.53 -25.29
C ALA C 145 -26.59 -31.32 -26.22
N ALA C 146 -27.72 -30.62 -26.23
CA ALA C 146 -27.88 -29.45 -27.07
C ALA C 146 -26.93 -28.33 -26.61
N ASP C 147 -26.88 -28.10 -25.30
CA ASP C 147 -26.01 -27.09 -24.74
C ASP C 147 -24.55 -27.44 -25.01
N ALA C 148 -24.21 -28.71 -24.79
CA ALA C 148 -22.86 -29.20 -25.01
C ALA C 148 -22.38 -28.90 -26.43
N GLU C 149 -23.17 -29.28 -27.43
CA GLU C 149 -22.79 -29.04 -28.83
C GLU C 149 -22.58 -27.55 -29.05
N ASN C 150 -23.45 -26.76 -28.44
CA ASN C 150 -23.39 -25.31 -28.54
C ASN C 150 -22.06 -24.76 -27.98
N TYR C 151 -21.61 -25.33 -26.87
CA TYR C 151 -20.36 -24.89 -26.25
C TYR C 151 -19.20 -25.36 -27.10
N LEU C 152 -19.37 -26.53 -27.71
CA LEU C 152 -18.35 -27.09 -28.58
C LEU C 152 -18.09 -26.15 -29.75
N LYS C 153 -19.16 -25.64 -30.35
CA LYS C 153 -19.04 -24.71 -31.48
C LYS C 153 -18.36 -23.41 -31.07
N GLN C 154 -18.55 -23.02 -29.81
CA GLN C 154 -17.96 -21.78 -29.30
C GLN C 154 -16.47 -21.92 -28.97
N GLY C 155 -15.93 -23.13 -29.09
CA GLY C 155 -14.52 -23.31 -28.80
C GLY C 155 -14.14 -24.14 -27.57
N PHE C 156 -15.12 -24.67 -26.86
CA PHE C 156 -14.81 -25.49 -25.68
C PHE C 156 -14.67 -26.97 -26.03
N GLN C 157 -13.47 -27.52 -25.85
CA GLN C 157 -13.24 -28.93 -26.14
C GLN C 157 -13.30 -29.77 -24.86
N THR C 158 -13.47 -29.11 -23.72
CA THR C 158 -13.57 -29.81 -22.44
C THR C 158 -14.80 -29.29 -21.71
N LEU C 159 -15.66 -30.21 -21.28
CA LEU C 159 -16.87 -29.84 -20.58
C LEU C 159 -16.95 -30.56 -19.23
N LYS C 160 -17.57 -29.91 -18.26
CA LYS C 160 -17.72 -30.50 -16.94
C LYS C 160 -19.19 -30.75 -16.64
N ILE C 161 -19.47 -31.95 -16.12
CA ILE C 161 -20.83 -32.31 -15.78
C ILE C 161 -20.93 -32.77 -14.33
N LYS C 162 -21.88 -32.20 -13.60
CA LYS C 162 -22.10 -32.57 -12.21
C LYS C 162 -22.96 -33.82 -12.14
N VAL C 163 -22.51 -34.80 -11.38
CA VAL C 163 -23.25 -36.06 -11.23
C VAL C 163 -23.31 -36.47 -9.75
N GLY C 164 -23.98 -37.58 -9.49
CA GLY C 164 -24.07 -38.09 -8.14
C GLY C 164 -25.22 -37.59 -7.29
N LYS C 165 -26.14 -36.84 -7.88
CA LYS C 165 -27.28 -36.33 -7.15
C LYS C 165 -28.48 -37.22 -7.45
N ASP C 166 -28.78 -37.36 -8.74
CA ASP C 166 -29.89 -38.18 -9.19
C ASP C 166 -29.47 -39.64 -9.34
N ASP C 167 -30.34 -40.42 -9.97
CA ASP C 167 -30.09 -41.85 -10.20
C ASP C 167 -28.84 -42.02 -11.05
N ILE C 168 -28.13 -43.12 -10.86
CA ILE C 168 -26.95 -43.40 -11.65
C ILE C 168 -27.36 -43.50 -13.12
N ALA C 169 -28.52 -44.12 -13.36
CA ALA C 169 -29.03 -44.30 -14.71
C ALA C 169 -29.26 -42.95 -15.36
N THR C 170 -29.78 -42.01 -14.60
CA THR C 170 -30.06 -40.66 -15.10
C THR C 170 -28.75 -39.96 -15.48
N ASP C 171 -27.70 -40.17 -14.68
CA ASP C 171 -26.41 -39.57 -14.97
C ASP C 171 -25.89 -40.15 -16.27
N ILE C 172 -25.91 -41.48 -16.36
CA ILE C 172 -25.45 -42.18 -17.55
C ILE C 172 -26.22 -41.80 -18.80
N ALA C 173 -27.54 -41.70 -18.68
CA ALA C 173 -28.36 -41.33 -19.84
C ALA C 173 -27.96 -39.94 -20.33
N ARG C 174 -27.80 -39.00 -19.39
CA ARG C 174 -27.41 -37.65 -19.75
C ARG C 174 -26.00 -37.58 -20.35
N ILE C 175 -25.07 -38.34 -19.78
CA ILE C 175 -23.70 -38.34 -20.29
C ILE C 175 -23.57 -39.06 -21.63
N GLN C 176 -24.25 -40.19 -21.78
CA GLN C 176 -24.20 -40.95 -23.02
C GLN C 176 -24.78 -40.14 -24.18
N GLU C 177 -25.84 -39.40 -23.91
CA GLU C 177 -26.46 -38.57 -24.94
C GLU C 177 -25.47 -37.48 -25.38
N ILE C 178 -24.67 -37.01 -24.43
CA ILE C 178 -23.68 -35.97 -24.72
C ILE C 178 -22.48 -36.52 -25.48
N ARG C 179 -21.92 -37.62 -25.01
CA ARG C 179 -20.76 -38.24 -25.64
C ARG C 179 -21.05 -38.59 -27.09
N LYS C 180 -22.19 -39.23 -27.32
CA LYS C 180 -22.58 -39.62 -28.68
C LYS C 180 -22.78 -38.38 -29.56
N ARG C 181 -23.28 -37.30 -28.96
CA ARG C 181 -23.55 -36.07 -29.69
C ARG C 181 -22.36 -35.19 -30.05
N VAL C 182 -21.37 -35.09 -29.16
CA VAL C 182 -20.22 -34.25 -29.43
C VAL C 182 -19.02 -34.99 -30.01
N GLY C 183 -18.99 -36.31 -29.85
CA GLY C 183 -17.89 -37.09 -30.36
C GLY C 183 -16.97 -37.53 -29.23
N SER C 184 -16.16 -38.55 -29.48
CA SER C 184 -15.26 -39.10 -28.47
C SER C 184 -13.98 -38.31 -28.17
N ALA C 185 -13.60 -37.42 -29.09
CA ALA C 185 -12.39 -36.63 -28.88
C ALA C 185 -12.56 -35.67 -27.71
N VAL C 186 -13.69 -34.97 -27.69
CA VAL C 186 -13.97 -34.03 -26.62
C VAL C 186 -13.73 -34.69 -25.26
N LYS C 187 -13.33 -33.88 -24.29
CA LYS C 187 -13.06 -34.38 -22.95
C LYS C 187 -14.20 -34.02 -22.02
N LEU C 188 -14.72 -35.02 -21.33
CA LEU C 188 -15.82 -34.83 -20.39
C LEU C 188 -15.31 -35.07 -18.96
N ARG C 189 -15.43 -34.06 -18.12
CA ARG C 189 -15.01 -34.14 -16.72
C ARG C 189 -16.24 -34.24 -15.85
N LEU C 190 -16.23 -35.18 -14.91
CA LEU C 190 -17.37 -35.33 -14.02
C LEU C 190 -16.98 -34.96 -12.60
N ASP C 191 -17.92 -34.35 -11.88
CA ASP C 191 -17.71 -34.01 -10.48
C ASP C 191 -18.88 -34.60 -9.72
N ALA C 192 -18.63 -35.66 -8.97
CA ALA C 192 -19.65 -36.35 -8.20
C ALA C 192 -19.96 -35.66 -6.88
N ASN C 193 -19.24 -34.58 -6.58
CA ASN C 193 -19.44 -33.82 -5.34
C ASN C 193 -19.84 -34.67 -4.12
N GLN C 194 -19.04 -35.71 -3.85
CA GLN C 194 -19.26 -36.59 -2.70
C GLN C 194 -20.60 -37.31 -2.65
N GLY C 195 -21.29 -37.40 -3.80
CA GLY C 195 -22.59 -38.02 -3.81
C GLY C 195 -22.72 -39.53 -3.83
N TRP C 196 -21.62 -40.25 -3.98
CA TRP C 196 -21.69 -41.71 -4.02
C TRP C 196 -20.94 -42.42 -2.89
N ARG C 197 -21.35 -43.65 -2.63
CA ARG C 197 -20.70 -44.49 -1.64
C ARG C 197 -19.64 -45.18 -2.50
N PRO C 198 -18.53 -45.62 -1.90
CA PRO C 198 -17.49 -46.29 -2.70
C PRO C 198 -17.93 -47.38 -3.68
N LYS C 199 -18.68 -48.38 -3.20
CA LYS C 199 -19.11 -49.42 -4.12
C LYS C 199 -20.03 -48.85 -5.18
N GLU C 200 -20.91 -47.93 -4.77
CA GLU C 200 -21.85 -47.30 -5.70
C GLU C 200 -21.10 -46.52 -6.80
N ALA C 201 -19.98 -45.91 -6.43
CA ALA C 201 -19.19 -45.13 -7.39
C ALA C 201 -18.47 -46.03 -8.39
N VAL C 202 -17.89 -47.14 -7.91
CA VAL C 202 -17.19 -48.08 -8.78
C VAL C 202 -18.16 -48.63 -9.82
N THR C 203 -19.38 -48.94 -9.36
CA THR C 203 -20.41 -49.48 -10.25
C THR C 203 -20.74 -48.46 -11.34
N ALA C 204 -21.06 -47.23 -10.94
CA ALA C 204 -21.40 -46.18 -11.89
C ALA C 204 -20.26 -45.91 -12.88
N ILE C 205 -19.06 -45.68 -12.36
CA ILE C 205 -17.92 -45.39 -13.22
C ILE C 205 -17.68 -46.56 -14.18
N ARG C 206 -17.91 -47.79 -13.72
CA ARG C 206 -17.72 -48.95 -14.58
C ARG C 206 -18.81 -49.04 -15.65
N LYS C 207 -20.02 -48.61 -15.31
CA LYS C 207 -21.13 -48.64 -16.26
C LYS C 207 -20.86 -47.68 -17.42
N MET C 208 -20.26 -46.53 -17.12
CA MET C 208 -19.94 -45.55 -18.16
C MET C 208 -18.80 -46.08 -19.02
N GLU C 209 -17.95 -46.91 -18.42
CA GLU C 209 -16.83 -47.51 -19.11
C GLU C 209 -17.39 -48.50 -20.13
N ASP C 210 -18.32 -49.33 -19.69
CA ASP C 210 -18.94 -50.32 -20.56
C ASP C 210 -19.70 -49.64 -21.70
N ALA C 211 -20.21 -48.45 -21.43
CA ALA C 211 -20.94 -47.70 -22.44
C ALA C 211 -19.97 -46.93 -23.32
N GLY C 212 -18.67 -47.13 -23.09
CA GLY C 212 -17.66 -46.43 -23.86
C GLY C 212 -17.88 -44.92 -23.91
N LEU C 213 -18.13 -44.31 -22.75
CA LEU C 213 -18.35 -42.87 -22.70
C LEU C 213 -17.07 -42.02 -22.68
N GLY C 214 -15.93 -42.67 -22.52
CA GLY C 214 -14.66 -41.96 -22.51
C GLY C 214 -14.52 -40.80 -21.52
N ILE C 215 -14.88 -41.04 -20.26
CA ILE C 215 -14.78 -40.01 -19.23
C ILE C 215 -13.31 -39.65 -18.94
N GLU C 216 -12.99 -38.36 -19.03
CA GLU C 216 -11.62 -37.91 -18.77
C GLU C 216 -11.25 -38.15 -17.30
N LEU C 217 -12.14 -37.78 -16.40
CA LEU C 217 -11.87 -37.96 -14.97
C LEU C 217 -13.11 -37.80 -14.12
N VAL C 218 -13.06 -38.36 -12.91
CA VAL C 218 -14.17 -38.24 -11.97
C VAL C 218 -13.66 -37.58 -10.70
N GLU C 219 -14.25 -36.43 -10.39
CA GLU C 219 -13.86 -35.68 -9.22
C GLU C 219 -14.61 -36.13 -7.95
N GLN C 220 -13.85 -36.33 -6.87
CA GLN C 220 -14.38 -36.68 -5.56
C GLN C 220 -15.68 -37.51 -5.56
N PRO C 221 -15.60 -38.79 -5.97
CA PRO C 221 -16.82 -39.62 -5.99
C PRO C 221 -17.44 -39.89 -4.63
N VAL C 222 -16.62 -39.93 -3.58
CA VAL C 222 -17.08 -40.22 -2.22
C VAL C 222 -16.89 -39.07 -1.22
N HIS C 223 -17.40 -39.29 0.00
CA HIS C 223 -17.32 -38.32 1.09
C HIS C 223 -15.87 -37.90 1.31
N LYS C 224 -15.65 -36.61 1.50
CA LYS C 224 -14.30 -36.08 1.69
C LYS C 224 -13.45 -36.73 2.76
N ASP C 225 -14.08 -37.26 3.80
CA ASP C 225 -13.35 -37.90 4.89
C ASP C 225 -13.08 -39.40 4.68
N ASP C 226 -13.69 -39.96 3.65
CA ASP C 226 -13.57 -41.37 3.34
C ASP C 226 -12.40 -41.66 2.40
N LEU C 227 -11.17 -41.49 2.89
CA LEU C 227 -9.99 -41.72 2.07
C LEU C 227 -9.87 -43.16 1.61
N ALA C 228 -10.20 -44.10 2.50
CA ALA C 228 -10.13 -45.52 2.16
C ALA C 228 -11.08 -45.79 1.00
N GLY C 229 -12.25 -45.15 1.03
CA GLY C 229 -13.24 -45.34 0.00
C GLY C 229 -12.82 -44.67 -1.30
N LEU C 230 -12.22 -43.49 -1.19
CA LEU C 230 -11.75 -42.76 -2.36
C LEU C 230 -10.71 -43.66 -3.02
N LYS C 231 -9.82 -44.22 -2.21
CA LYS C 231 -8.77 -45.10 -2.74
C LYS C 231 -9.35 -46.36 -3.41
N LYS C 232 -10.44 -46.89 -2.85
CA LYS C 232 -11.07 -48.08 -3.42
C LYS C 232 -11.55 -47.78 -4.84
N VAL C 233 -12.17 -46.62 -5.02
CA VAL C 233 -12.68 -46.24 -6.33
C VAL C 233 -11.52 -46.06 -7.31
N THR C 234 -10.42 -45.49 -6.82
CA THR C 234 -9.24 -45.24 -7.63
C THR C 234 -8.64 -46.57 -8.12
N ASP C 235 -8.54 -47.56 -7.23
CA ASP C 235 -7.97 -48.84 -7.59
C ASP C 235 -8.92 -49.82 -8.27
N ALA C 236 -10.19 -49.46 -8.41
CA ALA C 236 -11.15 -50.37 -9.04
C ALA C 236 -11.60 -49.98 -10.44
N THR C 237 -11.25 -48.77 -10.86
CA THR C 237 -11.64 -48.30 -12.18
C THR C 237 -10.44 -47.98 -13.06
N ASP C 238 -10.72 -47.69 -14.33
CA ASP C 238 -9.69 -47.33 -15.30
C ASP C 238 -9.73 -45.83 -15.51
N THR C 239 -10.78 -45.20 -15.01
CA THR C 239 -10.96 -43.76 -15.12
C THR C 239 -10.15 -43.07 -14.02
N PRO C 240 -9.45 -41.99 -14.36
CA PRO C 240 -8.69 -41.35 -13.28
C PRO C 240 -9.60 -40.70 -12.24
N ILE C 241 -9.22 -40.80 -10.98
CA ILE C 241 -10.01 -40.24 -9.88
C ILE C 241 -9.32 -39.01 -9.30
N MET C 242 -10.06 -37.91 -9.23
CA MET C 242 -9.49 -36.65 -8.72
C MET C 242 -10.00 -36.24 -7.36
N ALA C 243 -9.07 -36.03 -6.43
CA ALA C 243 -9.41 -35.60 -5.08
C ALA C 243 -9.68 -34.10 -5.10
N ASP C 244 -10.78 -33.69 -4.48
CA ASP C 244 -11.11 -32.27 -4.38
C ASP C 244 -11.28 -31.95 -2.90
N GLU C 245 -12.51 -32.07 -2.42
CA GLU C 245 -12.79 -31.77 -1.03
C GLU C 245 -11.94 -32.57 -0.04
N SER C 246 -11.39 -33.71 -0.48
CA SER C 246 -10.52 -34.53 0.37
C SER C 246 -9.17 -33.86 0.56
N VAL C 247 -8.88 -32.83 -0.25
CA VAL C 247 -7.61 -32.12 -0.11
C VAL C 247 -7.76 -30.61 -0.07
N PHE C 248 -7.61 -30.04 1.12
CA PHE C 248 -7.66 -28.60 1.30
C PHE C 248 -6.25 -28.11 1.49
N THR C 249 -5.55 -28.74 2.43
CA THR C 249 -4.19 -28.37 2.80
C THR C 249 -3.08 -29.29 2.30
N PRO C 250 -1.82 -28.83 2.42
CA PRO C 250 -0.69 -29.66 1.98
C PRO C 250 -0.53 -30.94 2.81
N ARG C 251 -0.92 -30.87 4.08
CA ARG C 251 -0.84 -32.01 4.98
C ARG C 251 -1.82 -33.08 4.46
N GLN C 252 -3.02 -32.64 4.10
CA GLN C 252 -4.03 -33.54 3.57
C GLN C 252 -3.55 -34.07 2.21
N ALA C 253 -2.89 -33.20 1.45
CA ALA C 253 -2.37 -33.60 0.14
C ALA C 253 -1.34 -34.70 0.37
N PHE C 254 -0.54 -34.54 1.42
CA PHE C 254 0.48 -35.52 1.74
C PHE C 254 -0.15 -36.88 2.06
N GLU C 255 -1.25 -36.86 2.81
CA GLU C 255 -1.98 -38.06 3.20
C GLU C 255 -2.54 -38.82 2.00
N VAL C 256 -3.17 -38.08 1.10
CA VAL C 256 -3.75 -38.65 -0.11
C VAL C 256 -2.66 -39.22 -1.03
N LEU C 257 -1.52 -38.55 -1.10
CA LEU C 257 -0.41 -38.99 -1.95
C LEU C 257 0.34 -40.20 -1.38
N GLN C 258 0.55 -40.21 -0.06
CA GLN C 258 1.26 -41.31 0.56
C GLN C 258 0.44 -42.60 0.50
N THR C 259 -0.88 -42.47 0.58
CA THR C 259 -1.76 -43.64 0.54
C THR C 259 -2.19 -43.98 -0.89
N ARG C 260 -1.86 -43.12 -1.84
CA ARG C 260 -2.22 -43.32 -3.25
C ARG C 260 -3.72 -43.50 -3.40
N SER C 261 -4.49 -42.66 -2.71
CA SER C 261 -5.94 -42.74 -2.74
C SER C 261 -6.60 -42.05 -3.92
N ALA C 262 -5.82 -41.36 -4.75
CA ALA C 262 -6.37 -40.67 -5.90
C ALA C 262 -5.32 -40.48 -6.99
N ASP C 263 -5.79 -40.32 -8.22
CA ASP C 263 -4.90 -40.16 -9.37
C ASP C 263 -4.50 -38.70 -9.61
N LEU C 264 -5.40 -37.78 -9.27
CA LEU C 264 -5.16 -36.37 -9.46
C LEU C 264 -5.67 -35.57 -8.26
N ILE C 265 -5.29 -34.29 -8.18
CA ILE C 265 -5.73 -33.43 -7.09
C ILE C 265 -6.20 -32.11 -7.64
N ASN C 266 -7.38 -31.68 -7.21
CA ASN C 266 -7.93 -30.40 -7.65
C ASN C 266 -7.59 -29.39 -6.56
N ILE C 267 -6.90 -28.31 -6.95
CA ILE C 267 -6.49 -27.27 -6.00
C ILE C 267 -7.38 -26.03 -6.13
N LYS C 268 -7.73 -25.45 -5.00
CA LYS C 268 -8.53 -24.24 -4.97
C LYS C 268 -7.96 -23.33 -3.88
N LEU C 269 -7.74 -22.06 -4.21
CA LEU C 269 -7.17 -21.12 -3.26
C LEU C 269 -7.98 -21.01 -1.97
N MET C 270 -9.31 -20.96 -2.09
CA MET C 270 -10.16 -20.86 -0.90
C MET C 270 -9.89 -22.01 0.08
N LYS C 271 -9.70 -23.22 -0.47
CA LYS C 271 -9.46 -24.39 0.37
C LYS C 271 -8.08 -24.38 1.02
N ALA C 272 -7.08 -23.96 0.25
CA ALA C 272 -5.71 -23.94 0.76
C ALA C 272 -5.37 -22.71 1.60
N GLY C 273 -6.30 -21.78 1.71
CA GLY C 273 -6.03 -20.58 2.48
C GLY C 273 -5.11 -19.63 1.73
N GLY C 274 -5.03 -19.80 0.41
CA GLY C 274 -4.19 -18.93 -0.39
C GLY C 274 -3.28 -19.64 -1.37
N ILE C 275 -2.30 -18.88 -1.85
CA ILE C 275 -1.34 -19.36 -2.84
C ILE C 275 -0.16 -20.15 -2.26
N SER C 276 0.27 -19.83 -1.04
CA SER C 276 1.40 -20.54 -0.44
C SER C 276 1.09 -22.03 -0.27
N GLY C 277 -0.08 -22.33 0.31
CA GLY C 277 -0.47 -23.72 0.49
C GLY C 277 -0.70 -24.41 -0.85
N ALA C 278 -1.40 -23.72 -1.77
CA ALA C 278 -1.69 -24.28 -3.09
C ALA C 278 -0.38 -24.68 -3.76
N GLU C 279 0.62 -23.83 -3.61
CA GLU C 279 1.93 -24.05 -4.19
C GLU C 279 2.62 -25.27 -3.57
N LYS C 280 2.42 -25.48 -2.27
CA LYS C 280 3.01 -26.62 -1.58
C LYS C 280 2.33 -27.94 -2.01
N ILE C 281 1.02 -27.88 -2.21
CA ILE C 281 0.27 -29.06 -2.62
C ILE C 281 0.77 -29.54 -3.97
N ASN C 282 0.86 -28.62 -4.91
CA ASN C 282 1.34 -28.93 -6.25
C ASN C 282 2.76 -29.47 -6.26
N ALA C 283 3.64 -28.87 -5.46
CA ALA C 283 5.03 -29.31 -5.40
C ALA C 283 5.07 -30.76 -4.92
N MET C 284 4.30 -31.05 -3.87
CA MET C 284 4.21 -32.41 -3.30
C MET C 284 3.76 -33.41 -4.37
N ALA C 285 2.64 -33.09 -5.01
CA ALA C 285 2.05 -33.93 -6.05
C ALA C 285 3.05 -34.20 -7.17
N GLU C 286 3.63 -33.13 -7.69
CA GLU C 286 4.62 -33.23 -8.77
C GLU C 286 5.71 -34.23 -8.39
N ALA C 287 6.23 -34.11 -7.17
CA ALA C 287 7.26 -35.01 -6.69
C ALA C 287 6.78 -36.46 -6.70
N CYS C 288 5.47 -36.64 -6.62
CA CYS C 288 4.89 -37.98 -6.61
C CYS C 288 4.35 -38.36 -7.99
N GLY C 289 4.65 -37.55 -8.99
CA GLY C 289 4.19 -37.82 -10.35
C GLY C 289 2.70 -37.63 -10.52
N VAL C 290 2.08 -36.89 -9.59
CA VAL C 290 0.65 -36.64 -9.63
C VAL C 290 0.36 -35.23 -10.11
N GLU C 291 -0.33 -35.13 -11.25
CA GLU C 291 -0.68 -33.84 -11.84
C GLU C 291 -1.87 -33.21 -11.11
N CYS C 292 -1.98 -31.89 -11.19
CA CYS C 292 -3.06 -31.19 -10.51
C CYS C 292 -3.88 -30.32 -11.45
N MET C 293 -5.05 -29.96 -10.98
CA MET C 293 -5.97 -29.08 -11.69
C MET C 293 -6.26 -27.95 -10.71
N VAL C 294 -6.57 -26.76 -11.22
CA VAL C 294 -6.91 -25.66 -10.34
C VAL C 294 -8.34 -25.23 -10.68
N GLY C 295 -9.19 -25.14 -9.67
CA GLY C 295 -10.56 -24.72 -9.88
C GLY C 295 -10.85 -23.48 -9.05
N SER C 296 -12.08 -23.38 -8.58
CA SER C 296 -12.46 -22.24 -7.76
C SER C 296 -13.86 -22.48 -7.24
N MET C 297 -14.35 -21.50 -6.49
CA MET C 297 -15.70 -21.54 -5.96
C MET C 297 -16.42 -20.56 -6.89
N ILE C 298 -17.67 -20.21 -6.55
CA ILE C 298 -18.40 -19.27 -7.38
C ILE C 298 -17.79 -17.90 -7.10
N GLU C 299 -16.92 -17.47 -8.02
CA GLU C 299 -16.21 -16.21 -7.89
C GLU C 299 -16.21 -15.39 -9.18
N THR C 300 -16.00 -14.08 -9.04
CA THR C 300 -15.93 -13.17 -10.18
C THR C 300 -14.56 -13.34 -10.83
N LYS C 301 -14.25 -12.49 -11.81
CA LYS C 301 -12.97 -12.57 -12.50
C LYS C 301 -11.77 -12.25 -11.58
N LEU C 302 -12.00 -11.62 -10.44
CA LEU C 302 -10.89 -11.33 -9.53
C LEU C 302 -10.34 -12.64 -8.97
N GLY C 303 -11.21 -13.40 -8.29
CA GLY C 303 -10.77 -14.66 -7.72
C GLY C 303 -10.21 -15.61 -8.76
N ILE C 304 -10.81 -15.59 -9.95
CA ILE C 304 -10.35 -16.44 -11.02
C ILE C 304 -8.99 -15.99 -11.53
N THR C 305 -8.76 -14.68 -11.57
CA THR C 305 -7.48 -14.17 -12.04
C THR C 305 -6.34 -14.65 -11.13
N ALA C 306 -6.56 -14.59 -9.82
CA ALA C 306 -5.54 -15.05 -8.88
C ALA C 306 -5.30 -16.55 -9.10
N ALA C 307 -6.39 -17.30 -9.18
CA ALA C 307 -6.31 -18.74 -9.41
C ALA C 307 -5.56 -19.03 -10.71
N ALA C 308 -5.86 -18.25 -11.75
CA ALA C 308 -5.23 -18.46 -13.05
C ALA C 308 -3.75 -18.12 -13.05
N HIS C 309 -3.37 -17.08 -12.31
CA HIS C 309 -1.96 -16.70 -12.23
C HIS C 309 -1.19 -17.84 -11.56
N PHE C 310 -1.77 -18.40 -10.49
CA PHE C 310 -1.11 -19.51 -9.83
C PHE C 310 -1.05 -20.70 -10.79
N ALA C 311 -2.19 -21.05 -11.39
CA ALA C 311 -2.28 -22.18 -12.32
C ALA C 311 -1.35 -22.09 -13.52
N ALA C 312 -1.26 -20.91 -14.12
CA ALA C 312 -0.41 -20.70 -15.29
C ALA C 312 1.08 -20.79 -15.01
N SER C 313 1.47 -20.56 -13.77
CA SER C 313 2.89 -20.58 -13.41
C SER C 313 3.54 -21.95 -13.24
N LYS C 314 2.77 -22.98 -12.94
CA LYS C 314 3.34 -24.30 -12.70
C LYS C 314 3.18 -25.30 -13.84
N ARG C 315 4.28 -26.00 -14.14
CA ARG C 315 4.28 -27.01 -15.18
C ARG C 315 3.40 -28.20 -14.82
N ASN C 316 3.39 -28.56 -13.54
CA ASN C 316 2.62 -29.72 -13.08
C ASN C 316 1.10 -29.49 -13.03
N ILE C 317 0.66 -28.25 -13.26
CA ILE C 317 -0.77 -27.95 -13.28
C ILE C 317 -1.15 -27.99 -14.76
N THR C 318 -1.91 -29.02 -15.14
CA THR C 318 -2.29 -29.25 -16.54
C THR C 318 -3.76 -29.14 -16.89
N ARG C 319 -4.60 -28.85 -15.90
CA ARG C 319 -6.03 -28.74 -16.16
C ARG C 319 -6.58 -27.51 -15.45
N PHE C 320 -7.58 -26.89 -16.07
CA PHE C 320 -8.15 -25.67 -15.50
C PHE C 320 -9.67 -25.64 -15.55
N ASP C 321 -10.25 -25.22 -14.43
CA ASP C 321 -11.71 -25.13 -14.31
C ASP C 321 -12.02 -23.72 -13.84
N PHE C 322 -12.10 -22.80 -14.80
CA PHE C 322 -12.35 -21.39 -14.52
C PHE C 322 -13.52 -20.77 -15.28
N ASP C 323 -14.67 -21.42 -15.27
CA ASP C 323 -15.82 -20.86 -16.00
C ASP C 323 -16.76 -20.02 -15.14
N ALA C 324 -16.52 -19.99 -13.83
CA ALA C 324 -17.37 -19.25 -12.90
C ALA C 324 -17.73 -17.83 -13.35
N PRO C 325 -16.74 -17.02 -13.77
CA PRO C 325 -17.04 -15.64 -14.20
C PRO C 325 -17.98 -15.59 -15.40
N LEU C 326 -17.92 -16.63 -16.23
CA LEU C 326 -18.77 -16.71 -17.40
C LEU C 326 -20.22 -17.01 -17.04
N MET C 327 -20.47 -17.28 -15.76
CA MET C 327 -21.82 -17.59 -15.27
C MET C 327 -22.47 -16.37 -14.63
N LEU C 328 -21.79 -15.22 -14.71
CA LEU C 328 -22.30 -13.99 -14.13
C LEU C 328 -22.85 -13.09 -15.24
N LYS C 329 -23.97 -12.43 -14.96
CA LYS C 329 -24.59 -11.57 -15.95
C LYS C 329 -23.71 -10.37 -16.33
N THR C 330 -22.75 -10.04 -15.48
CA THR C 330 -21.87 -8.93 -15.77
C THR C 330 -20.51 -9.05 -15.09
N ASP C 331 -19.49 -8.45 -15.71
CA ASP C 331 -18.14 -8.48 -15.19
C ASP C 331 -17.91 -7.18 -14.44
N VAL C 332 -17.74 -7.26 -13.12
CA VAL C 332 -17.56 -6.06 -12.32
C VAL C 332 -16.11 -5.60 -12.10
N PHE C 333 -15.15 -6.32 -12.67
CA PHE C 333 -13.75 -5.91 -12.51
C PHE C 333 -13.09 -5.53 -13.82
N ASN C 334 -12.23 -4.52 -13.75
CA ASN C 334 -11.51 -4.05 -14.91
C ASN C 334 -10.08 -4.57 -14.87
N GLY C 335 -9.69 -5.33 -15.88
CA GLY C 335 -8.36 -5.89 -15.93
C GLY C 335 -8.39 -7.39 -15.65
N GLY C 336 -7.24 -7.94 -15.24
CA GLY C 336 -7.17 -9.35 -14.95
C GLY C 336 -7.05 -10.18 -16.22
N ILE C 337 -7.30 -11.48 -16.13
CA ILE C 337 -7.19 -12.33 -17.31
C ILE C 337 -8.30 -12.00 -18.32
N THR C 338 -8.14 -12.45 -19.55
CA THR C 338 -9.12 -12.22 -20.59
C THR C 338 -9.56 -13.54 -21.21
N TYR C 339 -10.80 -13.59 -21.66
CA TYR C 339 -11.34 -14.80 -22.27
C TYR C 339 -11.50 -14.63 -23.78
N SER C 340 -11.19 -15.70 -24.51
CA SER C 340 -11.33 -15.74 -25.95
C SER C 340 -11.76 -17.19 -26.19
N GLY C 341 -13.06 -17.44 -26.02
CA GLY C 341 -13.54 -18.80 -26.18
C GLY C 341 -13.14 -19.55 -24.93
N SER C 342 -12.48 -20.69 -25.08
CA SER C 342 -12.05 -21.47 -23.93
C SER C 342 -10.65 -21.05 -23.50
N THR C 343 -10.04 -20.19 -24.30
CA THR C 343 -8.68 -19.72 -24.04
C THR C 343 -8.61 -18.54 -23.07
N ILE C 344 -7.84 -18.71 -22.00
CA ILE C 344 -7.66 -17.67 -21.01
C ILE C 344 -6.26 -17.12 -21.21
N SER C 345 -6.13 -15.79 -21.29
CA SER C 345 -4.83 -15.17 -21.49
C SER C 345 -4.39 -14.38 -20.27
N MET C 346 -3.11 -14.50 -19.93
CA MET C 346 -2.53 -13.77 -18.79
C MET C 346 -2.26 -12.32 -19.19
N PRO C 347 -2.51 -11.37 -18.28
CA PRO C 347 -2.25 -9.97 -18.61
C PRO C 347 -0.74 -9.68 -18.49
N GLY C 348 -0.32 -8.53 -18.99
CA GLY C 348 1.09 -8.19 -18.95
C GLY C 348 1.53 -7.26 -17.83
N LYS C 349 0.60 -6.60 -17.16
CA LYS C 349 0.96 -5.69 -16.06
C LYS C 349 1.41 -6.43 -14.80
N PRO C 350 2.19 -5.76 -13.95
CA PRO C 350 2.67 -6.38 -12.70
C PRO C 350 1.51 -6.86 -11.82
N GLY C 351 1.80 -7.87 -11.00
CA GLY C 351 0.79 -8.40 -10.10
C GLY C 351 -0.33 -9.15 -10.81
N LEU C 352 -1.54 -9.03 -10.27
CA LEU C 352 -2.71 -9.67 -10.84
C LEU C 352 -3.20 -9.02 -12.14
N GLY C 353 -2.92 -7.73 -12.29
CA GLY C 353 -3.35 -7.01 -13.48
C GLY C 353 -4.74 -6.42 -13.30
N ILE C 354 -5.23 -6.44 -12.07
CA ILE C 354 -6.55 -5.89 -11.75
C ILE C 354 -6.42 -4.38 -11.55
N ILE C 355 -7.16 -3.63 -12.37
CA ILE C 355 -7.14 -2.18 -12.32
C ILE C 355 -8.12 -1.62 -11.28
N GLY C 356 -9.32 -2.19 -11.24
CA GLY C 356 -10.32 -1.74 -10.29
C GLY C 356 -11.71 -2.20 -10.70
N ALA C 357 -12.73 -1.46 -10.29
CA ALA C 357 -14.10 -1.79 -10.63
C ALA C 357 -14.34 -1.50 -12.11
N ALA C 358 -15.31 -2.19 -12.70
CA ALA C 358 -15.61 -2.00 -14.12
C ALA C 358 -16.31 -0.66 -14.37
N MET D 1 15.13 -9.88 -18.71
CA MET D 1 16.29 -10.55 -18.05
C MET D 1 16.59 -11.86 -18.79
N LYS D 2 17.51 -11.81 -19.75
CA LYS D 2 17.88 -12.99 -20.52
C LYS D 2 19.31 -13.44 -20.31
N ILE D 3 19.53 -14.75 -20.42
CA ILE D 3 20.85 -15.33 -20.26
C ILE D 3 21.56 -15.18 -21.60
N ILE D 4 22.75 -14.59 -21.60
CA ILE D 4 23.48 -14.42 -22.84
C ILE D 4 24.84 -15.11 -22.85
N ARG D 5 25.32 -15.48 -21.67
CA ARG D 5 26.61 -16.14 -21.59
C ARG D 5 26.75 -16.98 -20.32
N ILE D 6 27.39 -18.14 -20.48
CA ILE D 6 27.62 -19.04 -19.36
C ILE D 6 29.06 -19.51 -19.45
N GLU D 7 29.83 -19.23 -18.40
CA GLU D 7 31.23 -19.59 -18.37
C GLU D 7 31.57 -20.36 -17.11
N THR D 8 32.65 -21.14 -17.19
CA THR D 8 33.08 -21.93 -16.04
C THR D 8 34.59 -21.77 -15.86
N SER D 9 35.05 -21.94 -14.63
CA SER D 9 36.46 -21.85 -14.31
C SER D 9 36.71 -22.74 -13.10
N ARG D 10 37.95 -23.20 -12.94
CA ARG D 10 38.30 -24.05 -11.82
C ARG D 10 39.18 -23.32 -10.82
N ILE D 11 38.89 -23.51 -9.54
CA ILE D 11 39.69 -22.90 -8.49
C ILE D 11 40.17 -23.99 -7.54
N ALA D 12 41.27 -23.72 -6.84
CA ALA D 12 41.82 -24.68 -5.90
C ALA D 12 42.34 -23.90 -4.71
N VAL D 13 41.59 -23.95 -3.61
CA VAL D 13 41.94 -23.24 -2.39
C VAL D 13 42.57 -24.20 -1.40
N PRO D 14 43.78 -23.90 -0.92
CA PRO D 14 44.46 -24.76 0.04
C PRO D 14 43.69 -24.91 1.35
N LEU D 15 43.63 -26.13 1.84
CA LEU D 15 42.94 -26.44 3.09
C LEU D 15 43.84 -26.11 4.26
N THR D 16 43.26 -25.62 5.36
CA THR D 16 44.05 -25.30 6.54
C THR D 16 44.58 -26.61 7.12
N LYS D 17 43.89 -27.70 6.82
CA LYS D 17 44.30 -29.02 7.29
C LYS D 17 43.90 -30.10 6.30
N PRO D 18 44.88 -30.59 5.52
CA PRO D 18 44.69 -31.63 4.51
C PRO D 18 44.21 -32.97 5.07
N PHE D 19 43.52 -33.74 4.24
CA PHE D 19 42.99 -35.03 4.64
C PHE D 19 43.26 -36.09 3.58
N LYS D 20 43.27 -37.36 4.01
CA LYS D 20 43.54 -38.47 3.10
C LYS D 20 42.28 -39.22 2.67
N THR D 21 42.27 -39.65 1.41
CA THR D 21 41.16 -40.41 0.84
C THR D 21 41.70 -41.81 0.56
N ALA D 22 40.84 -42.70 0.05
CA ALA D 22 41.25 -44.07 -0.23
C ALA D 22 42.26 -44.19 -1.37
N LEU D 23 42.74 -43.06 -1.89
CA LEU D 23 43.70 -43.09 -2.99
C LEU D 23 44.82 -42.05 -2.93
N ARG D 24 44.58 -40.93 -2.26
CA ARG D 24 45.59 -39.88 -2.19
C ARG D 24 45.47 -38.98 -0.96
N THR D 25 46.29 -37.92 -0.96
CA THR D 25 46.29 -36.93 0.10
C THR D 25 45.74 -35.65 -0.53
N VAL D 26 44.66 -35.12 0.03
CA VAL D 26 44.05 -33.90 -0.50
C VAL D 26 44.54 -32.66 0.24
N TYR D 27 45.07 -31.69 -0.51
CA TYR D 27 45.57 -30.46 0.09
C TYR D 27 44.75 -29.24 -0.30
N THR D 28 43.93 -29.36 -1.33
CA THR D 28 43.14 -28.24 -1.78
C THR D 28 41.67 -28.55 -1.97
N ALA D 29 40.85 -27.54 -1.77
CA ALA D 29 39.41 -27.67 -1.96
C ALA D 29 39.18 -27.18 -3.39
N GLU D 30 38.83 -28.10 -4.27
CA GLU D 30 38.58 -27.74 -5.67
C GLU D 30 37.09 -27.65 -5.95
N SER D 31 36.73 -26.80 -6.89
CA SER D 31 35.34 -26.65 -7.28
C SER D 31 35.26 -25.93 -8.62
N VAL D 32 34.14 -26.11 -9.31
CA VAL D 32 33.92 -25.45 -10.59
C VAL D 32 33.10 -24.21 -10.26
N ILE D 33 33.50 -23.07 -10.82
CA ILE D 33 32.80 -21.82 -10.60
C ILE D 33 32.04 -21.47 -11.86
N VAL D 34 30.75 -21.20 -11.71
CA VAL D 34 29.91 -20.84 -12.85
C VAL D 34 29.58 -19.36 -12.80
N ARG D 35 29.67 -18.70 -13.95
CA ARG D 35 29.34 -17.29 -14.07
C ARG D 35 28.34 -17.14 -15.19
N ILE D 36 27.13 -16.70 -14.86
CA ILE D 36 26.10 -16.51 -15.88
C ILE D 36 25.91 -15.01 -16.12
N THR D 37 26.13 -14.58 -17.36
CA THR D 37 25.98 -13.17 -17.68
C THR D 37 24.63 -12.93 -18.32
N TYR D 38 23.91 -11.92 -17.83
CA TYR D 38 22.59 -11.59 -18.35
C TYR D 38 22.66 -10.31 -19.20
N ASP D 39 21.67 -10.11 -20.06
CA ASP D 39 21.64 -8.95 -20.94
C ASP D 39 21.62 -7.62 -20.22
N SER D 40 21.23 -7.63 -18.96
CA SER D 40 21.18 -6.39 -18.19
C SER D 40 22.58 -6.03 -17.71
N GLY D 41 23.51 -6.96 -17.87
CA GLY D 41 24.88 -6.73 -17.44
C GLY D 41 25.17 -7.46 -16.14
N ALA D 42 24.11 -7.83 -15.42
CA ALA D 42 24.25 -8.54 -14.15
C ALA D 42 24.92 -9.89 -14.33
N VAL D 43 25.65 -10.32 -13.31
CA VAL D 43 26.34 -11.61 -13.34
C VAL D 43 25.87 -12.48 -12.18
N GLY D 44 25.52 -13.72 -12.49
CA GLY D 44 25.07 -14.67 -11.47
C GLY D 44 26.18 -15.66 -11.18
N TRP D 45 26.41 -15.96 -9.91
CA TRP D 45 27.46 -16.88 -9.54
C TRP D 45 26.98 -18.20 -8.96
N GLY D 46 27.75 -19.26 -9.24
CA GLY D 46 27.43 -20.59 -8.75
C GLY D 46 28.71 -21.36 -8.51
N GLU D 47 28.66 -22.38 -7.65
CA GLU D 47 29.83 -23.19 -7.34
C GLU D 47 29.48 -24.66 -7.15
N ALA D 48 30.41 -25.53 -7.48
CA ALA D 48 30.21 -26.96 -7.30
C ALA D 48 31.52 -27.70 -7.18
N PRO D 49 31.76 -28.33 -6.02
CA PRO D 49 32.97 -29.10 -5.78
C PRO D 49 32.69 -30.55 -6.14
N PRO D 50 33.74 -31.35 -6.37
CA PRO D 50 33.47 -32.75 -6.69
C PRO D 50 33.25 -33.50 -5.38
N THR D 51 32.49 -34.58 -5.43
CA THR D 51 32.21 -35.42 -4.26
C THR D 51 32.04 -36.83 -4.81
N LEU D 52 33.16 -37.41 -5.24
CA LEU D 52 33.19 -38.74 -5.84
C LEU D 52 32.52 -39.81 -4.98
N VAL D 53 32.61 -39.67 -3.66
CA VAL D 53 32.01 -40.64 -2.75
C VAL D 53 30.54 -40.35 -2.42
N ILE D 54 30.18 -39.08 -2.32
CA ILE D 54 28.80 -38.72 -1.98
C ILE D 54 27.82 -38.67 -3.15
N THR D 55 28.18 -37.93 -4.19
CA THR D 55 27.32 -37.77 -5.37
C THR D 55 27.81 -38.51 -6.58
N GLY D 56 29.12 -38.65 -6.70
CA GLY D 56 29.70 -39.33 -7.85
C GLY D 56 30.20 -38.31 -8.87
N ASP D 57 29.84 -37.04 -8.65
CA ASP D 57 30.25 -35.97 -9.55
C ASP D 57 31.73 -35.62 -9.38
N SER D 58 32.41 -35.40 -10.50
CA SER D 58 33.82 -35.01 -10.49
C SER D 58 33.96 -33.66 -11.20
N MET D 59 35.15 -33.07 -11.13
CA MET D 59 35.38 -31.78 -11.79
C MET D 59 35.02 -31.90 -13.28
N ASP D 60 35.50 -32.96 -13.92
CA ASP D 60 35.20 -33.17 -15.35
C ASP D 60 33.73 -33.42 -15.64
N SER D 61 33.07 -34.25 -14.83
CA SER D 61 31.67 -34.54 -15.08
C SER D 61 30.83 -33.28 -14.95
N ILE D 62 31.17 -32.45 -13.96
CA ILE D 62 30.45 -31.22 -13.72
C ILE D 62 30.61 -30.21 -14.87
N GLU D 63 31.85 -29.89 -15.22
CA GLU D 63 32.10 -28.94 -16.30
C GLU D 63 31.52 -29.41 -17.63
N SER D 64 31.65 -30.70 -17.92
CA SER D 64 31.12 -31.23 -19.16
C SER D 64 29.60 -31.12 -19.19
N ALA D 65 28.97 -31.45 -18.07
CA ALA D 65 27.52 -31.38 -17.99
C ALA D 65 27.06 -29.95 -18.24
N ILE D 66 27.70 -28.99 -17.59
CA ILE D 66 27.33 -27.59 -17.76
C ILE D 66 27.49 -27.13 -19.21
N HIS D 67 28.65 -27.41 -19.81
CA HIS D 67 28.91 -26.99 -21.18
C HIS D 67 28.12 -27.71 -22.25
N HIS D 68 28.03 -29.03 -22.16
CA HIS D 68 27.35 -29.83 -23.18
C HIS D 68 25.85 -30.01 -23.06
N VAL D 69 25.29 -29.79 -21.87
CA VAL D 69 23.87 -29.97 -21.69
C VAL D 69 23.13 -28.74 -21.17
N LEU D 70 23.49 -28.27 -19.98
CA LEU D 70 22.82 -27.13 -19.39
C LEU D 70 22.97 -25.82 -20.17
N LYS D 71 24.21 -25.47 -20.52
CA LYS D 71 24.47 -24.24 -21.25
C LYS D 71 23.66 -24.05 -22.54
N PRO D 72 23.77 -24.98 -23.51
CA PRO D 72 22.99 -24.80 -24.73
C PRO D 72 21.48 -24.72 -24.52
N ALA D 73 21.01 -25.16 -23.36
CA ALA D 73 19.59 -25.13 -23.05
C ALA D 73 19.15 -23.84 -22.38
N LEU D 74 20.08 -23.15 -21.72
CA LEU D 74 19.74 -21.92 -21.03
C LEU D 74 20.06 -20.63 -21.79
N LEU D 75 20.97 -20.71 -22.76
CA LEU D 75 21.32 -19.55 -23.55
C LEU D 75 20.11 -18.99 -24.27
N GLY D 76 19.81 -17.71 -24.02
CA GLY D 76 18.67 -17.08 -24.66
C GLY D 76 17.36 -17.17 -23.90
N LYS D 77 17.35 -17.88 -22.77
CA LYS D 77 16.12 -18.00 -21.99
C LYS D 77 15.94 -16.83 -21.04
N SER D 78 14.68 -16.47 -20.81
CA SER D 78 14.33 -15.36 -19.92
C SER D 78 13.94 -15.89 -18.53
N LEU D 79 14.31 -15.17 -17.48
CA LEU D 79 13.98 -15.61 -16.13
C LEU D 79 12.50 -15.44 -15.82
N ALA D 80 11.76 -14.83 -16.74
CA ALA D 80 10.32 -14.65 -16.55
C ALA D 80 9.69 -16.04 -16.65
N GLY D 81 10.40 -16.95 -17.31
CA GLY D 81 9.95 -18.33 -17.47
C GLY D 81 10.86 -19.24 -16.66
N TYR D 82 10.94 -18.98 -15.36
CA TYR D 82 11.79 -19.75 -14.46
C TYR D 82 11.45 -21.23 -14.33
N GLU D 83 10.16 -21.54 -14.21
CA GLU D 83 9.69 -22.92 -14.07
C GLU D 83 10.27 -23.81 -15.17
N ALA D 84 10.11 -23.40 -16.43
CA ALA D 84 10.61 -24.16 -17.57
C ALA D 84 12.13 -24.35 -17.48
N ILE D 85 12.84 -23.27 -17.15
CA ILE D 85 14.29 -23.35 -17.03
C ILE D 85 14.68 -24.37 -15.96
N LEU D 86 14.05 -24.28 -14.78
CA LEU D 86 14.36 -25.21 -13.70
C LEU D 86 14.03 -26.65 -14.10
N HIS D 87 12.93 -26.84 -14.82
CA HIS D 87 12.56 -28.18 -15.25
C HIS D 87 13.64 -28.73 -16.19
N ASP D 88 14.13 -27.89 -17.10
CA ASP D 88 15.17 -28.30 -18.03
C ASP D 88 16.46 -28.72 -17.32
N ILE D 89 16.91 -27.89 -16.39
CA ILE D 89 18.12 -28.17 -15.62
C ILE D 89 18.03 -29.51 -14.92
N GLN D 90 16.90 -29.75 -14.25
CA GLN D 90 16.69 -30.98 -13.50
C GLN D 90 16.37 -32.23 -14.31
N HIS D 91 15.84 -32.06 -15.52
CA HIS D 91 15.44 -33.23 -16.31
C HIS D 91 16.13 -33.51 -17.64
N LEU D 92 16.94 -32.58 -18.14
CA LEU D 92 17.64 -32.81 -19.40
C LEU D 92 18.61 -33.99 -19.27
N LEU D 93 19.10 -34.23 -18.06
CA LEU D 93 20.01 -35.35 -17.80
C LEU D 93 19.76 -35.85 -16.40
N THR D 94 20.03 -37.13 -16.16
CA THR D 94 19.80 -37.70 -14.84
C THR D 94 21.06 -37.49 -13.99
N GLY D 95 20.90 -37.56 -12.67
CA GLY D 95 22.04 -37.36 -11.78
C GLY D 95 22.71 -36.02 -12.04
N ASN D 96 24.03 -35.97 -11.93
CA ASN D 96 24.77 -34.73 -12.15
C ASN D 96 24.21 -33.59 -11.28
N MET D 97 23.80 -33.95 -10.06
CA MET D 97 23.21 -32.99 -9.12
C MET D 97 24.10 -31.78 -8.79
N SER D 98 25.41 -31.99 -8.71
CA SER D 98 26.35 -30.90 -8.40
C SER D 98 26.38 -29.87 -9.53
N ALA D 99 26.35 -30.34 -10.77
CA ALA D 99 26.35 -29.44 -11.92
C ALA D 99 25.04 -28.65 -11.95
N LYS D 100 23.94 -29.35 -11.65
CA LYS D 100 22.64 -28.70 -11.63
C LYS D 100 22.63 -27.65 -10.52
N ALA D 101 23.18 -28.00 -9.37
CA ALA D 101 23.23 -27.09 -8.24
C ALA D 101 23.98 -25.78 -8.56
N ALA D 102 25.17 -25.90 -9.17
CA ALA D 102 25.96 -24.73 -9.51
C ALA D 102 25.22 -23.77 -10.42
N VAL D 103 24.60 -24.31 -11.46
CA VAL D 103 23.84 -23.51 -12.41
C VAL D 103 22.64 -22.85 -11.73
N GLU D 104 21.98 -23.59 -10.85
CA GLU D 104 20.83 -23.03 -10.14
C GLU D 104 21.23 -21.86 -9.24
N MET D 105 22.41 -21.96 -8.61
CA MET D 105 22.89 -20.90 -7.75
C MET D 105 22.99 -19.60 -8.57
N ALA D 106 23.67 -19.69 -9.71
CA ALA D 106 23.85 -18.55 -10.60
C ALA D 106 22.53 -18.05 -11.17
N LEU D 107 21.54 -18.93 -11.29
CA LEU D 107 20.22 -18.54 -11.81
C LEU D 107 19.42 -17.82 -10.73
N TYR D 108 19.41 -18.37 -9.51
CA TYR D 108 18.68 -17.72 -8.43
C TYR D 108 19.34 -16.39 -8.10
N ASP D 109 20.66 -16.31 -8.30
CA ASP D 109 21.39 -15.09 -8.03
C ASP D 109 20.86 -14.01 -8.98
N GLY D 110 20.76 -14.36 -10.26
CA GLY D 110 20.24 -13.42 -11.24
C GLY D 110 18.76 -13.12 -11.08
N TRP D 111 17.99 -14.14 -10.70
CA TRP D 111 16.55 -14.00 -10.50
C TRP D 111 16.27 -13.00 -9.39
N ALA D 112 17.05 -13.08 -8.32
CA ALA D 112 16.89 -12.18 -7.18
C ALA D 112 17.38 -10.77 -7.54
N GLN D 113 18.47 -10.70 -8.31
CA GLN D 113 18.99 -9.40 -8.72
C GLN D 113 17.92 -8.72 -9.58
N MET D 114 17.28 -9.48 -10.45
CA MET D 114 16.23 -8.96 -11.32
C MET D 114 15.11 -8.33 -10.50
N CYS D 115 14.76 -8.96 -9.39
CA CYS D 115 13.71 -8.45 -8.52
C CYS D 115 14.23 -7.39 -7.55
N GLY D 116 15.53 -7.15 -7.60
CA GLY D 116 16.15 -6.15 -6.73
C GLY D 116 16.09 -6.46 -5.24
N LEU D 117 16.39 -7.69 -4.87
CA LEU D 117 16.34 -8.10 -3.47
C LEU D 117 17.38 -9.14 -3.11
N PRO D 118 17.80 -9.16 -1.83
CA PRO D 118 18.78 -10.17 -1.43
C PRO D 118 18.06 -11.51 -1.61
N LEU D 119 18.77 -12.51 -2.13
CA LEU D 119 18.15 -13.81 -2.38
C LEU D 119 17.38 -14.38 -1.19
N TYR D 120 17.95 -14.28 0.01
CA TYR D 120 17.26 -14.84 1.18
C TYR D 120 15.90 -14.18 1.41
N GLN D 121 15.76 -12.91 1.07
CA GLN D 121 14.48 -12.23 1.24
C GLN D 121 13.52 -12.64 0.14
N MET D 122 14.06 -12.88 -1.05
CA MET D 122 13.24 -13.29 -2.19
C MET D 122 12.68 -14.70 -1.93
N LEU D 123 13.37 -15.47 -1.09
CA LEU D 123 12.96 -16.82 -0.77
C LEU D 123 12.12 -16.94 0.50
N GLY D 124 11.89 -15.82 1.18
CA GLY D 124 11.11 -15.85 2.40
C GLY D 124 11.60 -14.88 3.48
N GLY D 125 12.89 -14.58 3.46
CA GLY D 125 13.48 -13.67 4.44
C GLY D 125 13.14 -13.87 5.92
N TYR D 126 13.08 -15.11 6.38
CA TYR D 126 12.73 -15.35 7.78
C TYR D 126 13.71 -14.78 8.80
N ARG D 127 15.01 -14.92 8.56
CA ARG D 127 16.03 -14.42 9.49
C ARG D 127 17.18 -13.84 8.70
N ASP D 128 17.93 -12.90 9.30
CA ASP D 128 19.05 -12.30 8.60
C ASP D 128 20.42 -12.60 9.22
N THR D 129 20.42 -13.46 10.23
CA THR D 129 21.64 -13.92 10.89
C THR D 129 21.35 -15.34 11.34
N LEU D 130 22.38 -16.17 11.45
CA LEU D 130 22.18 -17.55 11.90
C LEU D 130 23.46 -18.10 12.51
N GLU D 131 23.29 -19.06 13.41
CA GLU D 131 24.45 -19.66 14.08
C GLU D 131 24.91 -20.95 13.40
N THR D 132 26.18 -21.01 13.05
CA THR D 132 26.75 -22.18 12.43
C THR D 132 27.51 -22.98 13.47
N ASP D 133 27.52 -24.29 13.33
CA ASP D 133 28.26 -25.15 14.23
C ASP D 133 29.68 -25.13 13.69
N TYR D 134 30.59 -25.81 14.37
CA TYR D 134 31.98 -25.87 13.92
C TYR D 134 32.49 -27.29 14.14
N THR D 135 33.28 -27.78 13.20
CA THR D 135 33.81 -29.14 13.26
C THR D 135 35.05 -29.32 14.12
N VAL D 136 35.01 -30.32 15.01
CA VAL D 136 36.15 -30.65 15.84
C VAL D 136 36.78 -31.84 15.13
N SER D 137 37.99 -31.66 14.62
CA SER D 137 38.69 -32.72 13.90
C SER D 137 38.90 -33.96 14.77
N VAL D 138 38.87 -35.12 14.14
CA VAL D 138 39.06 -36.38 14.85
C VAL D 138 40.55 -36.55 15.17
N ASN D 139 40.82 -36.77 16.46
CA ASN D 139 42.17 -36.96 16.97
C ASN D 139 42.04 -37.65 18.32
N SER D 140 43.10 -37.58 19.14
CA SER D 140 43.05 -38.19 20.46
C SER D 140 42.01 -37.43 21.27
N PRO D 141 41.36 -38.11 22.23
CA PRO D 141 40.35 -37.45 23.05
C PRO D 141 40.85 -36.13 23.63
N GLU D 142 42.09 -36.12 24.11
CA GLU D 142 42.69 -34.93 24.71
C GLU D 142 42.86 -33.76 23.73
N GLU D 143 43.20 -34.06 22.48
CA GLU D 143 43.39 -33.01 21.49
C GLU D 143 42.03 -32.43 21.08
N MET D 144 41.05 -33.32 20.90
CA MET D 144 39.71 -32.90 20.52
C MET D 144 39.14 -32.04 21.65
N ALA D 145 39.41 -32.46 22.89
CA ALA D 145 38.93 -31.72 24.05
C ALA D 145 39.54 -30.32 24.06
N ALA D 146 40.82 -30.23 23.73
CA ALA D 146 41.49 -28.94 23.69
C ALA D 146 40.86 -28.06 22.61
N ASP D 147 40.62 -28.65 21.43
CA ASP D 147 40.01 -27.90 20.34
C ASP D 147 38.60 -27.43 20.70
N ALA D 148 37.81 -28.31 21.31
CA ALA D 148 36.45 -27.96 21.70
C ALA D 148 36.46 -26.73 22.60
N GLU D 149 37.30 -26.74 23.62
CA GLU D 149 37.41 -25.62 24.56
C GLU D 149 37.78 -24.35 23.78
N ASN D 150 38.71 -24.50 22.84
CA ASN D 150 39.18 -23.39 22.04
C ASN D 150 38.07 -22.77 21.20
N TYR D 151 37.45 -23.58 20.34
CA TYR D 151 36.36 -23.10 19.47
C TYR D 151 35.29 -22.40 20.29
N LEU D 152 35.05 -22.92 21.49
CA LEU D 152 34.07 -22.35 22.39
C LEU D 152 34.42 -20.92 22.79
N LYS D 153 35.70 -20.69 23.10
CA LYS D 153 36.13 -19.36 23.51
C LYS D 153 35.99 -18.40 22.33
N GLN D 154 35.90 -18.95 21.13
CA GLN D 154 35.76 -18.14 19.93
C GLN D 154 34.30 -17.85 19.59
N GLY D 155 33.38 -18.41 20.37
CA GLY D 155 31.97 -18.15 20.14
C GLY D 155 31.16 -19.29 19.55
N PHE D 156 31.80 -20.42 19.29
CA PHE D 156 31.10 -21.57 18.71
C PHE D 156 30.56 -22.48 19.80
N GLN D 157 29.29 -22.28 20.13
CA GLN D 157 28.64 -23.06 21.18
C GLN D 157 28.13 -24.40 20.68
N THR D 158 28.11 -24.60 19.35
CA THR D 158 27.65 -25.86 18.79
C THR D 158 28.76 -26.52 18.00
N LEU D 159 29.17 -27.71 18.43
CA LEU D 159 30.25 -28.42 17.76
C LEU D 159 29.77 -29.68 17.07
N LYS D 160 30.41 -30.03 15.95
CA LYS D 160 30.03 -31.22 15.22
C LYS D 160 31.17 -32.23 15.30
N ILE D 161 30.82 -33.49 15.52
CA ILE D 161 31.82 -34.54 15.62
C ILE D 161 31.49 -35.76 14.76
N LYS D 162 32.47 -36.22 13.99
CA LYS D 162 32.30 -37.38 13.14
C LYS D 162 32.58 -38.65 13.95
N VAL D 163 31.65 -39.60 13.90
CA VAL D 163 31.80 -40.87 14.61
C VAL D 163 31.37 -42.03 13.71
N GLY D 164 31.47 -43.26 14.23
CA GLY D 164 31.07 -44.42 13.45
C GLY D 164 32.19 -45.06 12.64
N LYS D 165 33.35 -44.42 12.62
CA LYS D 165 34.50 -44.96 11.90
C LYS D 165 35.25 -45.92 12.80
N ASP D 166 35.62 -45.43 13.98
CA ASP D 166 36.34 -46.24 14.96
C ASP D 166 35.40 -47.06 15.85
N ASP D 167 35.97 -47.74 16.83
CA ASP D 167 35.20 -48.54 17.77
C ASP D 167 34.31 -47.62 18.60
N ILE D 168 33.14 -48.12 18.98
CA ILE D 168 32.19 -47.33 19.77
C ILE D 168 32.82 -46.77 21.04
N ALA D 169 33.63 -47.57 21.72
CA ALA D 169 34.27 -47.13 22.96
C ALA D 169 35.17 -45.91 22.71
N THR D 170 35.75 -45.84 21.52
CA THR D 170 36.63 -44.73 21.18
C THR D 170 35.84 -43.43 20.96
N ASP D 171 34.72 -43.52 20.25
CA ASP D 171 33.89 -42.34 20.01
C ASP D 171 33.49 -41.74 21.35
N ILE D 172 33.00 -42.60 22.23
CA ILE D 172 32.56 -42.19 23.55
C ILE D 172 33.67 -41.55 24.37
N ALA D 173 34.87 -42.13 24.31
CA ALA D 173 36.01 -41.61 25.04
C ALA D 173 36.35 -40.20 24.56
N ARG D 174 36.20 -39.99 23.25
CA ARG D 174 36.47 -38.68 22.65
C ARG D 174 35.44 -37.67 23.14
N ILE D 175 34.17 -38.02 23.01
CA ILE D 175 33.07 -37.15 23.43
C ILE D 175 33.11 -36.90 24.94
N GLN D 176 33.46 -37.93 25.70
CA GLN D 176 33.54 -37.80 27.15
C GLN D 176 34.59 -36.78 27.56
N GLU D 177 35.74 -36.81 26.89
CA GLU D 177 36.82 -35.89 27.19
C GLU D 177 36.41 -34.47 26.83
N ILE D 178 35.61 -34.34 25.77
CA ILE D 178 35.13 -33.03 25.34
C ILE D 178 34.13 -32.49 26.35
N ARG D 179 33.29 -33.36 26.89
CA ARG D 179 32.31 -32.94 27.89
C ARG D 179 33.02 -32.52 29.17
N LYS D 180 34.15 -33.18 29.46
CA LYS D 180 34.92 -32.87 30.66
C LYS D 180 35.51 -31.46 30.62
N ARG D 181 35.90 -31.02 29.44
CA ARG D 181 36.49 -29.68 29.28
C ARG D 181 35.45 -28.57 29.32
N VAL D 182 34.42 -28.67 28.48
CA VAL D 182 33.39 -27.64 28.39
C VAL D 182 32.07 -27.92 29.08
N GLY D 183 31.83 -29.16 29.51
CA GLY D 183 30.59 -29.46 30.19
C GLY D 183 29.36 -29.25 29.32
N SER D 184 28.34 -28.58 29.86
CA SER D 184 27.11 -28.32 29.12
C SER D 184 27.12 -26.95 28.45
N ALA D 185 28.30 -26.36 28.32
CA ALA D 185 28.43 -25.05 27.69
C ALA D 185 28.26 -25.15 26.17
N VAL D 186 28.23 -26.38 25.65
CA VAL D 186 28.08 -26.56 24.22
C VAL D 186 27.12 -27.68 23.85
N LYS D 187 26.60 -27.60 22.63
CA LYS D 187 25.71 -28.62 22.09
C LYS D 187 26.61 -29.45 21.19
N LEU D 188 26.39 -30.76 21.15
CA LEU D 188 27.21 -31.60 20.30
C LEU D 188 26.39 -32.35 19.26
N ARG D 189 26.69 -32.10 17.99
CA ARG D 189 26.02 -32.76 16.86
C ARG D 189 26.97 -33.85 16.38
N LEU D 190 26.44 -35.05 16.18
CA LEU D 190 27.27 -36.16 15.72
C LEU D 190 26.84 -36.57 14.31
N ASP D 191 27.81 -37.01 13.53
CA ASP D 191 27.52 -37.49 12.18
C ASP D 191 28.20 -38.85 12.07
N ALA D 192 27.41 -39.91 12.01
CA ALA D 192 27.95 -41.27 11.93
C ALA D 192 28.27 -41.67 10.50
N ASN D 193 27.87 -40.85 9.53
CA ASN D 193 28.14 -41.13 8.12
C ASN D 193 27.94 -42.60 7.70
N GLN D 194 26.77 -43.15 8.02
CA GLN D 194 26.42 -44.52 7.66
C GLN D 194 27.36 -45.58 8.24
N GLY D 195 28.14 -45.23 9.25
CA GLY D 195 29.10 -46.17 9.82
C GLY D 195 28.63 -47.34 10.68
N TRP D 196 27.35 -47.41 11.01
CA TRP D 196 26.86 -48.50 11.86
C TRP D 196 25.71 -49.31 11.27
N ARG D 197 25.56 -50.54 11.77
CA ARG D 197 24.44 -51.39 11.36
C ARG D 197 23.31 -50.89 12.28
N PRO D 198 22.04 -51.08 11.90
CA PRO D 198 20.95 -50.61 12.75
C PRO D 198 21.08 -50.98 14.23
N LYS D 199 21.17 -52.28 14.51
CA LYS D 199 21.30 -52.73 15.89
C LYS D 199 22.51 -52.11 16.59
N GLU D 200 23.63 -52.03 15.87
CA GLU D 200 24.85 -51.45 16.43
C GLU D 200 24.68 -49.96 16.75
N ALA D 201 23.94 -49.25 15.90
CA ALA D 201 23.71 -47.81 16.11
C ALA D 201 22.81 -47.62 17.34
N VAL D 202 21.76 -48.41 17.44
CA VAL D 202 20.85 -48.32 18.57
C VAL D 202 21.66 -48.46 19.84
N THR D 203 22.48 -49.50 19.89
CA THR D 203 23.34 -49.77 21.03
C THR D 203 24.28 -48.60 21.33
N ALA D 204 24.96 -48.10 20.29
CA ALA D 204 25.92 -46.99 20.45
C ALA D 204 25.29 -45.71 20.98
N ILE D 205 24.09 -45.41 20.51
CA ILE D 205 23.41 -44.20 20.93
C ILE D 205 22.87 -44.31 22.35
N ARG D 206 22.39 -45.50 22.73
CA ARG D 206 21.89 -45.67 24.08
C ARG D 206 23.03 -45.59 25.09
N LYS D 207 24.22 -46.05 24.68
CA LYS D 207 25.38 -46.01 25.55
C LYS D 207 25.80 -44.56 25.77
N MET D 208 25.59 -43.73 24.76
CA MET D 208 25.93 -42.32 24.87
C MET D 208 24.96 -41.61 25.82
N GLU D 209 23.71 -42.07 25.82
CA GLU D 209 22.72 -41.49 26.72
C GLU D 209 23.08 -41.91 28.14
N ASP D 210 23.31 -43.20 28.34
CA ASP D 210 23.67 -43.72 29.65
C ASP D 210 24.85 -42.96 30.23
N ALA D 211 25.77 -42.56 29.35
CA ALA D 211 26.95 -41.83 29.78
C ALA D 211 26.63 -40.35 29.97
N GLY D 212 25.36 -39.99 29.84
CA GLY D 212 24.95 -38.61 30.01
C GLY D 212 25.71 -37.64 29.13
N LEU D 213 26.04 -38.08 27.92
CA LEU D 213 26.79 -37.24 26.99
C LEU D 213 25.95 -36.09 26.40
N GLY D 214 24.64 -36.20 26.52
CA GLY D 214 23.74 -35.16 26.01
C GLY D 214 23.91 -34.83 24.53
N ILE D 215 23.79 -35.85 23.68
CA ILE D 215 23.92 -35.66 22.25
C ILE D 215 22.72 -34.92 21.67
N GLU D 216 22.98 -33.87 20.89
CA GLU D 216 21.90 -33.08 20.30
C GLU D 216 21.19 -33.90 19.23
N LEU D 217 21.98 -34.52 18.35
CA LEU D 217 21.41 -35.32 17.26
C LEU D 217 22.48 -36.18 16.60
N VAL D 218 22.05 -37.22 15.92
CA VAL D 218 22.96 -38.10 15.21
C VAL D 218 22.55 -38.15 13.74
N GLU D 219 23.44 -37.76 12.84
CA GLU D 219 23.11 -37.80 11.42
C GLU D 219 23.42 -39.18 10.86
N GLN D 220 22.60 -39.58 9.90
CA GLN D 220 22.72 -40.84 9.16
C GLN D 220 23.52 -41.94 9.85
N PRO D 221 22.95 -42.58 10.88
CA PRO D 221 23.66 -43.65 11.58
C PRO D 221 23.88 -44.90 10.72
N VAL D 222 22.91 -45.22 9.87
CA VAL D 222 23.00 -46.40 9.02
C VAL D 222 23.21 -46.10 7.55
N HIS D 223 23.36 -47.16 6.76
CA HIS D 223 23.56 -47.05 5.32
C HIS D 223 22.42 -46.24 4.72
N LYS D 224 22.75 -45.37 3.77
CA LYS D 224 21.77 -44.49 3.12
C LYS D 224 20.57 -45.17 2.47
N ASP D 225 20.74 -46.41 2.00
CA ASP D 225 19.64 -47.12 1.36
C ASP D 225 18.82 -47.91 2.36
N ASP D 226 19.30 -47.98 3.59
CA ASP D 226 18.60 -48.73 4.62
C ASP D 226 17.59 -47.88 5.38
N LEU D 227 16.45 -47.61 4.76
CA LEU D 227 15.40 -46.80 5.39
C LEU D 227 14.79 -47.51 6.60
N ALA D 228 14.49 -48.79 6.44
CA ALA D 228 13.92 -49.58 7.53
C ALA D 228 14.86 -49.53 8.73
N GLY D 229 16.17 -49.65 8.46
CA GLY D 229 17.15 -49.61 9.52
C GLY D 229 17.22 -48.23 10.15
N LEU D 230 17.20 -47.20 9.32
CA LEU D 230 17.24 -45.82 9.80
C LEU D 230 16.06 -45.62 10.75
N LYS D 231 14.89 -46.10 10.34
CA LYS D 231 13.70 -45.96 11.17
C LYS D 231 13.82 -46.70 12.49
N LYS D 232 14.41 -47.89 12.48
CA LYS D 232 14.59 -48.66 13.70
C LYS D 232 15.38 -47.83 14.71
N VAL D 233 16.45 -47.19 14.25
CA VAL D 233 17.27 -46.38 15.14
C VAL D 233 16.45 -45.21 15.66
N THR D 234 15.67 -44.59 14.79
CA THR D 234 14.83 -43.45 15.17
C THR D 234 13.86 -43.80 16.29
N ASP D 235 13.19 -44.95 16.16
CA ASP D 235 12.21 -45.41 17.13
C ASP D 235 12.75 -46.06 18.42
N ALA D 236 14.03 -46.37 18.46
CA ALA D 236 14.62 -47.03 19.62
C ALA D 236 15.42 -46.08 20.51
N THR D 237 15.58 -44.84 20.06
CA THR D 237 16.36 -43.85 20.80
C THR D 237 15.57 -42.57 21.10
N ASP D 238 15.97 -41.87 22.14
CA ASP D 238 15.32 -40.62 22.52
C ASP D 238 16.07 -39.51 21.81
N THR D 239 17.25 -39.85 21.34
CA THR D 239 18.10 -38.92 20.61
C THR D 239 17.54 -38.71 19.20
N PRO D 240 17.37 -37.46 18.78
CA PRO D 240 16.84 -37.22 17.44
C PRO D 240 17.78 -37.72 16.35
N ILE D 241 17.22 -38.37 15.35
CA ILE D 241 17.99 -38.91 14.25
C ILE D 241 17.77 -38.07 12.99
N MET D 242 18.86 -37.64 12.37
CA MET D 242 18.77 -36.82 11.17
C MET D 242 19.19 -37.57 9.92
N ALA D 243 18.34 -37.54 8.90
CA ALA D 243 18.66 -38.19 7.64
C ALA D 243 19.52 -37.24 6.82
N ASP D 244 20.58 -37.76 6.23
CA ASP D 244 21.43 -36.94 5.38
C ASP D 244 21.56 -37.63 4.01
N GLU D 245 22.47 -38.58 3.89
CA GLU D 245 22.65 -39.26 2.61
C GLU D 245 21.40 -40.02 2.13
N SER D 246 20.47 -40.30 3.05
CA SER D 246 19.22 -40.98 2.70
C SER D 246 18.29 -40.02 1.97
N VAL D 247 18.55 -38.72 2.06
CA VAL D 247 17.71 -37.75 1.37
C VAL D 247 18.50 -36.76 0.52
N PHE D 248 18.35 -36.92 -0.80
CA PHE D 248 19.00 -36.04 -1.77
C PHE D 248 17.92 -35.19 -2.41
N THR D 249 16.89 -35.87 -2.90
CA THR D 249 15.77 -35.26 -3.62
C THR D 249 14.44 -35.15 -2.88
N PRO D 250 13.52 -34.34 -3.40
CA PRO D 250 12.23 -34.23 -2.72
C PRO D 250 11.46 -35.55 -2.66
N ARG D 251 11.65 -36.40 -3.66
CA ARG D 251 10.96 -37.68 -3.67
C ARG D 251 11.49 -38.57 -2.55
N GLN D 252 12.79 -38.56 -2.33
CA GLN D 252 13.37 -39.35 -1.26
C GLN D 252 12.96 -38.74 0.09
N ALA D 253 12.75 -37.43 0.12
CA ALA D 253 12.34 -36.76 1.35
C ALA D 253 10.95 -37.27 1.67
N PHE D 254 10.13 -37.36 0.63
CA PHE D 254 8.76 -37.84 0.78
C PHE D 254 8.71 -39.24 1.37
N GLU D 255 9.60 -40.12 0.89
CA GLU D 255 9.64 -41.50 1.36
C GLU D 255 10.07 -41.59 2.83
N VAL D 256 11.10 -40.83 3.19
CA VAL D 256 11.59 -40.79 4.57
C VAL D 256 10.52 -40.24 5.51
N LEU D 257 9.85 -39.18 5.08
CA LEU D 257 8.80 -38.55 5.88
C LEU D 257 7.56 -39.44 5.96
N GLN D 258 7.18 -40.04 4.84
CA GLN D 258 6.02 -40.92 4.75
C GLN D 258 6.12 -42.08 5.73
N THR D 259 7.31 -42.67 5.82
CA THR D 259 7.54 -43.81 6.72
C THR D 259 7.98 -43.39 8.12
N ARG D 260 8.21 -42.10 8.33
CA ARG D 260 8.65 -41.60 9.65
C ARG D 260 9.96 -42.27 10.03
N SER D 261 10.89 -42.33 9.09
CA SER D 261 12.18 -42.98 9.33
C SER D 261 13.22 -42.11 10.02
N ALA D 262 12.98 -40.80 10.08
CA ALA D 262 13.94 -39.89 10.72
C ALA D 262 13.22 -38.74 11.41
N ASP D 263 13.90 -38.12 12.37
CA ASP D 263 13.30 -37.00 13.10
C ASP D 263 13.59 -35.69 12.40
N LEU D 264 14.73 -35.63 11.71
CA LEU D 264 15.15 -34.41 11.03
C LEU D 264 15.76 -34.73 9.67
N ILE D 265 15.93 -33.69 8.86
CA ILE D 265 16.51 -33.85 7.54
C ILE D 265 17.60 -32.82 7.27
N ASN D 266 18.74 -33.27 6.78
CA ASN D 266 19.84 -32.39 6.45
C ASN D 266 19.80 -32.13 4.94
N ILE D 267 19.71 -30.85 4.58
CA ILE D 267 19.66 -30.47 3.18
C ILE D 267 20.96 -29.86 2.68
N LYS D 268 21.35 -30.22 1.46
CA LYS D 268 22.56 -29.68 0.86
C LYS D 268 22.24 -29.42 -0.60
N LEU D 269 22.61 -28.24 -1.10
CA LEU D 269 22.35 -27.87 -2.49
C LEU D 269 22.92 -28.86 -3.51
N MET D 270 24.12 -29.37 -3.25
CA MET D 270 24.76 -30.32 -4.17
C MET D 270 23.96 -31.62 -4.30
N LYS D 271 23.31 -32.04 -3.21
CA LYS D 271 22.52 -33.27 -3.24
C LYS D 271 21.20 -33.05 -3.95
N ALA D 272 20.55 -31.92 -3.67
CA ALA D 272 19.26 -31.60 -4.26
C ALA D 272 19.31 -31.03 -5.68
N GLY D 273 20.52 -30.79 -6.19
CA GLY D 273 20.65 -30.23 -7.51
C GLY D 273 20.30 -28.75 -7.52
N GLY D 274 20.38 -28.12 -6.36
CA GLY D 274 20.07 -26.70 -6.30
C GLY D 274 19.08 -26.28 -5.23
N ILE D 275 18.60 -25.04 -5.38
CA ILE D 275 17.66 -24.45 -4.45
C ILE D 275 16.20 -24.89 -4.67
N SER D 276 15.80 -25.12 -5.92
CA SER D 276 14.42 -25.55 -6.16
C SER D 276 14.10 -26.83 -5.40
N GLY D 277 14.98 -27.83 -5.50
CA GLY D 277 14.74 -29.08 -4.79
C GLY D 277 14.84 -28.92 -3.27
N ALA D 278 15.81 -28.14 -2.82
CA ALA D 278 15.99 -27.90 -1.39
C ALA D 278 14.71 -27.32 -0.81
N GLU D 279 14.13 -26.36 -1.52
CA GLU D 279 12.91 -25.69 -1.10
C GLU D 279 11.74 -26.68 -1.00
N LYS D 280 11.69 -27.65 -1.91
CA LYS D 280 10.65 -28.67 -1.91
C LYS D 280 10.81 -29.61 -0.70
N ILE D 281 12.05 -30.00 -0.41
CA ILE D 281 12.30 -30.90 0.70
C ILE D 281 11.82 -30.25 1.99
N ASN D 282 12.26 -29.02 2.24
CA ASN D 282 11.87 -28.29 3.43
C ASN D 282 10.38 -28.08 3.56
N ALA D 283 9.72 -27.68 2.47
CA ALA D 283 8.28 -27.46 2.51
C ALA D 283 7.57 -28.75 2.86
N MET D 284 8.08 -29.84 2.30
CA MET D 284 7.55 -31.19 2.54
C MET D 284 7.73 -31.54 4.02
N ALA D 285 8.94 -31.34 4.52
CA ALA D 285 9.25 -31.65 5.92
C ALA D 285 8.41 -30.82 6.89
N GLU D 286 8.30 -29.52 6.62
CA GLU D 286 7.55 -28.62 7.47
C GLU D 286 6.09 -29.08 7.59
N ALA D 287 5.54 -29.58 6.49
CA ALA D 287 4.17 -30.05 6.49
C ALA D 287 4.02 -31.28 7.39
N CYS D 288 5.12 -31.97 7.63
CA CYS D 288 5.09 -33.16 8.46
C CYS D 288 5.61 -32.89 9.87
N GLY D 289 5.93 -31.64 10.16
CA GLY D 289 6.42 -31.28 11.48
C GLY D 289 7.87 -31.68 11.68
N VAL D 290 8.58 -31.80 10.57
CA VAL D 290 9.97 -32.20 10.58
C VAL D 290 10.87 -31.02 10.24
N GLU D 291 11.68 -30.60 11.20
CA GLU D 291 12.58 -29.49 10.97
C GLU D 291 13.78 -29.92 10.14
N CYS D 292 14.43 -28.95 9.50
CA CYS D 292 15.57 -29.23 8.67
C CYS D 292 16.79 -28.43 9.07
N MET D 293 17.92 -28.89 8.57
CA MET D 293 19.21 -28.26 8.77
C MET D 293 19.78 -28.13 7.36
N VAL D 294 20.69 -27.19 7.17
CA VAL D 294 21.31 -27.03 5.86
C VAL D 294 22.81 -27.05 6.07
N GLY D 295 23.49 -27.92 5.34
CA GLY D 295 24.93 -28.02 5.45
C GLY D 295 25.52 -27.82 4.06
N SER D 296 26.65 -28.47 3.79
CA SER D 296 27.30 -28.35 2.49
C SER D 296 28.45 -29.32 2.35
N MET D 297 29.10 -29.27 1.20
CA MET D 297 30.27 -30.09 0.93
C MET D 297 31.45 -29.14 1.16
N ILE D 298 32.65 -29.55 0.77
CA ILE D 298 33.83 -28.70 0.94
C ILE D 298 33.67 -27.58 -0.09
N GLU D 299 33.25 -26.40 0.34
CA GLU D 299 33.04 -25.29 -0.58
C GLU D 299 33.59 -23.96 -0.05
N THR D 300 33.80 -23.00 -0.95
CA THR D 300 34.28 -21.68 -0.56
C THR D 300 33.07 -20.89 -0.09
N LYS D 301 33.27 -19.61 0.20
CA LYS D 301 32.21 -18.73 0.66
C LYS D 301 31.07 -18.58 -0.35
N LEU D 302 31.37 -18.75 -1.64
CA LEU D 302 30.33 -18.63 -2.66
C LEU D 302 29.22 -19.68 -2.49
N GLY D 303 29.60 -20.95 -2.51
CA GLY D 303 28.62 -22.02 -2.35
C GLY D 303 27.90 -21.90 -1.03
N ILE D 304 28.64 -21.58 0.03
CA ILE D 304 28.06 -21.42 1.35
C ILE D 304 27.11 -20.22 1.39
N THR D 305 27.44 -19.17 0.64
CA THR D 305 26.58 -17.99 0.60
C THR D 305 25.22 -18.36 0.03
N ALA D 306 25.23 -19.13 -1.06
CA ALA D 306 23.99 -19.56 -1.69
C ALA D 306 23.19 -20.42 -0.73
N ALA D 307 23.86 -21.35 -0.07
CA ALA D 307 23.17 -22.25 0.87
C ALA D 307 22.62 -21.46 2.07
N ALA D 308 23.39 -20.49 2.56
CA ALA D 308 23.00 -19.67 3.71
C ALA D 308 21.78 -18.82 3.37
N HIS D 309 21.76 -18.26 2.16
CA HIS D 309 20.62 -17.46 1.74
C HIS D 309 19.38 -18.35 1.77
N PHE D 310 19.51 -19.59 1.30
CA PHE D 310 18.37 -20.51 1.31
C PHE D 310 17.98 -20.84 2.76
N ALA D 311 18.98 -21.19 3.59
CA ALA D 311 18.71 -21.53 4.99
C ALA D 311 18.09 -20.39 5.79
N ALA D 312 18.61 -19.18 5.62
CA ALA D 312 18.11 -18.02 6.35
C ALA D 312 16.66 -17.67 5.99
N SER D 313 16.25 -18.00 4.77
CA SER D 313 14.91 -17.66 4.30
C SER D 313 13.75 -18.49 4.84
N LYS D 314 14.03 -19.69 5.33
CA LYS D 314 12.93 -20.54 5.80
C LYS D 314 12.80 -20.71 7.31
N ARG D 315 11.56 -20.59 7.77
CA ARG D 315 11.21 -20.75 9.17
C ARG D 315 11.50 -22.18 9.66
N ASN D 316 11.19 -23.18 8.82
CA ASN D 316 11.40 -24.58 9.19
C ASN D 316 12.86 -25.04 9.25
N ILE D 317 13.78 -24.22 8.72
CA ILE D 317 15.19 -24.57 8.75
C ILE D 317 15.76 -23.92 10.00
N THR D 318 15.99 -24.74 11.02
CA THR D 318 16.45 -24.29 12.33
C THR D 318 17.87 -24.60 12.76
N ARG D 319 18.64 -25.29 11.92
CA ARG D 319 20.03 -25.61 12.28
C ARG D 319 20.92 -25.38 11.06
N PHE D 320 22.16 -24.96 11.30
CA PHE D 320 23.08 -24.65 10.22
C PHE D 320 24.50 -25.18 10.42
N ASP D 321 25.04 -25.76 9.35
CA ASP D 321 26.36 -26.36 9.35
C ASP D 321 27.18 -25.72 8.22
N PHE D 322 27.67 -24.50 8.46
CA PHE D 322 28.42 -23.76 7.45
C PHE D 322 29.82 -23.36 7.86
N ASP D 323 30.64 -24.31 8.28
CA ASP D 323 32.01 -23.99 8.69
C ASP D 323 33.02 -24.26 7.59
N ALA D 324 32.57 -24.77 6.45
CA ALA D 324 33.49 -25.07 5.34
C ALA D 324 34.44 -23.93 4.99
N PRO D 325 33.92 -22.73 4.73
CA PRO D 325 34.79 -21.61 4.37
C PRO D 325 35.89 -21.35 5.41
N LEU D 326 35.59 -21.67 6.67
CA LEU D 326 36.54 -21.45 7.75
C LEU D 326 37.67 -22.46 7.75
N MET D 327 37.61 -23.43 6.83
CA MET D 327 38.63 -24.48 6.74
C MET D 327 39.62 -24.21 5.61
N LEU D 328 39.48 -23.05 4.97
CA LEU D 328 40.37 -22.67 3.88
C LEU D 328 41.38 -21.64 4.36
N LYS D 329 42.57 -21.66 3.79
CA LYS D 329 43.61 -20.71 4.19
C LYS D 329 43.32 -19.33 3.61
N THR D 330 42.51 -19.29 2.56
CA THR D 330 42.19 -18.04 1.89
C THR D 330 40.73 -17.96 1.50
N ASP D 331 40.23 -16.73 1.39
CA ASP D 331 38.87 -16.48 0.96
C ASP D 331 39.01 -15.81 -0.40
N VAL D 332 38.85 -16.59 -1.46
CA VAL D 332 39.01 -16.06 -2.81
C VAL D 332 37.84 -15.27 -3.37
N PHE D 333 36.80 -15.05 -2.56
CA PHE D 333 35.65 -14.28 -3.03
C PHE D 333 35.40 -12.99 -2.24
N ASN D 334 34.99 -11.97 -2.96
CA ASN D 334 34.68 -10.68 -2.36
C ASN D 334 33.16 -10.56 -2.31
N GLY D 335 32.63 -10.34 -1.11
CA GLY D 335 31.18 -10.21 -0.95
C GLY D 335 30.55 -11.37 -0.21
N GLY D 336 29.28 -11.64 -0.49
CA GLY D 336 28.59 -12.74 0.15
C GLY D 336 28.43 -12.55 1.66
N ILE D 337 28.10 -13.63 2.36
CA ILE D 337 27.90 -13.56 3.81
C ILE D 337 29.21 -13.24 4.51
N THR D 338 29.12 -12.88 5.79
CA THR D 338 30.29 -12.56 6.59
C THR D 338 30.16 -13.22 7.96
N TYR D 339 31.31 -13.61 8.53
CA TYR D 339 31.35 -14.26 9.83
C TYR D 339 31.81 -13.33 10.95
N SER D 340 31.32 -13.63 12.15
CA SER D 340 31.66 -12.89 13.35
C SER D 340 31.48 -13.98 14.39
N GLY D 341 32.55 -14.71 14.69
CA GLY D 341 32.42 -15.79 15.63
C GLY D 341 31.58 -16.85 14.94
N SER D 342 30.61 -17.41 15.67
CA SER D 342 29.73 -18.44 15.11
C SER D 342 28.55 -17.82 14.37
N THR D 343 28.44 -16.49 14.44
CA THR D 343 27.34 -15.78 13.81
C THR D 343 27.60 -15.43 12.35
N ILE D 344 26.69 -15.90 11.49
CA ILE D 344 26.77 -15.61 10.06
C ILE D 344 25.72 -14.55 9.77
N SER D 345 26.10 -13.52 9.03
CA SER D 345 25.17 -12.45 8.70
C SER D 345 24.94 -12.36 7.20
N MET D 346 23.67 -12.15 6.82
CA MET D 346 23.32 -12.04 5.42
C MET D 346 23.67 -10.65 4.87
N PRO D 347 24.20 -10.60 3.64
CA PRO D 347 24.56 -9.33 3.02
C PRO D 347 23.30 -8.55 2.69
N GLY D 348 23.43 -7.28 2.31
CA GLY D 348 22.26 -6.48 1.99
C GLY D 348 21.99 -6.19 0.53
N LYS D 349 22.97 -6.48 -0.34
CA LYS D 349 22.81 -6.24 -1.77
C LYS D 349 21.95 -7.31 -2.43
N PRO D 350 21.40 -7.01 -3.62
CA PRO D 350 20.55 -7.93 -4.38
C PRO D 350 21.25 -9.24 -4.75
N GLY D 351 20.48 -10.32 -4.79
CA GLY D 351 21.04 -11.62 -5.14
C GLY D 351 21.86 -12.26 -4.03
N LEU D 352 22.95 -12.92 -4.42
CA LEU D 352 23.83 -13.58 -3.47
C LEU D 352 24.67 -12.57 -2.72
N GLY D 353 25.02 -11.49 -3.41
CA GLY D 353 25.82 -10.44 -2.80
C GLY D 353 27.31 -10.56 -2.98
N ILE D 354 27.77 -11.39 -3.92
CA ILE D 354 29.21 -11.50 -4.13
C ILE D 354 29.59 -10.65 -5.34
N ILE D 355 30.67 -9.87 -5.19
CA ILE D 355 31.13 -8.99 -6.24
C ILE D 355 32.02 -9.71 -7.25
N GLY D 356 32.87 -10.61 -6.76
CA GLY D 356 33.76 -11.35 -7.64
C GLY D 356 34.93 -11.91 -6.87
N ALA D 357 36.08 -12.06 -7.53
CA ALA D 357 37.27 -12.57 -6.88
C ALA D 357 37.78 -11.58 -5.85
N ALA D 358 38.44 -12.08 -4.80
CA ALA D 358 38.96 -11.22 -3.74
C ALA D 358 40.27 -10.54 -4.16
MG MG E . -4.08 32.76 -19.95
C1 GOL F . 4.18 2.81 -8.17
O1 GOL F . 3.54 2.45 -6.93
C2 GOL F . 4.51 4.32 -8.15
O2 GOL F . 5.36 4.56 -7.01
C3 GOL F . 5.17 4.70 -9.40
O3 GOL F . 5.47 6.15 -9.37
MG MG G . -12.66 34.25 23.32
MG MG H . -15.12 -30.41 -7.10
MG MG I . 26.11 -35.59 7.17
#